data_2Q62
#
_entry.id   2Q62
#
_cell.length_a   158.534
_cell.length_b   158.534
_cell.length_c   87.953
_cell.angle_alpha   90.000
_cell.angle_beta   90.000
_cell.angle_gamma   90.000
#
_symmetry.space_group_name_H-M   'P 42'
#
loop_
_entity.id
_entity.type
_entity.pdbx_description
1 polymer arsH
2 non-polymer 'SULFATE ION'
3 water water
#
_entity_poly.entity_id   1
_entity_poly.type   'polypeptide(L)'
_entity_poly.pdbx_seq_one_letter_code
;MSDDDSSHDLPAANLQQLRLPDSASLRPAFSTHRPRILILYGSLRTVSYSRLLAEEARRLLEFFGAEVKVFDPSGLPLPD
AAPVSHPKVQELRELSIWSEGQVWVSPERHGAMTGIMKAQIDWIPLSTGSIRPTQGKTLAVMQVSGGSQSFNAVNQMRIL
GRWMRMITIPNQSSVAKAFQEFDANGRMKPSSYYDRVVDVMEELVKFTLLTRDCSAYLTDRYSERKESAAELEHRVTLKS
VHHHHHH
;
_entity_poly.pdbx_strand_id   A,B,C,D,E,F,G,H
#
loop_
_chem_comp.id
_chem_comp.type
_chem_comp.name
_chem_comp.formula
SO4 non-polymer 'SULFATE ION' 'O4 S -2'
#
# COMPACT_ATOMS: atom_id res chain seq x y z
N HIS A 8 5.06 27.83 -20.09
CA HIS A 8 6.36 28.33 -20.68
C HIS A 8 7.62 27.55 -20.20
N ASP A 9 7.40 26.35 -19.67
CA ASP A 9 8.45 25.33 -19.35
C ASP A 9 8.10 24.18 -20.34
N LEU A 10 8.31 24.47 -21.64
CA LEU A 10 7.70 23.69 -22.72
C LEU A 10 8.74 23.20 -23.77
N PRO A 11 9.75 22.45 -23.32
CA PRO A 11 10.94 22.09 -24.16
C PRO A 11 10.54 21.26 -25.39
N ALA A 12 9.49 20.32 -25.27
CA ALA A 12 9.08 19.57 -26.46
C ALA A 12 8.44 20.51 -27.55
N ALA A 13 8.20 21.77 -27.17
CA ALA A 13 7.40 22.67 -27.99
C ALA A 13 8.24 23.57 -28.86
N ASN A 14 7.71 23.83 -30.03
CA ASN A 14 8.27 24.77 -30.99
C ASN A 14 7.58 26.10 -30.70
N LEU A 15 8.28 26.93 -29.91
CA LEU A 15 7.68 28.12 -29.29
C LEU A 15 7.18 29.16 -30.29
N GLN A 16 7.56 28.97 -31.62
CA GLN A 16 7.15 29.91 -32.65
C GLN A 16 5.73 29.63 -33.12
N GLN A 17 5.31 28.38 -32.98
CA GLN A 17 4.03 27.91 -33.48
C GLN A 17 2.93 28.05 -32.44
N LEU A 18 3.35 28.21 -31.18
CA LEU A 18 2.46 28.47 -30.04
C LEU A 18 1.91 29.87 -30.13
N ARG A 19 0.59 29.98 -30.10
CA ARG A 19 -0.05 31.26 -29.79
C ARG A 19 -0.86 31.20 -28.50
N LEU A 20 -0.85 32.32 -27.79
CA LEU A 20 -1.77 32.57 -26.71
C LEU A 20 -3.14 32.72 -27.34
N PRO A 21 -4.20 32.22 -26.68
CA PRO A 21 -5.55 32.37 -27.23
C PRO A 21 -5.92 33.86 -27.36
N ASP A 22 -6.67 34.17 -28.42
CA ASP A 22 -7.01 35.53 -28.76
C ASP A 22 -8.53 35.68 -28.66
N SER A 23 -8.96 36.34 -27.59
CA SER A 23 -10.38 36.55 -27.27
C SER A 23 -11.15 37.18 -28.42
N ALA A 24 -10.50 38.06 -29.16
CA ALA A 24 -11.12 38.75 -30.30
C ALA A 24 -11.41 37.80 -31.46
N SER A 25 -10.51 36.84 -31.68
CA SER A 25 -10.70 35.84 -32.74
C SER A 25 -11.86 34.86 -32.48
N LEU A 26 -12.35 34.83 -31.24
CA LEU A 26 -13.51 34.03 -30.87
C LEU A 26 -14.79 34.81 -31.08
N ARG A 27 -14.64 36.12 -31.31
CA ARG A 27 -15.81 37.02 -31.49
C ARG A 27 -15.80 37.83 -32.80
N PRO A 28 -15.84 37.15 -33.96
CA PRO A 28 -16.01 37.93 -35.19
C PRO A 28 -17.45 38.43 -35.36
N ALA A 29 -17.62 39.52 -36.11
CA ALA A 29 -18.97 40.02 -36.43
C ALA A 29 -19.88 38.82 -36.72
N PHE A 30 -21.05 38.78 -36.02
CA PHE A 30 -22.03 37.70 -36.22
C PHE A 30 -22.54 37.67 -37.64
N SER A 31 -22.59 36.46 -38.21
CA SER A 31 -23.28 36.24 -39.49
C SER A 31 -24.78 36.65 -39.37
N THR A 32 -25.39 37.17 -40.46
CA THR A 32 -26.84 37.52 -40.45
C THR A 32 -27.73 36.45 -41.12
N HIS A 33 -26.97 35.70 -42.19
CA HIS A 33 -27.78 34.70 -42.92
C HIS A 33 -28.27 33.59 -41.96
N ARG A 34 -29.33 32.88 -42.33
CA ARG A 34 -29.93 31.84 -41.47
C ARG A 34 -29.06 30.58 -41.40
N PRO A 35 -28.88 30.02 -40.16
CA PRO A 35 -28.05 28.84 -39.91
C PRO A 35 -28.44 27.66 -40.80
N ARG A 36 -27.46 27.16 -41.56
CA ARG A 36 -27.74 26.09 -42.52
C ARG A 36 -27.61 24.71 -41.84
N ILE A 37 -28.73 23.99 -41.65
CA ILE A 37 -28.67 22.64 -40.99
C ILE A 37 -29.05 21.52 -42.00
N LEU A 38 -28.21 20.51 -42.12
CA LEU A 38 -28.50 19.29 -42.87
C LEU A 38 -29.00 18.21 -41.93
N ILE A 39 -30.11 17.57 -42.30
CA ILE A 39 -30.60 16.40 -41.55
C ILE A 39 -30.41 15.12 -42.37
N LEU A 40 -29.83 14.09 -41.75
CA LEU A 40 -29.64 12.75 -42.34
C LEU A 40 -30.39 11.74 -41.48
N TYR A 41 -31.08 10.79 -42.11
CA TYR A 41 -31.79 9.76 -41.31
C TYR A 41 -31.40 8.35 -41.78
N GLY A 42 -31.65 7.35 -40.95
CA GLY A 42 -31.05 6.06 -41.18
C GLY A 42 -32.00 4.96 -41.53
N SER A 43 -33.15 5.29 -42.14
CA SER A 43 -34.10 4.26 -42.51
C SER A 43 -34.74 4.55 -43.86
N LEU A 44 -34.93 3.52 -44.67
CA LEU A 44 -35.71 3.70 -45.93
C LEU A 44 -37.08 2.99 -45.89
N ARG A 45 -37.54 2.61 -44.70
CA ARG A 45 -38.85 1.95 -44.56
C ARG A 45 -39.98 2.87 -44.97
N THR A 46 -41.07 2.29 -45.43
CA THR A 46 -42.25 3.07 -45.78
C THR A 46 -42.71 3.96 -44.62
N VAL A 47 -42.93 3.37 -43.47
CA VAL A 47 -43.27 4.17 -42.31
C VAL A 47 -42.07 4.11 -41.41
N SER A 48 -41.35 5.22 -41.38
CA SER A 48 -40.07 5.26 -40.70
C SER A 48 -40.19 6.32 -39.63
N TYR A 49 -39.93 5.90 -38.40
CA TYR A 49 -40.03 6.84 -37.28
C TYR A 49 -38.80 7.72 -37.20
N SER A 50 -37.66 7.25 -37.70
CA SER A 50 -36.50 8.17 -37.83
C SER A 50 -36.83 9.26 -38.86
N ARG A 51 -37.55 8.94 -39.94
CA ARG A 51 -37.89 9.97 -40.89
C ARG A 51 -38.89 10.96 -40.31
N LEU A 52 -39.87 10.45 -39.55
CA LEU A 52 -40.91 11.30 -38.99
C LEU A 52 -40.29 12.15 -37.88
N LEU A 53 -39.37 11.54 -37.14
CA LEU A 53 -38.57 12.28 -36.13
C LEU A 53 -37.74 13.35 -36.85
N ALA A 54 -37.09 12.98 -37.95
CA ALA A 54 -36.31 13.94 -38.72
C ALA A 54 -37.19 15.12 -39.16
N GLU A 55 -38.41 14.82 -39.53
CA GLU A 55 -39.32 15.90 -39.92
C GLU A 55 -39.74 16.79 -38.76
N GLU A 56 -39.88 16.22 -37.57
CA GLU A 56 -40.17 17.02 -36.36
C GLU A 56 -38.96 17.94 -36.03
N ALA A 57 -37.76 17.41 -36.22
CA ALA A 57 -36.52 18.18 -36.04
C ALA A 57 -36.55 19.39 -36.99
N ARG A 58 -36.85 19.12 -38.27
CA ARG A 58 -36.94 20.18 -39.27
C ARG A 58 -37.88 21.29 -38.84
N ARG A 59 -39.11 20.94 -38.45
CA ARG A 59 -40.11 21.96 -38.07
C ARG A 59 -39.59 22.84 -36.92
N LEU A 60 -39.00 22.19 -35.92
CA LEU A 60 -38.45 22.90 -34.75
C LEU A 60 -37.29 23.85 -35.12
N LEU A 61 -36.37 23.35 -35.93
CA LEU A 61 -35.18 24.10 -36.34
C LEU A 61 -35.61 25.32 -37.18
N GLU A 62 -36.63 25.14 -38.03
CA GLU A 62 -37.16 26.25 -38.86
C GLU A 62 -37.79 27.33 -37.99
N PHE A 63 -38.54 26.91 -36.97
CA PHE A 63 -39.13 27.84 -36.00
C PHE A 63 -38.00 28.62 -35.30
N PHE A 64 -36.92 27.89 -34.98
CA PHE A 64 -35.77 28.48 -34.30
C PHE A 64 -34.89 29.31 -35.24
N GLY A 65 -35.24 29.36 -36.54
CA GLY A 65 -34.59 30.26 -37.50
C GLY A 65 -33.46 29.68 -38.34
N ALA A 66 -33.29 28.37 -38.30
CA ALA A 66 -32.41 27.63 -39.22
C ALA A 66 -32.99 27.46 -40.62
N GLU A 67 -32.10 27.45 -41.62
CA GLU A 67 -32.42 26.94 -42.94
C GLU A 67 -32.08 25.47 -42.96
N VAL A 68 -33.08 24.65 -43.20
CA VAL A 68 -32.91 23.20 -43.04
C VAL A 68 -32.98 22.50 -44.39
N LYS A 69 -32.04 21.57 -44.63
CA LYS A 69 -32.17 20.66 -45.76
C LYS A 69 -32.15 19.24 -45.29
N VAL A 70 -33.02 18.42 -45.86
CA VAL A 70 -33.08 16.99 -45.51
C VAL A 70 -32.61 16.13 -46.69
N PHE A 71 -31.61 15.27 -46.47
CA PHE A 71 -31.15 14.39 -47.54
C PHE A 71 -31.96 13.12 -47.55
N ASP A 72 -32.50 12.78 -48.72
CA ASP A 72 -33.15 11.51 -48.94
C ASP A 72 -32.08 10.50 -49.39
N PRO A 73 -31.81 9.43 -48.59
CA PRO A 73 -30.69 8.49 -48.94
C PRO A 73 -31.10 7.41 -49.96
N SER A 74 -32.35 7.45 -50.41
CA SER A 74 -32.82 6.47 -51.37
C SER A 74 -32.04 6.59 -52.69
N GLY A 75 -31.59 5.43 -53.18
CA GLY A 75 -30.82 5.40 -54.41
C GLY A 75 -29.33 5.67 -54.22
N LEU A 76 -28.93 5.89 -52.96
CA LEU A 76 -27.51 6.02 -52.62
C LEU A 76 -26.77 4.69 -52.84
N PRO A 77 -25.69 4.72 -53.68
CA PRO A 77 -25.05 3.43 -53.92
C PRO A 77 -24.31 3.08 -52.64
N LEU A 78 -24.02 1.79 -52.45
CA LEU A 78 -23.13 1.35 -51.37
C LEU A 78 -21.69 1.88 -51.64
N PRO A 79 -20.92 2.27 -50.57
CA PRO A 79 -19.58 2.83 -50.80
C PRO A 79 -18.64 1.95 -51.67
N ASP A 80 -17.95 2.61 -52.61
CA ASP A 80 -17.11 1.94 -53.62
C ASP A 80 -17.90 1.16 -54.66
N ALA A 81 -19.24 1.09 -54.53
CA ALA A 81 -20.07 0.42 -55.54
C ALA A 81 -20.39 1.36 -56.70
N ALA A 82 -19.76 2.53 -56.68
CA ALA A 82 -20.00 3.61 -57.64
C ALA A 82 -18.93 4.72 -57.31
N PRO A 83 -18.51 5.46 -58.40
CA PRO A 83 -17.56 6.53 -58.37
C PRO A 83 -18.10 7.72 -57.42
N VAL A 84 -17.22 8.49 -56.93
CA VAL A 84 -17.58 9.69 -56.00
C VAL A 84 -18.53 10.65 -56.72
N SER A 85 -18.72 10.47 -58.02
CA SER A 85 -19.46 11.34 -58.91
C SER A 85 -20.90 10.82 -59.06
N HIS A 86 -21.28 9.56 -58.65
CA HIS A 86 -22.64 9.11 -58.63
C HIS A 86 -23.44 10.40 -58.23
N PRO A 87 -24.55 10.68 -58.95
CA PRO A 87 -25.39 11.87 -58.72
C PRO A 87 -25.77 11.94 -57.27
N LYS A 88 -26.16 10.81 -56.63
CA LYS A 88 -26.70 10.84 -55.18
C LYS A 88 -25.55 11.13 -54.24
N VAL A 89 -24.36 10.59 -54.61
CA VAL A 89 -23.12 11.07 -54.02
C VAL A 89 -22.80 12.60 -54.17
N GLN A 90 -22.91 13.13 -55.39
CA GLN A 90 -22.58 14.56 -55.62
C GLN A 90 -23.54 15.38 -54.74
N GLU A 91 -24.82 14.92 -54.79
CA GLU A 91 -25.84 15.65 -53.99
C GLU A 91 -25.44 15.73 -52.55
N LEU A 92 -25.00 14.56 -51.94
CA LEU A 92 -24.76 14.44 -50.47
C LEU A 92 -23.56 15.18 -49.96
N ARG A 93 -22.42 15.09 -50.68
CA ARG A 93 -21.15 15.71 -50.26
C ARG A 93 -21.34 17.17 -50.12
N GLU A 94 -22.08 17.65 -51.05
CA GLU A 94 -22.36 19.08 -51.26
C GLU A 94 -23.34 19.58 -50.24
N LEU A 95 -24.37 18.77 -49.95
CA LEU A 95 -25.26 19.19 -48.84
C LEU A 95 -24.41 19.28 -47.59
N SER A 96 -23.53 18.29 -47.42
CA SER A 96 -22.60 18.38 -46.29
C SER A 96 -21.73 19.64 -46.36
N ILE A 97 -21.08 19.93 -47.51
CA ILE A 97 -20.31 21.18 -47.67
C ILE A 97 -21.18 22.46 -47.42
N TRP A 98 -22.48 22.38 -47.82
CA TRP A 98 -23.36 23.54 -47.57
C TRP A 98 -23.66 23.76 -46.06
N SER A 99 -23.65 22.63 -45.25
CA SER A 99 -24.20 22.74 -43.89
C SER A 99 -23.21 23.42 -42.89
N GLU A 100 -23.77 24.06 -41.87
CA GLU A 100 -22.97 24.57 -40.73
C GLU A 100 -23.12 23.65 -39.50
N GLY A 101 -24.19 22.88 -39.52
CA GLY A 101 -24.46 21.88 -38.53
C GLY A 101 -25.33 20.78 -39.12
N GLN A 102 -25.46 19.68 -38.37
CA GLN A 102 -26.11 18.49 -38.88
C GLN A 102 -26.91 17.80 -37.76
N VAL A 103 -28.00 17.14 -38.14
CA VAL A 103 -28.70 16.23 -37.25
C VAL A 103 -28.61 14.83 -37.87
N TRP A 104 -28.20 13.83 -37.09
CA TRP A 104 -28.26 12.46 -37.59
C TRP A 104 -29.32 11.68 -36.78
N VAL A 105 -30.25 11.03 -37.48
CA VAL A 105 -31.36 10.36 -36.83
C VAL A 105 -31.35 8.90 -37.29
N SER A 106 -30.91 8.00 -36.42
CA SER A 106 -30.83 6.59 -36.77
C SER A 106 -31.79 5.74 -35.95
N PRO A 107 -32.44 4.76 -36.61
CA PRO A 107 -33.06 3.68 -35.85
C PRO A 107 -31.95 2.98 -35.07
N GLU A 108 -32.31 2.28 -34.01
CA GLU A 108 -31.42 1.27 -33.47
C GLU A 108 -31.83 -0.07 -34.09
N ARG A 109 -30.95 -0.64 -34.93
CA ARG A 109 -31.23 -1.92 -35.57
C ARG A 109 -30.17 -2.95 -35.13
N HIS A 110 -30.62 -4.07 -34.55
CA HIS A 110 -29.73 -5.06 -33.95
C HIS A 110 -28.81 -4.38 -32.92
N GLY A 111 -29.35 -3.46 -32.12
CA GLY A 111 -28.61 -2.73 -31.06
C GLY A 111 -27.46 -1.86 -31.51
N ALA A 112 -27.62 -1.26 -32.68
CA ALA A 112 -26.60 -0.41 -33.26
C ALA A 112 -27.23 0.58 -34.23
N MET A 113 -26.48 1.62 -34.58
CA MET A 113 -26.84 2.46 -35.74
C MET A 113 -26.99 1.59 -37.03
N THR A 114 -27.80 2.05 -37.97
CA THR A 114 -28.09 1.31 -39.22
C THR A 114 -26.99 1.38 -40.25
N GLY A 115 -27.02 0.45 -41.21
CA GLY A 115 -26.06 0.48 -42.30
C GLY A 115 -26.27 1.75 -43.13
N ILE A 116 -27.53 2.14 -43.29
CA ILE A 116 -27.89 3.31 -44.09
C ILE A 116 -27.24 4.55 -43.47
N MET A 117 -27.38 4.71 -42.15
CA MET A 117 -26.77 5.82 -41.44
C MET A 117 -25.25 5.78 -41.66
N LYS A 118 -24.64 4.61 -41.45
CA LYS A 118 -23.19 4.50 -41.57
C LYS A 118 -22.74 4.72 -43.03
N ALA A 119 -23.46 4.13 -43.99
CA ALA A 119 -23.08 4.24 -45.42
C ALA A 119 -23.04 5.69 -45.87
N GLN A 120 -23.97 6.50 -45.36
CA GLN A 120 -24.02 7.92 -45.73
C GLN A 120 -22.79 8.62 -45.25
N ILE A 121 -22.40 8.38 -44.00
CA ILE A 121 -21.20 9.08 -43.60
C ILE A 121 -19.87 8.47 -44.13
N ASP A 122 -19.89 7.17 -44.50
CA ASP A 122 -18.75 6.51 -45.16
C ASP A 122 -18.40 7.24 -46.45
N TRP A 123 -19.44 7.73 -47.09
CA TRP A 123 -19.34 8.46 -48.36
C TRP A 123 -18.80 9.87 -48.22
N ILE A 124 -18.64 10.33 -46.95
CA ILE A 124 -18.18 11.70 -46.69
C ILE A 124 -16.76 11.66 -46.20
N PRO A 125 -15.86 12.13 -47.06
CA PRO A 125 -14.45 12.14 -46.73
C PRO A 125 -14.13 13.21 -45.69
N LEU A 126 -13.02 13.03 -44.96
CA LEU A 126 -12.56 14.08 -44.05
C LEU A 126 -12.15 15.29 -44.88
N SER A 127 -11.59 15.03 -46.06
CA SER A 127 -11.21 16.09 -46.98
C SER A 127 -11.43 15.65 -48.43
N THR A 128 -11.80 16.62 -49.28
CA THR A 128 -11.80 16.39 -50.72
C THR A 128 -10.89 17.42 -51.44
N GLY A 129 -9.58 17.22 -51.28
CA GLY A 129 -8.60 18.25 -51.64
C GLY A 129 -8.41 19.20 -50.47
N SER A 130 -9.11 20.40 -50.52
CA SER A 130 -8.96 21.40 -49.47
C SER A 130 -10.23 21.62 -48.60
N ILE A 131 -11.37 21.11 -49.08
CA ILE A 131 -12.63 21.29 -48.31
C ILE A 131 -12.80 20.22 -47.27
N ARG A 132 -13.34 20.65 -46.14
CA ARG A 132 -13.66 19.75 -45.02
C ARG A 132 -15.18 19.73 -44.77
N PRO A 133 -15.88 18.76 -45.39
CA PRO A 133 -17.34 18.78 -45.40
C PRO A 133 -17.83 18.73 -43.96
N THR A 134 -17.01 18.21 -43.02
CA THR A 134 -17.57 18.03 -41.68
C THR A 134 -16.82 18.76 -40.58
N GLN A 135 -15.51 18.96 -40.73
CA GLN A 135 -14.67 19.52 -39.64
C GLN A 135 -15.25 20.81 -39.02
N GLY A 136 -15.40 20.82 -37.70
CA GLY A 136 -15.84 22.03 -36.99
C GLY A 136 -17.33 22.33 -36.93
N LYS A 137 -18.11 21.63 -37.77
CA LYS A 137 -19.55 21.77 -37.81
C LYS A 137 -20.18 21.14 -36.59
N THR A 138 -21.30 21.70 -36.17
CA THR A 138 -22.05 21.12 -35.07
C THR A 138 -22.84 19.86 -35.47
N LEU A 139 -23.15 19.02 -34.48
CA LEU A 139 -23.85 17.77 -34.68
C LEU A 139 -24.73 17.48 -33.49
N ALA A 140 -25.99 17.14 -33.79
CA ALA A 140 -26.95 16.59 -32.83
C ALA A 140 -27.24 15.17 -33.28
N VAL A 141 -27.16 14.22 -32.36
CA VAL A 141 -27.52 12.84 -32.65
C VAL A 141 -28.85 12.41 -31.98
N MET A 142 -29.62 11.63 -32.71
CA MET A 142 -30.89 11.13 -32.21
C MET A 142 -31.13 9.71 -32.67
N GLN A 143 -31.80 8.92 -31.83
CA GLN A 143 -32.19 7.58 -32.26
C GLN A 143 -33.63 7.26 -31.94
N VAL A 144 -34.17 6.30 -32.69
CA VAL A 144 -35.49 5.73 -32.37
C VAL A 144 -35.39 4.21 -32.25
N SER A 145 -36.19 3.59 -31.40
CA SER A 145 -36.24 2.12 -31.34
C SER A 145 -37.68 1.64 -31.29
N GLY A 146 -37.91 0.39 -31.70
CA GLY A 146 -39.22 -0.27 -31.54
C GLY A 146 -39.36 -0.89 -30.15
N GLY A 147 -38.24 -1.00 -29.45
CA GLY A 147 -38.23 -1.57 -28.12
C GLY A 147 -38.00 -0.57 -27.01
N SER A 148 -37.71 -1.08 -25.82
CA SER A 148 -37.46 -0.21 -24.68
C SER A 148 -36.16 0.57 -24.88
N GLN A 149 -35.97 1.61 -24.09
CA GLN A 149 -34.89 2.55 -24.27
C GLN A 149 -33.50 1.86 -24.42
N SER A 150 -32.70 2.44 -25.29
CA SER A 150 -31.28 2.07 -25.42
C SER A 150 -30.56 3.32 -25.88
N PHE A 151 -29.22 3.33 -25.71
CA PHE A 151 -28.43 4.43 -26.26
C PHE A 151 -27.35 3.92 -27.23
N ASN A 152 -27.44 2.66 -27.62
CA ASN A 152 -26.35 2.06 -28.41
C ASN A 152 -26.08 2.86 -29.69
N ALA A 153 -27.15 3.20 -30.41
CA ALA A 153 -27.01 3.88 -31.70
C ALA A 153 -26.44 5.31 -31.53
N VAL A 154 -26.98 6.08 -30.56
CA VAL A 154 -26.47 7.44 -30.30
C VAL A 154 -25.01 7.40 -29.74
N ASN A 155 -24.65 6.34 -29.02
CA ASN A 155 -23.28 6.20 -28.54
C ASN A 155 -22.33 6.06 -29.74
N GLN A 156 -22.70 5.18 -30.68
CA GLN A 156 -21.88 4.94 -31.86
C GLN A 156 -21.79 6.20 -32.70
N MET A 157 -22.89 6.90 -32.81
CA MET A 157 -22.93 8.13 -33.61
C MET A 157 -22.11 9.24 -32.99
N ARG A 158 -22.12 9.34 -31.66
CA ARG A 158 -21.31 10.34 -30.95
C ARG A 158 -19.80 10.11 -31.20
N ILE A 159 -19.34 8.87 -31.12
CA ILE A 159 -17.95 8.55 -31.44
C ILE A 159 -17.67 8.91 -32.91
N LEU A 160 -18.60 8.54 -33.79
CA LEU A 160 -18.49 8.91 -35.19
C LEU A 160 -18.35 10.44 -35.38
N GLY A 161 -19.13 11.26 -34.65
CA GLY A 161 -18.98 12.74 -34.68
C GLY A 161 -17.53 13.15 -34.37
N ARG A 162 -16.89 12.49 -33.40
CA ARG A 162 -15.45 12.76 -33.12
C ARG A 162 -14.61 12.47 -34.35
N TRP A 163 -14.86 11.34 -35.01
CA TRP A 163 -14.03 10.94 -36.16
C TRP A 163 -14.26 11.86 -37.36
N MET A 164 -15.45 12.48 -37.40
CA MET A 164 -15.77 13.52 -38.40
C MET A 164 -15.33 14.92 -37.97
N ARG A 165 -14.68 15.00 -36.81
CA ARG A 165 -14.15 16.26 -36.25
C ARG A 165 -15.23 17.30 -35.98
N MET A 166 -16.42 16.84 -35.64
CA MET A 166 -17.56 17.74 -35.44
C MET A 166 -17.70 18.08 -33.98
N ILE A 167 -18.39 19.19 -33.72
CA ILE A 167 -18.72 19.61 -32.34
C ILE A 167 -20.05 18.95 -32.00
N THR A 168 -20.00 17.80 -31.34
CA THR A 168 -21.23 17.06 -31.09
C THR A 168 -21.79 17.62 -29.79
N ILE A 169 -22.95 18.24 -29.85
CA ILE A 169 -23.52 18.88 -28.68
C ILE A 169 -23.87 17.85 -27.63
N PRO A 170 -23.84 18.23 -26.32
CA PRO A 170 -24.10 17.24 -25.28
C PRO A 170 -25.49 16.61 -25.31
N ASN A 171 -26.51 17.38 -25.65
CA ASN A 171 -27.84 16.85 -25.52
C ASN A 171 -28.16 15.95 -26.73
N GLN A 172 -28.97 14.92 -26.51
CA GLN A 172 -29.31 13.95 -27.54
C GLN A 172 -30.67 13.36 -27.25
N SER A 173 -31.25 12.74 -28.28
CA SER A 173 -32.60 12.18 -28.16
C SER A 173 -32.55 10.68 -28.40
N SER A 174 -33.25 9.93 -27.55
CA SER A 174 -33.46 8.48 -27.75
C SER A 174 -34.91 8.14 -27.48
N VAL A 175 -35.65 7.86 -28.54
CA VAL A 175 -37.10 7.61 -28.33
C VAL A 175 -37.44 6.13 -28.37
N ALA A 176 -37.88 5.64 -27.21
CA ALA A 176 -38.19 4.25 -27.03
C ALA A 176 -39.60 3.95 -27.56
N LYS A 177 -39.85 2.70 -27.98
CA LYS A 177 -41.17 2.29 -28.50
C LYS A 177 -41.77 3.39 -29.35
N ALA A 178 -41.03 3.80 -30.37
CA ALA A 178 -41.35 5.00 -31.16
C ALA A 178 -42.73 4.94 -31.83
N PHE A 179 -43.18 3.74 -32.16
CA PHE A 179 -44.50 3.58 -32.77
C PHE A 179 -45.64 4.15 -31.90
N GLN A 180 -45.49 4.05 -30.58
CA GLN A 180 -46.42 4.61 -29.57
C GLN A 180 -46.40 6.12 -29.56
N GLU A 181 -45.36 6.74 -30.12
CA GLU A 181 -45.15 8.16 -29.93
C GLU A 181 -45.54 9.03 -31.14
N PHE A 182 -46.02 8.39 -32.20
CA PHE A 182 -46.43 9.12 -33.41
C PHE A 182 -47.84 8.75 -33.73
N ASP A 183 -48.64 9.75 -34.07
CA ASP A 183 -50.03 9.47 -34.33
C ASP A 183 -50.19 9.05 -35.80
N ALA A 184 -51.43 8.78 -36.16
CA ALA A 184 -51.75 8.30 -37.49
C ALA A 184 -51.39 9.31 -38.60
N ASN A 185 -51.25 10.59 -38.26
CA ASN A 185 -50.82 11.61 -39.24
C ASN A 185 -49.30 11.76 -39.34
N GLY A 186 -48.57 10.98 -38.55
CA GLY A 186 -47.09 11.02 -38.54
C GLY A 186 -46.53 12.12 -37.67
N ARG A 187 -47.40 12.79 -36.90
CA ARG A 187 -46.94 13.77 -35.93
C ARG A 187 -46.60 13.12 -34.60
N MET A 188 -45.50 13.58 -34.02
CA MET A 188 -45.08 13.13 -32.69
C MET A 188 -46.00 13.66 -31.60
N LYS A 189 -46.35 12.78 -30.67
CA LYS A 189 -47.28 13.14 -29.59
C LYS A 189 -46.57 13.96 -28.50
N PRO A 190 -47.33 14.81 -27.78
CA PRO A 190 -46.68 15.50 -26.66
C PRO A 190 -46.19 14.52 -25.61
N SER A 191 -45.02 14.79 -25.06
CA SER A 191 -44.40 13.89 -24.11
C SER A 191 -43.07 14.42 -23.70
N SER A 192 -42.46 13.73 -22.73
CA SER A 192 -41.11 14.04 -22.33
C SER A 192 -40.12 13.78 -23.47
N TYR A 193 -40.41 12.80 -24.34
CA TYR A 193 -39.54 12.56 -25.51
C TYR A 193 -39.57 13.75 -26.45
N TYR A 194 -40.75 14.27 -26.71
CA TYR A 194 -40.89 15.43 -27.60
C TYR A 194 -40.18 16.63 -26.99
N ASP A 195 -40.41 16.86 -25.70
CA ASP A 195 -39.79 17.98 -25.02
C ASP A 195 -38.26 17.91 -25.14
N ARG A 196 -37.70 16.71 -25.01
CA ARG A 196 -36.27 16.50 -25.27
C ARG A 196 -35.85 16.89 -26.68
N VAL A 197 -36.64 16.50 -27.67
CA VAL A 197 -36.38 16.86 -29.07
C VAL A 197 -36.28 18.38 -29.19
N VAL A 198 -37.23 19.12 -28.61
CA VAL A 198 -37.19 20.58 -28.61
C VAL A 198 -35.87 21.06 -28.00
N ASP A 199 -35.50 20.54 -26.82
CA ASP A 199 -34.25 20.91 -26.16
C ASP A 199 -33.02 20.70 -27.07
N VAL A 200 -32.97 19.52 -27.70
CA VAL A 200 -31.85 19.18 -28.58
C VAL A 200 -31.73 20.15 -29.75
N MET A 201 -32.86 20.50 -30.37
CA MET A 201 -32.86 21.44 -31.50
C MET A 201 -32.47 22.86 -31.08
N GLU A 202 -33.05 23.31 -29.98
CA GLU A 202 -32.76 24.59 -29.37
C GLU A 202 -31.23 24.69 -29.11
N GLU A 203 -30.67 23.66 -28.48
CA GLU A 203 -29.24 23.65 -28.18
C GLU A 203 -28.39 23.66 -29.45
N LEU A 204 -28.75 22.87 -30.46
CA LEU A 204 -27.99 22.81 -31.72
C LEU A 204 -27.94 24.19 -32.37
N VAL A 205 -29.06 24.91 -32.36
CA VAL A 205 -29.07 26.24 -32.97
C VAL A 205 -28.14 27.21 -32.20
N LYS A 206 -28.19 27.16 -30.88
CA LYS A 206 -27.34 27.99 -30.06
C LYS A 206 -25.87 27.68 -30.35
N PHE A 207 -25.51 26.39 -30.35
CA PHE A 207 -24.12 26.02 -30.59
C PHE A 207 -23.63 26.42 -31.96
N THR A 208 -24.51 26.31 -32.96
CA THR A 208 -24.16 26.61 -34.34
C THR A 208 -23.94 28.13 -34.56
N LEU A 209 -24.82 28.96 -34.00
CA LEU A 209 -24.62 30.40 -33.98
C LEU A 209 -23.34 30.79 -33.26
N LEU A 210 -23.05 30.11 -32.17
CA LEU A 210 -21.89 30.43 -31.35
C LEU A 210 -20.55 30.15 -32.07
N THR A 211 -20.52 29.12 -32.91
CA THR A 211 -19.26 28.56 -33.40
C THR A 211 -18.99 28.77 -34.89
N ARG A 212 -20.04 28.98 -35.68
CA ARG A 212 -19.92 29.00 -37.15
C ARG A 212 -18.93 30.07 -37.65
N ASP A 213 -18.86 31.24 -36.98
CA ASP A 213 -17.98 32.34 -37.45
C ASP A 213 -16.53 32.20 -37.07
N CYS A 214 -16.27 31.68 -35.88
CA CYS A 214 -14.90 31.55 -35.40
C CYS A 214 -14.35 30.15 -35.64
N SER A 215 -15.05 29.35 -36.45
CA SER A 215 -14.61 27.98 -36.75
C SER A 215 -13.18 27.90 -37.31
N ALA A 216 -12.86 28.73 -38.32
CA ALA A 216 -11.51 28.75 -38.95
C ALA A 216 -10.44 29.07 -37.90
N TYR A 217 -10.84 29.97 -36.99
CA TYR A 217 -9.90 30.21 -35.82
C TYR A 217 -9.79 28.97 -34.90
N LEU A 218 -10.94 28.41 -34.54
CA LEU A 218 -11.00 27.23 -33.63
C LEU A 218 -10.27 25.95 -34.14
N THR A 219 -10.24 25.81 -35.47
CA THR A 219 -9.76 24.64 -36.21
C THR A 219 -8.31 24.99 -36.67
N ASP A 220 -7.82 26.13 -36.17
CA ASP A 220 -6.46 26.59 -36.40
C ASP A 220 -5.45 26.02 -35.37
N ARG A 221 -4.54 24.96 -35.79
CA ARG A 221 -3.72 24.12 -34.85
C ARG A 221 -2.18 24.30 -34.82
N TYR A 222 -1.61 24.27 -33.61
CA TYR A 222 -0.16 24.29 -33.41
C TYR A 222 0.47 23.30 -34.42
N SER A 223 0.04 22.03 -34.33
CA SER A 223 0.61 20.95 -35.22
C SER A 223 0.57 21.24 -36.73
N GLU A 224 -0.53 21.84 -37.19
CA GLU A 224 -0.71 22.11 -38.62
C GLU A 224 0.15 23.27 -39.10
N ARG A 225 0.31 24.29 -38.25
CA ARG A 225 1.15 25.39 -38.61
C ARG A 225 2.61 25.17 -38.20
N LYS A 226 2.86 24.11 -37.43
CA LYS A 226 4.23 23.60 -37.20
C LYS A 226 4.68 22.86 -38.46
N GLU A 227 3.78 22.06 -39.01
CA GLU A 227 3.99 21.38 -40.28
C GLU A 227 3.83 22.36 -41.45
N HIS B 8 -31.42 -21.34 -0.29
CA HIS B 8 -32.28 -20.10 -0.26
C HIS B 8 -33.36 -20.13 -1.35
N ASP B 9 -34.55 -19.66 -1.01
CA ASP B 9 -35.75 -19.90 -1.80
C ASP B 9 -35.84 -19.02 -3.05
N LEU B 10 -36.81 -19.37 -3.89
CA LEU B 10 -36.93 -18.79 -5.22
C LEU B 10 -38.42 -18.48 -5.45
N PRO B 11 -38.97 -17.54 -4.69
CA PRO B 11 -40.41 -17.25 -4.79
C PRO B 11 -40.84 -16.65 -6.13
N ALA B 12 -39.92 -16.07 -6.90
CA ALA B 12 -40.28 -15.47 -8.16
C ALA B 12 -40.16 -16.44 -9.33
N ALA B 13 -39.64 -17.65 -9.09
CA ALA B 13 -39.45 -18.62 -10.16
C ALA B 13 -40.66 -19.51 -10.34
N ASN B 14 -40.87 -19.97 -11.58
CA ASN B 14 -41.84 -21.04 -11.84
C ASN B 14 -41.12 -22.37 -11.64
N LEU B 15 -41.39 -22.99 -10.50
CA LEU B 15 -40.61 -24.15 -10.10
C LEU B 15 -40.90 -25.38 -10.98
N GLN B 16 -42.02 -25.38 -11.67
CA GLN B 16 -42.26 -26.44 -12.65
C GLN B 16 -41.38 -26.35 -13.89
N GLN B 17 -40.96 -25.14 -14.31
CA GLN B 17 -40.14 -25.00 -15.52
C GLN B 17 -38.65 -24.88 -15.22
N LEU B 18 -38.32 -24.68 -13.95
CA LEU B 18 -36.91 -24.51 -13.57
C LEU B 18 -36.29 -25.89 -13.63
N ARG B 19 -35.39 -26.18 -14.58
CA ARG B 19 -34.71 -27.48 -14.53
C ARG B 19 -33.22 -27.50 -14.28
N LEU B 20 -32.78 -28.60 -13.66
CA LEU B 20 -31.37 -28.82 -13.37
C LEU B 20 -30.61 -29.07 -14.67
N PRO B 21 -29.35 -28.61 -14.75
CA PRO B 21 -28.55 -28.93 -15.94
C PRO B 21 -28.46 -30.44 -16.16
N ASP B 22 -28.42 -30.83 -17.43
CA ASP B 22 -28.28 -32.23 -17.79
C ASP B 22 -27.02 -32.40 -18.64
N SER B 23 -26.02 -33.04 -18.05
CA SER B 23 -24.75 -33.35 -18.70
C SER B 23 -24.89 -34.12 -20.01
N ALA B 24 -25.77 -35.12 -20.02
CA ALA B 24 -26.01 -35.90 -21.24
C ALA B 24 -26.30 -34.97 -22.41
N SER B 25 -27.12 -33.95 -22.16
CA SER B 25 -27.57 -33.03 -23.20
C SER B 25 -26.49 -32.11 -23.76
N LEU B 26 -25.40 -31.94 -23.01
CA LEU B 26 -24.25 -31.15 -23.48
C LEU B 26 -23.28 -31.98 -24.31
N ARG B 27 -23.47 -33.30 -24.27
CA ARG B 27 -22.66 -34.23 -25.04
C ARG B 27 -23.47 -35.25 -25.84
N PRO B 28 -24.21 -34.77 -26.86
CA PRO B 28 -24.76 -35.79 -27.73
C PRO B 28 -23.62 -36.25 -28.64
N ALA B 29 -23.81 -37.36 -29.36
CA ALA B 29 -22.84 -37.82 -30.32
C ALA B 29 -22.45 -36.70 -31.28
N PHE B 30 -21.16 -36.58 -31.54
CA PHE B 30 -20.67 -35.60 -32.49
C PHE B 30 -21.20 -35.88 -33.88
N SER B 31 -21.68 -34.82 -34.53
CA SER B 31 -21.93 -34.80 -35.97
C SER B 31 -20.66 -35.18 -36.72
N THR B 32 -20.83 -35.67 -37.94
CA THR B 32 -19.68 -36.16 -38.73
C THR B 32 -19.46 -35.36 -40.01
N HIS B 33 -20.32 -34.38 -40.26
CA HIS B 33 -20.25 -33.57 -41.45
C HIS B 33 -19.37 -32.35 -41.18
N ARG B 34 -18.75 -31.80 -42.22
CA ARG B 34 -17.82 -30.69 -42.00
C ARG B 34 -18.53 -29.45 -41.39
N PRO B 35 -17.88 -28.80 -40.38
CA PRO B 35 -18.46 -27.56 -39.84
C PRO B 35 -18.67 -26.54 -40.96
N ARG B 36 -19.86 -25.94 -40.98
CA ARG B 36 -20.27 -24.99 -42.02
C ARG B 36 -20.03 -23.55 -41.64
N ILE B 37 -19.09 -22.93 -42.35
CA ILE B 37 -18.68 -21.60 -41.98
C ILE B 37 -19.01 -20.60 -43.10
N LEU B 38 -19.75 -19.55 -42.77
CA LEU B 38 -20.06 -18.46 -43.72
C LEU B 38 -19.14 -17.29 -43.43
N ILE B 39 -18.48 -16.73 -44.47
CA ILE B 39 -17.62 -15.56 -44.29
C ILE B 39 -18.23 -14.38 -45.02
N LEU B 40 -18.37 -13.28 -44.27
CA LEU B 40 -18.90 -12.01 -44.73
C LEU B 40 -17.78 -11.00 -44.57
N TYR B 41 -17.67 -10.08 -45.53
CA TYR B 41 -16.65 -9.02 -45.49
C TYR B 41 -17.23 -7.64 -45.86
N GLY B 42 -16.53 -6.59 -45.47
CA GLY B 42 -17.16 -5.27 -45.37
C GLY B 42 -16.74 -4.20 -46.38
N SER B 43 -16.33 -4.60 -47.59
CA SER B 43 -15.84 -3.63 -48.59
C SER B 43 -16.14 -4.08 -50.01
N LEU B 44 -16.41 -3.11 -50.90
CA LEU B 44 -16.58 -3.42 -52.32
C LEU B 44 -15.44 -2.93 -53.20
N ARG B 45 -14.35 -2.50 -52.58
CA ARG B 45 -13.20 -2.04 -53.32
C ARG B 45 -12.61 -3.21 -54.11
N THR B 46 -12.10 -2.92 -55.29
CA THR B 46 -11.51 -3.98 -56.12
C THR B 46 -10.36 -4.68 -55.43
N VAL B 47 -9.36 -3.91 -54.98
CA VAL B 47 -8.38 -4.44 -54.06
C VAL B 47 -8.88 -4.08 -52.65
N SER B 48 -9.36 -5.09 -51.93
CA SER B 48 -9.97 -4.92 -50.63
C SER B 48 -9.21 -5.82 -49.67
N TYR B 49 -8.63 -5.22 -48.64
CA TYR B 49 -7.88 -6.01 -47.65
C TYR B 49 -8.79 -6.88 -46.78
N SER B 50 -10.04 -6.43 -46.56
CA SER B 50 -10.98 -7.27 -45.83
C SER B 50 -11.30 -8.53 -46.65
N ARG B 51 -11.50 -8.37 -47.96
CA ARG B 51 -11.75 -9.52 -48.83
C ARG B 51 -10.54 -10.43 -48.90
N LEU B 52 -9.35 -9.85 -49.01
CA LEU B 52 -8.14 -10.65 -49.05
C LEU B 52 -7.91 -11.39 -47.71
N LEU B 53 -8.30 -10.75 -46.61
CA LEU B 53 -8.22 -11.40 -45.29
C LEU B 53 -9.26 -12.53 -45.19
N ALA B 54 -10.49 -12.23 -45.65
CA ALA B 54 -11.56 -13.24 -45.78
C ALA B 54 -11.03 -14.49 -46.48
N GLU B 55 -10.35 -14.29 -47.60
CA GLU B 55 -9.81 -15.40 -48.37
C GLU B 55 -8.73 -16.20 -47.63
N GLU B 56 -7.91 -15.53 -46.82
CA GLU B 56 -6.91 -16.27 -46.00
C GLU B 56 -7.63 -17.08 -44.91
N ALA B 57 -8.70 -16.50 -44.36
CA ALA B 57 -9.53 -17.16 -43.38
C ALA B 57 -10.13 -18.41 -44.03
N ARG B 58 -10.72 -18.25 -45.22
CA ARG B 58 -11.26 -19.39 -45.95
C ARG B 58 -10.21 -20.53 -46.08
N ARG B 59 -9.00 -20.18 -46.48
CA ARG B 59 -7.94 -21.17 -46.72
C ARG B 59 -7.59 -21.97 -45.45
N LEU B 60 -7.45 -21.23 -44.34
CA LEU B 60 -7.16 -21.82 -43.04
C LEU B 60 -8.32 -22.73 -42.56
N LEU B 61 -9.57 -22.22 -42.68
CA LEU B 61 -10.75 -22.98 -42.25
C LEU B 61 -10.89 -24.27 -43.05
N GLU B 62 -10.62 -24.19 -44.35
CA GLU B 62 -10.59 -25.41 -45.19
C GLU B 62 -9.54 -26.43 -44.77
N PHE B 63 -8.33 -25.94 -44.44
CA PHE B 63 -7.30 -26.79 -43.90
C PHE B 63 -7.79 -27.44 -42.60
N PHE B 64 -8.49 -26.65 -41.80
CA PHE B 64 -9.03 -27.14 -40.53
C PHE B 64 -10.27 -28.07 -40.71
N GLY B 65 -10.69 -28.30 -41.95
CA GLY B 65 -11.77 -29.26 -42.22
C GLY B 65 -13.19 -28.75 -42.31
N ALA B 66 -13.35 -27.44 -42.40
CA ALA B 66 -14.64 -26.80 -42.52
C ALA B 66 -15.08 -26.77 -43.96
N GLU B 67 -16.39 -26.73 -44.19
CA GLU B 67 -16.96 -26.36 -45.48
C GLU B 67 -17.24 -24.86 -45.40
N VAL B 68 -16.63 -24.11 -46.31
CA VAL B 68 -16.63 -22.65 -46.23
C VAL B 68 -17.36 -22.07 -47.43
N LYS B 69 -18.25 -21.12 -47.16
CA LYS B 69 -18.84 -20.30 -48.21
C LYS B 69 -18.59 -18.83 -47.91
N VAL B 70 -18.26 -18.07 -48.96
CA VAL B 70 -18.04 -16.63 -48.87
C VAL B 70 -19.10 -15.85 -49.67
N PHE B 71 -19.78 -14.91 -49.01
CA PHE B 71 -20.79 -14.11 -49.67
C PHE B 71 -20.20 -12.85 -50.29
N ASP B 72 -20.53 -12.63 -51.56
CA ASP B 72 -20.12 -11.43 -52.27
C ASP B 72 -21.25 -10.42 -52.13
N PRO B 73 -21.00 -9.29 -51.42
CA PRO B 73 -22.09 -8.32 -51.16
C PRO B 73 -22.37 -7.38 -52.34
N SER B 74 -21.56 -7.49 -53.39
CA SER B 74 -21.80 -6.68 -54.58
C SER B 74 -23.25 -6.83 -55.11
N GLY B 75 -23.95 -5.70 -55.23
CA GLY B 75 -25.38 -5.70 -55.61
C GLY B 75 -26.36 -5.90 -54.44
N LEU B 76 -25.89 -6.04 -53.19
CA LEU B 76 -26.83 -6.10 -52.05
C LEU B 76 -27.53 -4.73 -51.93
N PRO B 77 -28.89 -4.70 -51.94
CA PRO B 77 -29.58 -3.41 -51.75
C PRO B 77 -29.41 -2.91 -50.33
N LEU B 78 -29.62 -1.61 -50.12
CA LEU B 78 -29.69 -1.11 -48.73
C LEU B 78 -30.86 -1.81 -48.02
N PRO B 79 -30.75 -2.04 -46.72
CA PRO B 79 -31.91 -2.60 -45.99
C PRO B 79 -33.17 -1.73 -46.25
N ASP B 80 -34.32 -2.38 -46.44
CA ASP B 80 -35.61 -1.71 -46.81
C ASP B 80 -35.54 -0.81 -48.05
N ALA B 81 -34.64 -1.12 -48.98
CA ALA B 81 -34.54 -0.38 -50.19
C ALA B 81 -35.04 -1.22 -51.36
N ALA B 82 -35.50 -2.45 -51.03
CA ALA B 82 -35.87 -3.47 -52.02
C ALA B 82 -36.71 -4.55 -51.34
N PRO B 83 -37.46 -5.37 -52.12
CA PRO B 83 -38.16 -6.45 -51.36
C PRO B 83 -37.19 -7.50 -50.83
N VAL B 84 -37.60 -8.28 -49.82
CA VAL B 84 -36.76 -9.35 -49.22
C VAL B 84 -36.44 -10.48 -50.18
N SER B 85 -37.22 -10.58 -51.25
CA SER B 85 -37.06 -11.63 -52.21
C SER B 85 -36.02 -11.27 -53.28
N HIS B 86 -35.32 -10.10 -52.99
CA HIS B 86 -34.23 -9.71 -53.90
C HIS B 86 -33.18 -10.84 -53.79
N PRO B 87 -32.64 -11.30 -54.93
CA PRO B 87 -31.66 -12.41 -54.99
C PRO B 87 -30.47 -12.32 -54.02
N LYS B 88 -29.88 -11.13 -53.88
CA LYS B 88 -28.76 -10.97 -52.98
C LYS B 88 -29.24 -11.11 -51.54
N VAL B 89 -30.45 -10.65 -51.27
CA VAL B 89 -31.04 -10.85 -49.94
C VAL B 89 -31.32 -12.33 -49.69
N GLN B 90 -32.00 -13.00 -50.61
CA GLN B 90 -32.31 -14.42 -50.43
C GLN B 90 -31.04 -15.26 -50.27
N GLU B 91 -30.05 -15.01 -51.11
CA GLU B 91 -28.75 -15.70 -51.03
C GLU B 91 -28.12 -15.46 -49.66
N LEU B 92 -28.11 -14.23 -49.17
CA LEU B 92 -27.49 -13.96 -47.88
C LEU B 92 -28.23 -14.69 -46.76
N ARG B 93 -29.55 -14.56 -46.75
CA ARG B 93 -30.36 -15.25 -45.76
C ARG B 93 -30.17 -16.77 -45.82
N GLU B 94 -30.17 -17.34 -47.02
CA GLU B 94 -29.94 -18.78 -47.18
C GLU B 94 -28.58 -19.19 -46.59
N LEU B 95 -27.54 -18.40 -46.92
CA LEU B 95 -26.20 -18.66 -46.45
C LEU B 95 -26.15 -18.60 -44.91
N SER B 96 -26.81 -17.61 -44.30
CA SER B 96 -26.82 -17.52 -42.85
C SER B 96 -27.48 -18.78 -42.25
N ILE B 97 -28.63 -19.15 -42.77
CA ILE B 97 -29.33 -20.35 -42.30
C ILE B 97 -28.45 -21.60 -42.42
N TRP B 98 -27.77 -21.72 -43.55
CA TRP B 98 -26.93 -22.87 -43.81
C TRP B 98 -25.79 -22.99 -42.80
N SER B 99 -25.26 -21.85 -42.39
CA SER B 99 -24.05 -21.81 -41.56
C SER B 99 -24.27 -22.38 -40.15
N GLU B 100 -23.17 -22.87 -39.58
CA GLU B 100 -23.06 -23.23 -38.16
C GLU B 100 -22.22 -22.22 -37.40
N GLY B 101 -21.34 -21.53 -38.13
CA GLY B 101 -20.59 -20.43 -37.57
C GLY B 101 -20.22 -19.49 -38.68
N GLN B 102 -19.80 -18.29 -38.28
CA GLN B 102 -19.53 -17.21 -39.25
C GLN B 102 -18.24 -16.49 -38.91
N VAL B 103 -17.65 -15.89 -39.95
CA VAL B 103 -16.57 -14.92 -39.80
C VAL B 103 -17.02 -13.61 -40.43
N TRP B 104 -16.90 -12.51 -39.69
CA TRP B 104 -17.20 -11.19 -40.26
C TRP B 104 -15.91 -10.39 -40.29
N VAL B 105 -15.56 -9.87 -41.46
CA VAL B 105 -14.31 -9.15 -41.63
C VAL B 105 -14.60 -7.73 -42.10
N SER B 106 -14.38 -6.75 -41.24
CA SER B 106 -14.77 -5.37 -41.59
C SER B 106 -13.59 -4.45 -41.67
N PRO B 107 -13.56 -3.57 -42.70
CA PRO B 107 -12.61 -2.46 -42.63
C PRO B 107 -13.03 -1.58 -41.47
N GLU B 108 -12.10 -0.80 -40.91
CA GLU B 108 -12.49 0.28 -39.99
C GLU B 108 -12.49 1.56 -40.79
N ARG B 109 -13.64 2.17 -40.94
CA ARG B 109 -13.73 3.39 -41.71
C ARG B 109 -14.44 4.44 -40.90
N HIS B 110 -13.86 5.65 -40.88
CA HIS B 110 -14.27 6.68 -39.93
C HIS B 110 -14.38 6.12 -38.48
N GLY B 111 -13.41 5.31 -38.07
CA GLY B 111 -13.34 4.76 -36.70
C GLY B 111 -14.51 3.84 -36.28
N ALA B 112 -15.13 3.17 -37.26
CA ALA B 112 -16.25 2.28 -37.02
C ALA B 112 -16.29 1.19 -38.07
N MET B 113 -17.10 0.18 -37.81
CA MET B 113 -17.39 -0.82 -38.81
C MET B 113 -18.08 -0.13 -40.00
N THR B 114 -18.00 -0.79 -41.14
CA THR B 114 -18.40 -0.25 -42.43
C THR B 114 -19.94 -0.32 -42.60
N GLY B 115 -20.53 0.63 -43.35
CA GLY B 115 -21.95 0.56 -43.72
C GLY B 115 -22.32 -0.75 -44.42
N ILE B 116 -21.42 -1.21 -45.28
CA ILE B 116 -21.53 -2.48 -45.98
C ILE B 116 -21.56 -3.68 -45.02
N MET B 117 -20.64 -3.73 -44.05
CA MET B 117 -20.74 -4.76 -43.05
C MET B 117 -22.09 -4.69 -42.31
N LYS B 118 -22.46 -3.52 -41.83
CA LYS B 118 -23.69 -3.43 -41.00
C LYS B 118 -24.94 -3.78 -41.82
N ALA B 119 -24.94 -3.38 -43.09
CA ALA B 119 -26.09 -3.61 -43.99
C ALA B 119 -26.35 -5.11 -44.19
N GLN B 120 -25.29 -5.91 -44.31
CA GLN B 120 -25.53 -7.35 -44.40
C GLN B 120 -26.22 -7.92 -43.15
N ILE B 121 -25.77 -7.50 -41.98
CA ILE B 121 -26.32 -8.02 -40.74
C ILE B 121 -27.74 -7.49 -40.54
N ASP B 122 -27.98 -6.26 -40.95
CA ASP B 122 -29.32 -5.65 -40.90
C ASP B 122 -30.35 -6.41 -41.76
N TRP B 123 -29.92 -6.98 -42.88
CA TRP B 123 -30.78 -7.83 -43.74
C TRP B 123 -31.08 -9.21 -43.15
N ILE B 124 -30.38 -9.62 -42.10
CA ILE B 124 -30.62 -10.91 -41.49
C ILE B 124 -31.46 -10.71 -40.23
N PRO B 125 -32.69 -11.27 -40.22
CA PRO B 125 -33.60 -11.17 -39.07
C PRO B 125 -33.27 -12.22 -38.01
N LEU B 126 -33.67 -11.97 -36.76
CA LEU B 126 -33.43 -12.96 -35.71
C LEU B 126 -34.27 -14.22 -35.93
N SER B 127 -35.41 -14.04 -36.60
CA SER B 127 -36.35 -15.10 -36.79
C SER B 127 -37.05 -14.86 -38.13
N THR B 128 -37.08 -15.89 -38.95
CA THR B 128 -37.87 -15.84 -40.15
C THR B 128 -38.68 -17.14 -40.12
N GLY B 129 -39.95 -17.00 -39.71
CA GLY B 129 -40.83 -18.16 -39.47
C GLY B 129 -40.34 -18.91 -38.24
N SER B 130 -40.14 -20.22 -38.39
CA SER B 130 -39.62 -21.04 -37.27
C SER B 130 -38.09 -21.10 -37.23
N ILE B 131 -37.45 -20.41 -38.16
CA ILE B 131 -36.01 -20.53 -38.35
C ILE B 131 -35.28 -19.34 -37.73
N ARG B 132 -34.19 -19.65 -37.01
CA ARG B 132 -33.34 -18.65 -36.38
C ARG B 132 -32.04 -18.60 -37.17
N PRO B 133 -31.89 -17.60 -38.07
CA PRO B 133 -30.71 -17.62 -38.93
C PRO B 133 -29.35 -17.51 -38.22
N THR B 134 -29.33 -16.97 -36.99
CA THR B 134 -28.05 -16.72 -36.31
C THR B 134 -27.96 -17.32 -34.93
N GLN B 135 -29.09 -17.42 -34.23
CA GLN B 135 -29.05 -17.80 -32.81
C GLN B 135 -28.19 -19.05 -32.51
N GLY B 136 -27.29 -18.90 -31.54
CA GLY B 136 -26.49 -20.04 -31.03
C GLY B 136 -25.29 -20.40 -31.89
N LYS B 137 -25.14 -19.74 -33.04
CA LYS B 137 -24.05 -20.06 -33.96
C LYS B 137 -22.79 -19.34 -33.52
N THR B 138 -21.63 -19.91 -33.80
CA THR B 138 -20.40 -19.27 -33.39
C THR B 138 -20.06 -18.10 -34.33
N LEU B 139 -19.25 -17.16 -33.83
CA LEU B 139 -18.89 -15.96 -34.60
C LEU B 139 -17.42 -15.57 -34.31
N ALA B 140 -16.63 -15.32 -35.34
CA ALA B 140 -15.28 -14.73 -35.14
C ALA B 140 -15.33 -13.37 -35.81
N VAL B 141 -14.82 -12.33 -35.12
CA VAL B 141 -14.80 -10.98 -35.69
C VAL B 141 -13.33 -10.58 -36.02
N MET B 142 -13.16 -9.93 -37.17
CA MET B 142 -11.85 -9.46 -37.60
C MET B 142 -12.00 -8.09 -38.24
N GLN B 143 -11.00 -7.24 -38.04
CA GLN B 143 -10.98 -5.99 -38.82
C GLN B 143 -9.62 -5.71 -39.47
N VAL B 144 -9.63 -4.80 -40.45
CA VAL B 144 -8.46 -4.44 -41.17
C VAL B 144 -8.51 -2.89 -41.21
N SER B 145 -7.37 -2.23 -41.13
CA SER B 145 -7.39 -0.76 -41.22
C SER B 145 -6.25 -0.24 -42.08
N GLY B 146 -6.40 0.96 -42.61
CA GLY B 146 -5.38 1.62 -43.41
C GLY B 146 -4.39 2.33 -42.52
N GLY B 147 -4.80 2.60 -41.28
CA GLY B 147 -4.00 3.32 -40.29
C GLY B 147 -3.50 2.45 -39.15
N SER B 148 -3.03 3.09 -38.10
CA SER B 148 -2.56 2.38 -36.92
C SER B 148 -3.70 1.64 -36.22
N GLN B 149 -3.32 0.76 -35.29
CA GLN B 149 -4.23 -0.12 -34.62
C GLN B 149 -5.43 0.59 -34.02
N SER B 150 -6.59 -0.03 -34.19
CA SER B 150 -7.79 0.35 -33.47
C SER B 150 -8.58 -0.94 -33.28
N PHE B 151 -9.53 -0.92 -32.34
CA PHE B 151 -10.41 -2.06 -32.18
C PHE B 151 -11.84 -1.59 -32.28
N ASN B 152 -12.05 -0.39 -32.78
CA ASN B 152 -13.39 0.16 -32.82
C ASN B 152 -14.38 -0.73 -33.57
N ALA B 153 -13.97 -1.23 -34.74
CA ALA B 153 -14.83 -2.04 -35.59
C ALA B 153 -15.13 -3.39 -34.94
N VAL B 154 -14.09 -4.08 -34.42
CA VAL B 154 -14.34 -5.35 -33.79
C VAL B 154 -15.17 -5.20 -32.51
N ASN B 155 -14.97 -4.10 -31.77
CA ASN B 155 -15.79 -3.86 -30.54
C ASN B 155 -17.28 -3.74 -30.97
N GLN B 156 -17.52 -2.92 -31.98
CA GLN B 156 -18.90 -2.80 -32.51
C GLN B 156 -19.46 -4.13 -32.99
N MET B 157 -18.64 -4.93 -33.70
CA MET B 157 -19.11 -6.22 -34.22
C MET B 157 -19.34 -7.24 -33.14
N ARG B 158 -18.58 -7.13 -32.08
CA ARG B 158 -18.74 -8.03 -30.92
C ARG B 158 -20.05 -7.75 -30.18
N ILE B 159 -20.38 -6.47 -30.01
CA ILE B 159 -21.68 -6.10 -29.43
C ILE B 159 -22.80 -6.60 -30.37
N LEU B 160 -22.62 -6.40 -31.67
CA LEU B 160 -23.57 -6.84 -32.67
C LEU B 160 -23.79 -8.37 -32.59
N GLY B 161 -22.71 -9.12 -32.36
CA GLY B 161 -22.79 -10.59 -32.19
C GLY B 161 -23.73 -10.99 -31.06
N ARG B 162 -23.67 -10.23 -29.95
CA ARG B 162 -24.62 -10.44 -28.83
C ARG B 162 -26.04 -10.24 -29.31
N TRP B 163 -26.26 -9.13 -30.04
CA TRP B 163 -27.62 -8.85 -30.52
C TRP B 163 -28.12 -9.94 -31.49
N MET B 164 -27.20 -10.61 -32.19
CA MET B 164 -27.58 -11.71 -33.09
C MET B 164 -27.67 -13.06 -32.35
N ARG B 165 -27.42 -13.02 -31.04
CA ARG B 165 -27.52 -14.20 -30.18
C ARG B 165 -26.46 -15.26 -30.52
N MET B 166 -25.34 -14.79 -31.07
CA MET B 166 -24.26 -15.69 -31.45
C MET B 166 -23.28 -15.91 -30.32
N ILE B 167 -22.59 -17.04 -30.37
CA ILE B 167 -21.47 -17.33 -29.47
C ILE B 167 -20.21 -16.68 -30.11
N THR B 168 -19.90 -15.47 -29.71
CA THR B 168 -18.80 -14.73 -30.30
C THR B 168 -17.55 -15.18 -29.57
N ILE B 169 -16.62 -15.79 -30.29
CA ILE B 169 -15.40 -16.33 -29.66
C ILE B 169 -14.52 -15.21 -29.10
N PRO B 170 -13.79 -15.49 -28.02
CA PRO B 170 -13.01 -14.40 -27.44
C PRO B 170 -11.88 -13.84 -28.33
N ASN B 171 -11.24 -14.68 -29.10
CA ASN B 171 -10.13 -14.18 -29.90
C ASN B 171 -10.67 -13.44 -31.13
N GLN B 172 -9.86 -12.50 -31.60
CA GLN B 172 -10.24 -11.64 -32.72
C GLN B 172 -8.94 -11.12 -33.33
N SER B 173 -9.07 -10.50 -34.50
CA SER B 173 -7.90 -10.04 -35.20
C SER B 173 -8.15 -8.59 -35.62
N SER B 174 -7.14 -7.74 -35.44
CA SER B 174 -7.17 -6.36 -35.96
C SER B 174 -5.87 -6.10 -36.68
N VAL B 175 -5.93 -6.01 -38.00
CA VAL B 175 -4.69 -5.80 -38.75
C VAL B 175 -4.50 -4.35 -39.14
N ALA B 176 -3.49 -3.73 -38.54
CA ALA B 176 -3.19 -2.31 -38.78
C ALA B 176 -2.38 -2.14 -40.07
N LYS B 177 -2.55 -0.98 -40.71
CA LYS B 177 -1.85 -0.67 -41.96
C LYS B 177 -1.85 -1.87 -42.91
N ALA B 178 -3.06 -2.37 -43.20
CA ALA B 178 -3.22 -3.68 -43.85
C ALA B 178 -2.64 -3.80 -45.23
N PHE B 179 -2.56 -2.66 -45.91
CA PHE B 179 -1.93 -2.55 -47.21
C PHE B 179 -0.47 -3.04 -47.20
N GLN B 180 0.21 -2.89 -46.06
CA GLN B 180 1.59 -3.36 -45.92
C GLN B 180 1.69 -4.88 -45.74
N GLU B 181 0.59 -5.51 -45.36
CA GLU B 181 0.61 -6.91 -44.89
C GLU B 181 0.23 -7.90 -45.98
N PHE B 182 -0.14 -7.36 -47.14
CA PHE B 182 -0.53 -8.17 -48.28
C PHE B 182 0.39 -7.88 -49.44
N ASP B 183 0.88 -8.96 -50.04
CA ASP B 183 1.78 -8.82 -51.18
C ASP B 183 1.03 -8.68 -52.53
N ALA B 184 1.80 -8.64 -53.61
CA ALA B 184 1.28 -8.38 -54.95
C ALA B 184 0.37 -9.51 -55.42
N ASN B 185 0.53 -10.69 -54.82
CA ASN B 185 -0.32 -11.85 -55.14
C ASN B 185 -1.57 -11.95 -54.26
N GLY B 186 -1.81 -10.92 -53.46
CA GLY B 186 -2.98 -10.88 -52.58
C GLY B 186 -2.86 -11.79 -51.39
N ARG B 187 -1.63 -12.25 -51.09
CA ARG B 187 -1.39 -13.16 -49.98
C ARG B 187 -0.80 -12.43 -48.79
N MET B 188 -1.37 -12.70 -47.61
CA MET B 188 -0.87 -12.15 -46.38
C MET B 188 0.57 -12.63 -46.09
N LYS B 189 1.42 -11.68 -45.71
CA LYS B 189 2.81 -11.97 -45.42
C LYS B 189 2.92 -12.60 -44.05
N PRO B 190 3.95 -13.44 -43.83
CA PRO B 190 4.11 -13.98 -42.49
C PRO B 190 4.40 -12.84 -41.52
N SER B 191 3.76 -12.91 -40.36
CA SER B 191 3.86 -11.88 -39.33
C SER B 191 3.05 -12.31 -38.13
N SER B 192 3.16 -11.52 -37.06
CA SER B 192 2.35 -11.63 -35.85
C SER B 192 0.85 -11.56 -36.17
N TYR B 193 0.49 -10.77 -37.18
CA TYR B 193 -0.92 -10.60 -37.55
C TYR B 193 -1.45 -11.90 -38.16
N TYR B 194 -0.65 -12.51 -39.05
CA TYR B 194 -1.03 -13.75 -39.69
C TYR B 194 -1.20 -14.84 -38.63
N ASP B 195 -0.25 -14.96 -37.72
CA ASP B 195 -0.34 -15.97 -36.63
C ASP B 195 -1.60 -15.81 -35.77
N ARG B 196 -2.03 -14.56 -35.55
CA ARG B 196 -3.30 -14.31 -34.87
C ARG B 196 -4.51 -14.78 -35.71
N VAL B 197 -4.52 -14.52 -37.02
CA VAL B 197 -5.57 -15.05 -37.92
C VAL B 197 -5.63 -16.57 -37.82
N VAL B 198 -4.49 -17.24 -37.90
CA VAL B 198 -4.46 -18.69 -37.60
C VAL B 198 -5.18 -19.05 -36.26
N ASP B 199 -4.73 -18.42 -35.16
CA ASP B 199 -5.33 -18.65 -33.84
C ASP B 199 -6.87 -18.44 -33.85
N VAL B 200 -7.34 -17.39 -34.52
CA VAL B 200 -8.77 -17.07 -34.52
C VAL B 200 -9.53 -18.17 -35.27
N MET B 201 -9.00 -18.61 -36.42
CA MET B 201 -9.67 -19.61 -37.25
C MET B 201 -9.69 -20.96 -36.53
N GLU B 202 -8.55 -21.27 -35.91
CA GLU B 202 -8.37 -22.48 -35.09
C GLU B 202 -9.41 -22.53 -33.98
N GLU B 203 -9.53 -21.42 -33.25
CA GLU B 203 -10.50 -21.27 -32.14
C GLU B 203 -11.95 -21.38 -32.63
N LEU B 204 -12.23 -20.74 -33.76
CA LEU B 204 -13.59 -20.77 -34.30
C LEU B 204 -14.01 -22.22 -34.59
N VAL B 205 -13.11 -22.98 -35.21
CA VAL B 205 -13.46 -24.36 -35.57
C VAL B 205 -13.75 -25.18 -34.31
N LYS B 206 -12.85 -25.07 -33.33
CA LYS B 206 -13.06 -25.74 -32.04
C LYS B 206 -14.40 -25.41 -31.37
N PHE B 207 -14.74 -24.12 -31.26
CA PHE B 207 -16.00 -23.73 -30.61
C PHE B 207 -17.21 -24.22 -31.42
N THR B 208 -17.08 -24.22 -32.75
CA THR B 208 -18.19 -24.66 -33.62
C THR B 208 -18.43 -26.15 -33.37
N LEU B 209 -17.36 -26.95 -33.42
CA LEU B 209 -17.43 -28.38 -33.16
C LEU B 209 -18.03 -28.66 -31.78
N LEU B 210 -17.57 -27.89 -30.80
CA LEU B 210 -18.02 -28.02 -29.40
C LEU B 210 -19.51 -27.72 -29.16
N THR B 211 -20.07 -26.79 -29.93
CA THR B 211 -21.42 -26.25 -29.66
C THR B 211 -22.55 -26.65 -30.64
N ARG B 212 -22.20 -27.03 -31.87
CA ARG B 212 -23.23 -27.14 -32.90
C ARG B 212 -24.29 -28.20 -32.57
N ASP B 213 -23.86 -29.30 -31.96
CA ASP B 213 -24.73 -30.45 -31.74
C ASP B 213 -25.57 -30.33 -30.48
N CYS B 214 -25.13 -29.51 -29.53
CA CYS B 214 -25.94 -29.24 -28.34
C CYS B 214 -26.55 -27.81 -28.34
N SER B 215 -26.41 -27.08 -29.44
CA SER B 215 -27.01 -25.75 -29.58
C SER B 215 -28.48 -25.67 -29.15
N ALA B 216 -29.29 -26.66 -29.55
CA ALA B 216 -30.72 -26.66 -29.22
C ALA B 216 -30.95 -26.76 -27.70
N TYR B 217 -30.15 -27.57 -27.02
CA TYR B 217 -30.18 -27.56 -25.55
C TYR B 217 -29.71 -26.23 -24.94
N LEU B 218 -28.65 -25.66 -25.49
CA LEU B 218 -28.06 -24.41 -24.97
C LEU B 218 -29.08 -23.30 -25.03
N THR B 219 -29.98 -23.45 -25.98
CA THR B 219 -30.90 -22.39 -26.35
C THR B 219 -32.34 -22.79 -25.93
N ASP B 220 -32.42 -23.80 -25.07
CA ASP B 220 -33.69 -24.29 -24.48
C ASP B 220 -33.82 -23.54 -23.15
N ARG B 221 -34.62 -22.48 -23.16
CA ARG B 221 -34.60 -21.48 -22.08
C ARG B 221 -35.80 -21.57 -21.17
N TYR B 222 -35.54 -21.42 -19.87
CA TYR B 222 -36.56 -21.36 -18.86
C TYR B 222 -37.75 -20.47 -19.29
N SER B 223 -37.46 -19.23 -19.73
CA SER B 223 -38.52 -18.22 -20.01
C SER B 223 -39.40 -18.65 -21.18
N GLU B 224 -38.79 -19.35 -22.13
CA GLU B 224 -39.49 -19.91 -23.29
C GLU B 224 -40.38 -21.11 -22.89
N ARG B 225 -39.88 -21.98 -22.03
CA ARG B 225 -40.66 -23.14 -21.55
C ARG B 225 -41.84 -22.66 -20.73
N LYS B 226 -41.59 -21.67 -19.87
CA LYS B 226 -42.61 -21.06 -19.03
C LYS B 226 -43.76 -20.49 -19.88
N GLU B 227 -43.39 -19.74 -20.91
CA GLU B 227 -44.35 -19.15 -21.85
C GLU B 227 -45.06 -20.24 -22.66
N SER B 228 -44.35 -21.33 -22.93
CA SER B 228 -44.88 -22.45 -23.72
C SER B 228 -45.87 -23.30 -22.90
N ALA B 229 -45.68 -23.35 -21.58
CA ALA B 229 -46.66 -23.99 -20.71
C ALA B 229 -47.79 -23.02 -20.40
N ASP C 9 -2.50 -22.94 -51.14
CA ASP C 9 -1.72 -23.37 -49.94
C ASP C 9 -1.44 -22.21 -48.99
N LEU C 10 -0.53 -22.43 -48.05
CA LEU C 10 -0.44 -21.59 -46.87
C LEU C 10 1.01 -21.13 -46.61
N PRO C 11 1.57 -20.30 -47.52
CA PRO C 11 3.00 -19.96 -47.42
C PRO C 11 3.40 -19.16 -46.16
N ALA C 12 2.45 -18.51 -45.50
CA ALA C 12 2.75 -17.78 -44.26
C ALA C 12 2.60 -18.64 -43.02
N ALA C 13 2.10 -19.87 -43.16
CA ALA C 13 1.90 -20.73 -41.98
C ALA C 13 3.08 -21.68 -41.76
N ASN C 14 3.37 -22.02 -40.50
CA ASN C 14 4.32 -23.07 -40.17
C ASN C 14 3.55 -24.39 -40.15
N LEU C 15 3.68 -25.19 -41.20
CA LEU C 15 2.91 -26.44 -41.31
C LEU C 15 3.20 -27.42 -40.16
N GLN C 16 4.34 -27.27 -39.49
CA GLN C 16 4.67 -28.11 -38.34
C GLN C 16 3.83 -27.82 -37.11
N GLN C 17 3.33 -26.59 -37.02
CA GLN C 17 2.57 -26.12 -35.89
C GLN C 17 1.08 -26.11 -36.15
N LEU C 18 0.68 -26.16 -37.42
CA LEU C 18 -0.74 -26.23 -37.79
C LEU C 18 -1.28 -27.57 -37.36
N ARG C 19 -2.47 -27.58 -36.75
CA ARG C 19 -3.08 -28.82 -36.30
C ARG C 19 -4.54 -28.80 -36.66
N LEU C 20 -5.05 -29.91 -37.21
CA LEU C 20 -6.47 -30.08 -37.42
C LEU C 20 -7.14 -30.25 -36.07
N PRO C 21 -8.22 -29.48 -35.82
CA PRO C 21 -9.05 -29.70 -34.63
C PRO C 21 -9.45 -31.16 -34.43
N ASP C 22 -9.43 -31.60 -33.17
CA ASP C 22 -9.62 -32.99 -32.80
C ASP C 22 -10.86 -33.10 -31.88
N SER C 23 -11.95 -33.66 -32.42
CA SER C 23 -13.18 -33.94 -31.66
C SER C 23 -12.95 -34.54 -30.27
N ALA C 24 -12.07 -35.55 -30.18
CA ALA C 24 -11.76 -36.20 -28.90
C ALA C 24 -11.13 -35.25 -27.88
N SER C 25 -10.46 -34.21 -28.36
CA SER C 25 -9.86 -33.24 -27.46
C SER C 25 -10.94 -32.30 -26.87
N LEU C 26 -12.10 -32.28 -27.52
CA LEU C 26 -13.22 -31.46 -27.09
C LEU C 26 -14.16 -32.21 -26.15
N ARG C 27 -13.86 -33.49 -25.94
CA ARG C 27 -14.70 -34.38 -25.13
C ARG C 27 -13.87 -35.20 -24.14
N PRO C 28 -13.12 -34.54 -23.24
CA PRO C 28 -12.45 -35.32 -22.20
C PRO C 28 -13.51 -35.73 -21.18
N ALA C 29 -13.22 -36.69 -20.30
CA ALA C 29 -14.19 -37.13 -19.27
C ALA C 29 -14.85 -35.94 -18.57
N PHE C 30 -16.19 -35.89 -18.54
CA PHE C 30 -16.90 -34.83 -17.78
C PHE C 30 -16.46 -34.77 -16.32
N SER C 31 -16.13 -33.58 -15.86
CA SER C 31 -15.92 -33.37 -14.43
C SER C 31 -17.26 -33.50 -13.67
N THR C 32 -17.21 -33.85 -12.40
CA THR C 32 -18.42 -34.01 -11.57
C THR C 32 -18.57 -32.94 -10.48
N HIS C 33 -17.55 -32.12 -10.27
CA HIS C 33 -17.56 -31.09 -9.22
C HIS C 33 -18.47 -29.92 -9.61
N ARG C 34 -19.01 -29.21 -8.62
CA ARG C 34 -19.89 -28.06 -8.89
C ARG C 34 -19.14 -26.98 -9.67
N PRO C 35 -19.74 -26.50 -10.76
CA PRO C 35 -19.10 -25.39 -11.46
C PRO C 35 -18.86 -24.20 -10.53
N ARG C 36 -17.62 -23.73 -10.53
CA ARG C 36 -17.18 -22.66 -9.61
C ARG C 36 -17.45 -21.28 -10.18
N ILE C 37 -18.42 -20.56 -9.60
CA ILE C 37 -18.81 -19.24 -10.13
C ILE C 37 -18.49 -18.15 -9.13
N LEU C 38 -17.67 -17.18 -9.55
CA LEU C 38 -17.40 -16.02 -8.74
C LEU C 38 -18.35 -14.91 -9.14
N ILE C 39 -18.99 -14.27 -8.16
CA ILE C 39 -19.89 -13.16 -8.49
C ILE C 39 -19.31 -11.84 -7.93
N LEU C 40 -19.17 -10.84 -8.80
CA LEU C 40 -18.68 -9.48 -8.44
C LEU C 40 -19.79 -8.46 -8.66
N TYR C 41 -19.92 -7.47 -7.78
CA TYR C 41 -20.93 -6.44 -8.03
C TYR C 41 -20.28 -5.04 -7.87
N GLY C 42 -20.96 -4.00 -8.34
CA GLY C 42 -20.33 -2.69 -8.52
C GLY C 42 -20.80 -1.54 -7.64
N SER C 43 -21.28 -1.84 -6.42
CA SER C 43 -21.84 -0.82 -5.51
C SER C 43 -21.56 -1.13 -4.03
N LEU C 44 -21.35 -0.08 -3.26
CA LEU C 44 -21.27 -0.21 -1.81
C LEU C 44 -22.35 0.60 -1.09
N ARG C 45 -23.38 1.01 -1.83
CA ARG C 45 -24.58 1.62 -1.24
C ARG C 45 -25.22 0.65 -0.24
N THR C 46 -25.79 1.21 0.84
CA THR C 46 -26.40 0.36 1.86
C THR C 46 -27.54 -0.46 1.24
N VAL C 47 -28.37 0.23 0.45
CA VAL C 47 -29.38 -0.43 -0.39
C VAL C 47 -28.79 -0.44 -1.80
N SER C 48 -28.20 -1.57 -2.16
CA SER C 48 -27.57 -1.69 -3.46
C SER C 48 -28.37 -2.71 -4.28
N TYR C 49 -28.95 -2.24 -5.38
CA TYR C 49 -29.66 -3.16 -6.29
C TYR C 49 -28.72 -4.11 -7.02
N SER C 50 -27.48 -3.67 -7.27
CA SER C 50 -26.52 -4.58 -7.92
C SER C 50 -26.17 -5.74 -6.97
N ARG C 51 -26.01 -5.44 -5.68
CA ARG C 51 -25.74 -6.50 -4.70
C ARG C 51 -26.95 -7.42 -4.59
N LEU C 52 -28.13 -6.83 -4.52
CA LEU C 52 -29.33 -7.63 -4.35
C LEU C 52 -29.57 -8.51 -5.59
N LEU C 53 -29.23 -7.99 -6.76
CA LEU C 53 -29.32 -8.80 -7.98
C LEU C 53 -28.27 -9.89 -7.99
N ALA C 54 -27.04 -9.57 -7.53
CA ALA C 54 -25.98 -10.60 -7.38
C ALA C 54 -26.49 -11.75 -6.49
N GLU C 55 -27.20 -11.39 -5.43
CA GLU C 55 -27.71 -12.42 -4.52
C GLU C 55 -28.80 -13.29 -5.18
N GLU C 56 -29.68 -12.68 -5.96
CA GLU C 56 -30.63 -13.48 -6.75
C GLU C 56 -29.91 -14.42 -7.72
N ALA C 57 -28.85 -13.91 -8.35
CA ALA C 57 -28.03 -14.73 -9.23
C ALA C 57 -27.45 -15.91 -8.45
N ARG C 58 -26.92 -15.65 -7.26
CA ARG C 58 -26.37 -16.73 -6.40
C ARG C 58 -27.43 -17.82 -6.14
N ARG C 59 -28.64 -17.42 -5.77
CA ARG C 59 -29.69 -18.39 -5.36
C ARG C 59 -29.99 -19.33 -6.54
N LEU C 60 -30.04 -18.76 -7.75
CA LEU C 60 -30.31 -19.50 -8.97
C LEU C 60 -29.18 -20.43 -9.31
N LEU C 61 -27.96 -19.90 -9.29
CA LEU C 61 -26.79 -20.71 -9.58
C LEU C 61 -26.65 -21.90 -8.62
N GLU C 62 -26.90 -21.65 -7.34
CA GLU C 62 -26.85 -22.70 -6.31
C GLU C 62 -27.93 -23.75 -6.59
N PHE C 63 -29.10 -23.29 -7.01
CA PHE C 63 -30.16 -24.20 -7.38
C PHE C 63 -29.69 -25.13 -8.52
N PHE C 64 -29.05 -24.57 -9.53
CA PHE C 64 -28.53 -25.31 -10.67
C PHE C 64 -27.38 -26.25 -10.31
N GLY C 65 -26.78 -26.07 -9.15
CA GLY C 65 -25.69 -26.97 -8.68
C GLY C 65 -24.30 -26.35 -8.72
N ALA C 66 -24.18 -25.04 -8.93
CA ALA C 66 -22.89 -24.34 -8.90
C ALA C 66 -22.45 -24.10 -7.46
N GLU C 67 -21.13 -24.01 -7.24
CA GLU C 67 -20.55 -23.51 -5.99
C GLU C 67 -20.31 -22.04 -6.23
N VAL C 68 -20.94 -21.19 -5.43
CA VAL C 68 -20.91 -19.73 -5.72
C VAL C 68 -20.20 -19.03 -4.59
N LYS C 69 -19.33 -18.10 -4.96
CA LYS C 69 -18.67 -17.22 -3.99
C LYS C 69 -18.93 -15.79 -4.44
N VAL C 70 -19.45 -14.97 -3.52
CA VAL C 70 -19.76 -13.58 -3.83
C VAL C 70 -18.68 -12.74 -3.12
N PHE C 71 -17.97 -11.91 -3.87
CA PHE C 71 -16.87 -11.10 -3.29
C PHE C 71 -17.45 -9.77 -2.79
N ASP C 72 -17.20 -9.45 -1.52
CA ASP C 72 -17.59 -8.14 -0.97
C ASP C 72 -16.42 -7.15 -1.23
N PRO C 73 -16.63 -6.11 -2.06
CA PRO C 73 -15.53 -5.19 -2.39
C PRO C 73 -15.27 -4.13 -1.32
N SER C 74 -16.05 -4.12 -0.25
CA SER C 74 -15.78 -3.23 0.85
C SER C 74 -14.32 -3.37 1.35
N GLY C 75 -13.60 -2.26 1.37
CA GLY C 75 -12.22 -2.23 1.87
C GLY C 75 -11.18 -2.50 0.78
N LEU C 76 -11.63 -2.70 -0.46
CA LEU C 76 -10.71 -2.83 -1.59
C LEU C 76 -9.99 -1.50 -1.82
N PRO C 77 -8.63 -1.50 -1.78
CA PRO C 77 -7.92 -0.28 -2.09
C PRO C 77 -8.04 0.04 -3.58
N LEU C 78 -7.78 1.29 -3.93
CA LEU C 78 -7.69 1.65 -5.33
C LEU C 78 -6.48 0.92 -5.98
N PRO C 79 -6.64 0.46 -7.23
CA PRO C 79 -5.53 -0.17 -7.94
C PRO C 79 -4.21 0.57 -7.80
N ASP C 80 -3.16 -0.18 -7.42
CA ASP C 80 -1.83 0.38 -7.13
C ASP C 80 -1.67 1.19 -5.86
N ALA C 81 -2.71 1.34 -5.05
CA ALA C 81 -2.59 2.12 -3.79
C ALA C 81 -2.20 1.20 -2.62
N ALA C 82 -1.92 -0.07 -2.91
CA ALA C 82 -1.52 -1.03 -1.89
C ALA C 82 -0.75 -2.17 -2.57
N PRO C 83 0.02 -2.97 -1.79
CA PRO C 83 0.66 -4.08 -2.49
C PRO C 83 -0.35 -5.15 -2.86
N VAL C 84 0.01 -6.01 -3.82
CA VAL C 84 -0.93 -7.07 -4.23
C VAL C 84 -1.27 -8.08 -3.13
N SER C 85 -0.48 -8.07 -2.04
CA SER C 85 -0.75 -8.93 -0.87
C SER C 85 -1.79 -8.33 0.07
N HIS C 86 -2.37 -7.17 -0.29
CA HIS C 86 -3.40 -6.57 0.57
C HIS C 86 -4.55 -7.58 0.75
N PRO C 87 -5.06 -7.73 1.99
CA PRO C 87 -6.08 -8.74 2.25
C PRO C 87 -7.19 -8.83 1.19
N LYS C 88 -7.75 -7.70 0.76
CA LYS C 88 -8.87 -7.77 -0.19
C LYS C 88 -8.44 -8.07 -1.63
N VAL C 89 -7.23 -7.62 -2.00
CA VAL C 89 -6.70 -7.84 -3.33
C VAL C 89 -6.33 -9.33 -3.45
N GLN C 90 -5.68 -9.88 -2.44
CA GLN C 90 -5.35 -11.28 -2.45
C GLN C 90 -6.62 -12.13 -2.48
N GLU C 91 -7.64 -11.76 -1.69
CA GLU C 91 -8.90 -12.48 -1.71
C GLU C 91 -9.54 -12.51 -3.12
N LEU C 92 -9.61 -11.32 -3.75
CA LEU C 92 -10.19 -11.18 -5.07
C LEU C 92 -9.38 -12.02 -6.09
N ARG C 93 -8.05 -11.90 -6.05
CA ARG C 93 -7.22 -12.64 -7.02
C ARG C 93 -7.35 -14.15 -6.86
N GLU C 94 -7.30 -14.62 -5.62
CA GLU C 94 -7.51 -16.03 -5.34
C GLU C 94 -8.89 -16.53 -5.76
N LEU C 95 -9.93 -15.70 -5.53
CA LEU C 95 -11.28 -16.01 -5.99
C LEU C 95 -11.31 -16.15 -7.51
N SER C 96 -10.69 -15.21 -8.23
CA SER C 96 -10.68 -15.30 -9.70
C SER C 96 -9.98 -16.59 -10.16
N ILE C 97 -8.85 -16.91 -9.54
CA ILE C 97 -8.11 -18.12 -9.89
C ILE C 97 -8.95 -19.38 -9.62
N TRP C 98 -9.65 -19.39 -8.49
CA TRP C 98 -10.56 -20.48 -8.13
C TRP C 98 -11.72 -20.64 -9.13
N SER C 99 -12.31 -19.54 -9.59
CA SER C 99 -13.46 -19.57 -10.51
C SER C 99 -13.24 -20.36 -11.80
N GLU C 100 -14.34 -20.90 -12.30
CA GLU C 100 -14.45 -21.44 -13.66
C GLU C 100 -15.33 -20.54 -14.54
N GLY C 101 -16.18 -19.78 -13.87
CA GLY C 101 -16.96 -18.72 -14.52
C GLY C 101 -17.25 -17.61 -13.53
N GLN C 102 -17.76 -16.51 -14.04
CA GLN C 102 -17.97 -15.30 -13.26
C GLN C 102 -19.25 -14.59 -13.72
N VAL C 103 -19.88 -13.87 -12.78
CA VAL C 103 -21.00 -12.97 -13.05
C VAL C 103 -20.54 -11.58 -12.58
N TRP C 104 -20.61 -10.58 -13.45
CA TRP C 104 -20.31 -9.21 -13.04
C TRP C 104 -21.62 -8.41 -13.12
N VAL C 105 -21.98 -7.77 -12.00
CA VAL C 105 -23.23 -7.05 -11.90
C VAL C 105 -22.93 -5.59 -11.57
N SER C 106 -23.13 -4.71 -12.54
CA SER C 106 -22.79 -3.28 -12.33
C SER C 106 -24.01 -2.44 -12.37
N PRO C 107 -24.11 -1.47 -11.44
CA PRO C 107 -25.01 -0.36 -11.66
C PRO C 107 -24.58 0.35 -12.93
N GLU C 108 -25.53 1.03 -13.53
CA GLU C 108 -25.14 1.97 -14.54
C GLU C 108 -25.14 3.34 -13.85
N ARG C 109 -23.97 3.94 -13.74
CA ARG C 109 -23.76 5.18 -12.99
C ARG C 109 -23.16 6.15 -13.97
N HIS C 110 -23.82 7.29 -14.13
CA HIS C 110 -23.49 8.26 -15.20
C HIS C 110 -23.35 7.56 -16.58
N GLY C 111 -24.30 6.66 -16.90
CA GLY C 111 -24.32 5.94 -18.19
C GLY C 111 -23.16 4.99 -18.51
N ALA C 112 -22.55 4.40 -17.48
CA ALA C 112 -21.38 3.56 -17.69
C ALA C 112 -21.29 2.59 -16.52
N MET C 113 -20.50 1.54 -16.68
CA MET C 113 -20.14 0.73 -15.52
C MET C 113 -19.46 1.55 -14.42
N THR C 114 -19.48 1.03 -13.20
CA THR C 114 -19.08 1.83 -12.04
C THR C 114 -17.55 1.73 -11.85
N GLY C 115 -16.98 2.71 -11.16
CA GLY C 115 -15.57 2.62 -10.78
C GLY C 115 -15.29 1.44 -9.89
N ILE C 116 -16.22 1.10 -8.98
CA ILE C 116 -16.04 -0.12 -8.17
C ILE C 116 -15.94 -1.40 -9.03
N MET C 117 -16.85 -1.55 -9.98
CA MET C 117 -16.80 -2.72 -10.86
C MET C 117 -15.44 -2.79 -11.61
N LYS C 118 -15.04 -1.66 -12.24
CA LYS C 118 -13.79 -1.62 -13.01
C LYS C 118 -12.54 -1.77 -12.15
N ALA C 119 -12.54 -1.18 -10.96
CA ALA C 119 -11.40 -1.32 -10.03
C ALA C 119 -11.13 -2.77 -9.65
N GLN C 120 -12.19 -3.57 -9.49
CA GLN C 120 -12.00 -5.01 -9.25
C GLN C 120 -11.30 -5.71 -10.40
N ILE C 121 -11.74 -5.45 -11.63
CA ILE C 121 -11.10 -6.08 -12.76
C ILE C 121 -9.69 -5.50 -12.97
N ASP C 122 -9.52 -4.19 -12.78
CA ASP C 122 -8.17 -3.65 -12.81
C ASP C 122 -7.16 -4.42 -11.94
N TRP C 123 -7.60 -4.84 -10.75
CA TRP C 123 -6.74 -5.58 -9.82
C TRP C 123 -6.42 -7.02 -10.26
N ILE C 124 -7.16 -7.54 -11.23
CA ILE C 124 -6.93 -8.92 -11.69
C ILE C 124 -5.95 -8.90 -12.88
N PRO C 125 -4.81 -9.61 -12.76
CA PRO C 125 -3.85 -9.59 -13.88
C PRO C 125 -4.18 -10.66 -14.91
N LEU C 126 -3.79 -10.47 -16.17
CA LEU C 126 -3.98 -11.51 -17.19
C LEU C 126 -3.18 -12.77 -16.86
N SER C 127 -2.03 -12.57 -16.24
CA SER C 127 -1.25 -13.71 -15.82
C SER C 127 -0.45 -13.42 -14.56
N THR C 128 -0.23 -14.46 -13.77
CA THR C 128 0.76 -14.37 -12.71
C THR C 128 1.53 -15.69 -12.61
N GLY C 129 2.81 -15.60 -13.00
CA GLY C 129 3.60 -16.78 -13.29
C GLY C 129 2.89 -17.54 -14.41
N SER C 130 2.68 -18.84 -14.18
CA SER C 130 1.98 -19.71 -15.14
C SER C 130 0.45 -19.65 -15.04
N ILE C 131 -0.07 -19.00 -14.02
CA ILE C 131 -1.53 -18.99 -13.76
C ILE C 131 -2.19 -17.87 -14.56
N ARG C 132 -3.34 -18.17 -15.17
CA ARG C 132 -4.12 -17.20 -15.94
C ARG C 132 -5.45 -17.05 -15.17
N PRO C 133 -5.56 -15.97 -14.38
CA PRO C 133 -6.77 -15.80 -13.54
C PRO C 133 -8.15 -15.78 -14.25
N THR C 134 -8.20 -15.41 -15.51
CA THR C 134 -9.50 -15.26 -16.21
C THR C 134 -9.57 -16.01 -17.55
N GLN C 135 -8.43 -16.28 -18.17
CA GLN C 135 -8.46 -16.79 -19.53
C GLN C 135 -9.33 -18.05 -19.70
N GLY C 136 -10.22 -18.00 -20.71
CA GLY C 136 -10.97 -19.19 -21.08
C GLY C 136 -12.20 -19.45 -20.21
N LYS C 137 -12.35 -18.68 -19.13
CA LYS C 137 -13.43 -18.90 -18.15
C LYS C 137 -14.69 -18.24 -18.67
N THR C 138 -15.85 -18.71 -18.23
CA THR C 138 -17.12 -18.17 -18.77
C THR C 138 -17.47 -16.85 -18.03
N LEU C 139 -18.26 -15.99 -18.69
CA LEU C 139 -18.65 -14.74 -18.06
C LEU C 139 -20.08 -14.40 -18.41
N ALA C 140 -20.87 -14.03 -17.40
CA ALA C 140 -22.19 -13.43 -17.62
C ALA C 140 -22.17 -11.97 -17.12
N VAL C 141 -22.63 -11.03 -17.94
CA VAL C 141 -22.68 -9.62 -17.50
C VAL C 141 -24.12 -9.20 -17.25
N MET C 142 -24.31 -8.36 -16.23
CA MET C 142 -25.65 -7.88 -15.87
C MET C 142 -25.51 -6.45 -15.37
N GLN C 143 -26.55 -5.66 -15.56
CA GLN C 143 -26.56 -4.31 -14.99
C GLN C 143 -27.91 -3.97 -14.38
N VAL C 144 -27.91 -2.94 -13.55
CA VAL C 144 -29.12 -2.45 -12.94
C VAL C 144 -29.07 -0.91 -13.02
N SER C 145 -30.23 -0.29 -13.01
CA SER C 145 -30.27 1.17 -13.04
C SER C 145 -31.52 1.64 -12.34
N GLY C 146 -31.45 2.87 -11.80
CA GLY C 146 -32.59 3.51 -11.19
C GLY C 146 -33.48 4.17 -12.24
N GLY C 147 -32.96 4.25 -13.46
CA GLY C 147 -33.71 4.88 -14.56
C GLY C 147 -34.19 3.86 -15.59
N SER C 148 -34.52 4.36 -16.77
CA SER C 148 -35.07 3.54 -17.80
C SER C 148 -33.92 2.71 -18.34
N GLN C 149 -34.27 1.71 -19.14
CA GLN C 149 -33.32 0.73 -19.63
C GLN C 149 -32.16 1.39 -20.39
N SER C 150 -30.99 0.77 -20.27
CA SER C 150 -29.80 1.10 -21.04
C SER C 150 -28.99 -0.19 -21.15
N PHE C 151 -28.05 -0.21 -22.08
CA PHE C 151 -27.07 -1.31 -22.16
C PHE C 151 -25.64 -0.80 -22.07
N ASN C 152 -25.44 0.47 -21.70
CA ASN C 152 -24.10 1.05 -21.73
C ASN C 152 -23.14 0.23 -20.85
N ALA C 153 -23.58 -0.10 -19.64
CA ALA C 153 -22.69 -0.80 -18.69
C ALA C 153 -22.36 -2.22 -19.16
N VAL C 154 -23.38 -2.96 -19.61
CA VAL C 154 -23.15 -4.33 -20.06
C VAL C 154 -22.34 -4.34 -21.36
N ASN C 155 -22.51 -3.33 -22.21
CA ASN C 155 -21.64 -3.20 -23.40
C ASN C 155 -20.17 -3.04 -23.00
N GLN C 156 -19.89 -2.14 -22.06
CA GLN C 156 -18.53 -1.94 -21.58
C GLN C 156 -17.98 -3.24 -21.00
N MET C 157 -18.81 -3.93 -20.20
CA MET C 157 -18.36 -5.18 -19.57
C MET C 157 -18.12 -6.28 -20.57
N ARG C 158 -18.90 -6.30 -21.65
CA ARG C 158 -18.74 -7.38 -22.63
C ARG C 158 -17.40 -7.17 -23.37
N ILE C 159 -17.06 -5.91 -23.68
CA ILE C 159 -15.75 -5.61 -24.32
C ILE C 159 -14.61 -5.98 -23.33
N LEU C 160 -14.81 -5.63 -22.07
CA LEU C 160 -13.87 -5.95 -21.01
C LEU C 160 -13.65 -7.48 -20.90
N GLY C 161 -14.72 -8.24 -21.06
CA GLY C 161 -14.65 -9.72 -21.06
C GLY C 161 -13.71 -10.23 -22.16
N ARG C 162 -13.76 -9.65 -23.35
CA ARG C 162 -12.78 -9.96 -24.39
C ARG C 162 -11.34 -9.73 -23.93
N TRP C 163 -11.09 -8.56 -23.35
CA TRP C 163 -9.73 -8.20 -22.86
C TRP C 163 -9.23 -9.19 -21.82
N MET C 164 -10.16 -9.72 -21.03
CA MET C 164 -9.81 -10.72 -20.01
C MET C 164 -9.79 -12.16 -20.57
N ARG C 165 -10.10 -12.28 -21.88
CA ARG C 165 -10.05 -13.53 -22.65
C ARG C 165 -11.05 -14.56 -22.17
N MET C 166 -12.20 -14.04 -21.70
CA MET C 166 -13.28 -14.85 -21.21
C MET C 166 -14.25 -15.22 -22.31
N ILE C 167 -14.96 -16.32 -22.08
CA ILE C 167 -16.10 -16.70 -22.94
C ILE C 167 -17.35 -16.00 -22.39
N THR C 168 -17.66 -14.84 -22.95
CA THR C 168 -18.80 -14.05 -22.48
C THR C 168 -20.04 -14.60 -23.17
N ILE C 169 -20.93 -15.19 -22.37
CA ILE C 169 -22.11 -15.85 -22.92
C ILE C 169 -23.01 -14.80 -23.62
N PRO C 170 -23.78 -15.23 -24.65
CA PRO C 170 -24.55 -14.23 -25.36
C PRO C 170 -25.65 -13.58 -24.50
N ASN C 171 -26.32 -14.34 -23.65
CA ASN C 171 -27.46 -13.72 -22.92
C ASN C 171 -26.94 -12.78 -21.79
N GLN C 172 -27.69 -11.71 -21.50
CA GLN C 172 -27.26 -10.78 -20.46
C GLN C 172 -28.49 -10.13 -19.85
N SER C 173 -28.30 -9.45 -18.73
CA SER C 173 -29.45 -8.87 -18.00
C SER C 173 -29.27 -7.35 -17.84
N SER C 174 -30.32 -6.58 -18.14
CA SER C 174 -30.33 -5.15 -17.84
C SER C 174 -31.65 -4.82 -17.13
N VAL C 175 -31.55 -4.55 -15.85
CA VAL C 175 -32.75 -4.20 -15.10
C VAL C 175 -32.96 -2.74 -14.89
N ALA C 176 -34.08 -2.29 -15.42
CA ALA C 176 -34.47 -0.90 -15.44
C ALA C 176 -35.30 -0.61 -14.19
N LYS C 177 -35.24 0.63 -13.73
CA LYS C 177 -36.03 1.10 -12.58
C LYS C 177 -36.04 0.06 -11.44
N ALA C 178 -34.85 -0.27 -11.02
CA ALA C 178 -34.63 -1.42 -10.12
C ALA C 178 -35.46 -1.41 -8.83
N PHE C 179 -35.67 -0.21 -8.28
CA PHE C 179 -36.47 -0.01 -7.06
C PHE C 179 -37.90 -0.50 -7.19
N GLN C 180 -38.39 -0.61 -8.43
CA GLN C 180 -39.74 -1.14 -8.67
C GLN C 180 -39.74 -2.66 -8.59
N GLU C 181 -38.56 -3.26 -8.67
CA GLU C 181 -38.49 -4.73 -8.84
C GLU C 181 -38.14 -5.45 -7.55
N PHE C 182 -37.51 -4.76 -6.62
CA PHE C 182 -37.11 -5.37 -5.34
C PHE C 182 -38.00 -4.93 -4.20
N ASP C 183 -38.49 -5.90 -3.46
CA ASP C 183 -39.37 -5.66 -2.34
C ASP C 183 -38.57 -5.26 -1.09
N ALA C 184 -39.27 -5.12 0.04
CA ALA C 184 -38.65 -4.62 1.27
C ALA C 184 -37.65 -5.60 1.84
N ASN C 185 -37.79 -6.87 1.47
CA ASN C 185 -36.88 -7.89 1.91
C ASN C 185 -35.69 -8.11 0.96
N GLY C 186 -35.59 -7.30 -0.09
CA GLY C 186 -34.46 -7.35 -1.05
C GLY C 186 -34.61 -8.43 -2.11
N ARG C 187 -35.85 -8.90 -2.29
CA ARG C 187 -36.14 -9.96 -3.22
C ARG C 187 -36.85 -9.43 -4.43
N MET C 188 -36.50 -9.97 -5.59
CA MET C 188 -37.01 -9.56 -6.89
C MET C 188 -38.39 -10.16 -7.11
N LYS C 189 -39.35 -9.36 -7.56
CA LYS C 189 -40.70 -9.87 -7.80
C LYS C 189 -40.72 -10.60 -9.14
N PRO C 190 -41.69 -11.51 -9.35
CA PRO C 190 -41.80 -12.14 -10.66
C PRO C 190 -42.00 -11.10 -11.77
N SER C 191 -41.24 -11.24 -12.85
CA SER C 191 -41.30 -10.21 -13.92
C SER C 191 -40.57 -10.77 -15.09
N SER C 192 -40.70 -10.11 -16.24
CA SER C 192 -39.82 -10.38 -17.39
C SER C 192 -38.34 -10.21 -17.06
N TYR C 193 -38.02 -9.24 -16.19
CA TYR C 193 -36.60 -9.07 -15.81
C TYR C 193 -36.10 -10.30 -15.09
N TYR C 194 -36.91 -10.81 -14.17
CA TYR C 194 -36.49 -11.95 -13.36
C TYR C 194 -36.34 -13.17 -14.22
N ASP C 195 -37.28 -13.38 -15.14
CA ASP C 195 -37.21 -14.51 -16.06
C ASP C 195 -35.92 -14.42 -16.89
N ARG C 196 -35.50 -13.21 -17.26
CA ARG C 196 -34.21 -13.03 -17.97
C ARG C 196 -33.03 -13.46 -17.09
N VAL C 197 -33.02 -13.01 -15.85
CA VAL C 197 -31.99 -13.42 -14.89
C VAL C 197 -31.85 -14.95 -14.84
N VAL C 198 -33.00 -15.65 -14.70
CA VAL C 198 -33.01 -17.14 -14.70
C VAL C 198 -32.36 -17.67 -15.97
N ASP C 199 -32.74 -17.14 -17.14
CA ASP C 199 -32.19 -17.61 -18.42
C ASP C 199 -30.68 -17.38 -18.46
N VAL C 200 -30.23 -16.25 -17.95
CA VAL C 200 -28.80 -15.95 -18.02
C VAL C 200 -28.03 -16.94 -17.15
N MET C 201 -28.51 -17.16 -15.92
CA MET C 201 -27.80 -18.10 -15.00
C MET C 201 -27.85 -19.53 -15.55
N GLU C 202 -29.01 -19.92 -16.07
CA GLU C 202 -29.23 -21.23 -16.70
C GLU C 202 -28.19 -21.43 -17.83
N GLU C 203 -28.06 -20.44 -18.70
CA GLU C 203 -27.08 -20.45 -19.79
C GLU C 203 -25.65 -20.47 -19.28
N LEU C 204 -25.34 -19.65 -18.30
CA LEU C 204 -24.00 -19.65 -17.73
C LEU C 204 -23.56 -21.03 -17.23
N VAL C 205 -24.45 -21.71 -16.51
CA VAL C 205 -24.10 -23.03 -15.97
C VAL C 205 -23.84 -23.99 -17.12
N LYS C 206 -24.70 -23.95 -18.15
CA LYS C 206 -24.52 -24.84 -19.32
C LYS C 206 -23.19 -24.56 -20.02
N PHE C 207 -22.88 -23.29 -20.30
CA PHE C 207 -21.59 -22.93 -20.94
C PHE C 207 -20.37 -23.34 -20.12
N THR C 208 -20.48 -23.18 -18.79
CA THR C 208 -19.38 -23.50 -17.89
C THR C 208 -19.15 -25.03 -17.89
N LEU C 209 -20.22 -25.80 -17.77
CA LEU C 209 -20.11 -27.27 -17.85
C LEU C 209 -19.54 -27.73 -19.20
N LEU C 210 -19.93 -27.05 -20.28
CA LEU C 210 -19.57 -27.43 -21.65
C LEU C 210 -18.09 -27.22 -21.93
N THR C 211 -17.57 -26.11 -21.41
CA THR C 211 -16.20 -25.63 -21.74
C THR C 211 -15.08 -25.93 -20.74
N ARG C 212 -15.40 -26.09 -19.45
CA ARG C 212 -14.35 -26.11 -18.42
C ARG C 212 -13.35 -27.25 -18.60
N ASP C 213 -13.84 -28.42 -18.98
CA ASP C 213 -12.98 -29.59 -19.11
C ASP C 213 -12.06 -29.53 -20.32
N CYS C 214 -12.49 -28.88 -21.39
CA CYS C 214 -11.61 -28.75 -22.55
C CYS C 214 -11.00 -27.37 -22.73
N SER C 215 -11.06 -26.53 -21.69
CA SER C 215 -10.53 -25.15 -21.78
C SER C 215 -9.03 -25.10 -22.18
N ALA C 216 -8.23 -25.99 -21.61
CA ALA C 216 -6.82 -26.06 -21.97
C ALA C 216 -6.61 -26.36 -23.47
N TYR C 217 -7.42 -27.24 -24.04
CA TYR C 217 -7.38 -27.48 -25.50
C TYR C 217 -7.81 -26.26 -26.28
N LEU C 218 -8.91 -25.64 -25.83
CA LEU C 218 -9.47 -24.45 -26.45
C LEU C 218 -8.43 -23.30 -26.45
N THR C 219 -7.57 -23.25 -25.45
CA THR C 219 -6.57 -22.18 -25.44
C THR C 219 -5.17 -22.67 -25.83
N ASP C 220 -5.08 -23.84 -26.48
CA ASP C 220 -3.85 -24.38 -27.06
C ASP C 220 -3.75 -23.84 -28.47
N ARG C 221 -2.95 -22.78 -28.60
CA ARG C 221 -2.93 -21.93 -29.77
C ARG C 221 -1.71 -22.14 -30.63
N TYR C 222 -1.97 -22.14 -31.94
CA TYR C 222 -0.94 -22.18 -32.96
C TYR C 222 0.23 -21.25 -32.66
N SER C 223 -0.08 -19.98 -32.37
CA SER C 223 0.97 -18.96 -32.22
C SER C 223 1.87 -19.30 -31.03
N GLU C 224 1.29 -19.85 -29.98
CA GLU C 224 2.05 -20.18 -28.76
C GLU C 224 2.86 -21.46 -28.93
N ARG C 225 2.29 -22.43 -29.65
CA ARG C 225 3.06 -23.61 -30.06
C ARG C 225 4.25 -23.23 -30.96
N LYS C 226 4.04 -22.24 -31.82
CA LYS C 226 5.08 -21.73 -32.71
C LYS C 226 6.22 -21.05 -31.91
N GLU C 227 5.88 -20.22 -30.93
CA GLU C 227 6.89 -19.56 -30.09
C GLU C 227 7.60 -20.53 -29.13
N SER C 228 6.91 -21.58 -28.69
CA SER C 228 7.58 -22.64 -27.90
C SER C 228 8.59 -23.41 -28.75
N ALA C 229 8.23 -23.69 -29.99
CA ALA C 229 9.12 -24.40 -30.91
C ALA C 229 10.37 -23.59 -31.26
N HIS D 8 -45.43 25.38 -40.79
CA HIS D 8 -45.66 24.03 -40.18
C HIS D 8 -45.68 24.08 -38.65
N ASP D 9 -46.88 23.94 -38.08
CA ASP D 9 -47.06 24.23 -36.67
C ASP D 9 -46.60 23.09 -35.75
N LEU D 10 -46.66 23.38 -34.46
CA LEU D 10 -45.96 22.61 -33.47
C LEU D 10 -46.97 22.23 -32.39
N PRO D 11 -47.96 21.37 -32.74
CA PRO D 11 -49.08 21.07 -31.82
C PRO D 11 -48.63 20.47 -30.49
N ALA D 12 -47.46 19.81 -30.45
CA ALA D 12 -46.95 19.18 -29.23
C ALA D 12 -46.11 20.11 -28.37
N ALA D 13 -45.81 21.31 -28.89
CA ALA D 13 -45.03 22.30 -28.15
C ALA D 13 -45.91 23.29 -27.39
N ASN D 14 -45.45 23.65 -26.19
CA ASN D 14 -45.99 24.72 -25.37
C ASN D 14 -45.43 26.04 -25.87
N LEU D 15 -46.23 26.80 -26.62
CA LEU D 15 -45.70 27.98 -27.30
C LEU D 15 -45.14 29.01 -26.34
N GLN D 16 -45.70 29.05 -25.13
CA GLN D 16 -45.28 30.02 -24.11
C GLN D 16 -43.84 29.82 -23.66
N GLN D 17 -43.32 28.60 -23.70
CA GLN D 17 -41.91 28.34 -23.24
C GLN D 17 -40.89 28.22 -24.37
N LEU D 18 -41.35 28.27 -25.62
CA LEU D 18 -40.44 28.28 -26.77
C LEU D 18 -39.73 29.64 -26.83
N ARG D 19 -38.46 29.63 -27.21
CA ARG D 19 -37.72 30.88 -27.38
C ARG D 19 -36.92 30.78 -28.64
N LEU D 20 -36.93 31.85 -29.44
CA LEU D 20 -36.04 31.93 -30.59
C LEU D 20 -34.64 32.15 -30.05
N PRO D 21 -33.66 31.32 -30.47
CA PRO D 21 -32.27 31.56 -30.03
C PRO D 21 -31.78 32.96 -30.36
N ASP D 22 -31.18 33.59 -29.36
CA ASP D 22 -30.83 35.02 -29.37
C ASP D 22 -29.33 35.20 -29.44
N SER D 23 -28.86 35.70 -30.58
CA SER D 23 -27.45 35.93 -30.87
C SER D 23 -26.75 36.77 -29.79
N ALA D 24 -27.38 37.88 -29.37
CA ALA D 24 -26.84 38.73 -28.30
C ALA D 24 -26.51 37.94 -27.03
N SER D 25 -27.37 36.99 -26.69
CA SER D 25 -27.23 36.16 -25.49
C SER D 25 -26.06 35.19 -25.53
N LEU D 26 -25.53 34.96 -26.73
CA LEU D 26 -24.33 34.12 -26.91
C LEU D 26 -23.07 34.95 -26.80
N ARG D 27 -23.23 36.26 -26.68
CA ARG D 27 -22.09 37.18 -26.55
C ARG D 27 -22.20 38.19 -25.44
N PRO D 28 -22.31 37.72 -24.18
CA PRO D 28 -22.25 38.71 -23.12
C PRO D 28 -20.77 39.11 -22.92
N ALA D 29 -20.50 40.16 -22.16
CA ALA D 29 -19.13 40.60 -21.89
C ALA D 29 -18.18 39.44 -21.54
N PHE D 30 -16.96 39.47 -22.07
CA PHE D 30 -15.96 38.48 -21.71
C PHE D 30 -15.56 38.58 -20.24
N SER D 31 -15.49 37.42 -19.59
CA SER D 31 -14.86 37.30 -18.28
C SER D 31 -13.40 37.69 -18.39
N THR D 32 -12.84 38.15 -17.27
CA THR D 32 -11.47 38.64 -17.29
C THR D 32 -10.56 37.85 -16.36
N HIS D 33 -11.07 36.78 -15.74
CA HIS D 33 -10.22 35.92 -14.94
C HIS D 33 -9.72 34.76 -15.81
N ARG D 34 -8.60 34.16 -15.39
CA ARG D 34 -8.05 32.99 -16.09
C ARG D 34 -9.05 31.85 -16.18
N PRO D 35 -9.15 31.21 -17.36
CA PRO D 35 -10.02 30.03 -17.52
C PRO D 35 -9.61 28.97 -16.45
N ARG D 36 -10.58 28.43 -15.70
CA ARG D 36 -10.31 27.52 -14.57
C ARG D 36 -10.40 26.06 -15.01
N ILE D 37 -9.23 25.42 -15.10
CA ILE D 37 -9.16 24.02 -15.58
C ILE D 37 -8.77 23.05 -14.48
N LEU D 38 -9.61 22.03 -14.29
CA LEU D 38 -9.30 20.94 -13.38
C LEU D 38 -8.77 19.77 -14.17
N ILE D 39 -7.66 19.21 -13.73
CA ILE D 39 -7.17 17.99 -14.34
C ILE D 39 -7.35 16.80 -13.40
N LEU D 40 -7.92 15.73 -13.94
CA LEU D 40 -8.05 14.46 -13.21
C LEU D 40 -7.28 13.39 -13.97
N TYR D 41 -6.66 12.49 -13.23
CA TYR D 41 -5.97 11.38 -13.89
C TYR D 41 -6.30 10.04 -13.25
N GLY D 42 -5.96 8.95 -13.94
CA GLY D 42 -6.53 7.65 -13.61
C GLY D 42 -5.57 6.59 -13.10
N SER D 43 -4.47 6.99 -12.45
CA SER D 43 -3.49 6.03 -11.92
C SER D 43 -2.86 6.51 -10.61
N LEU D 44 -2.54 5.53 -9.76
CA LEU D 44 -1.76 5.78 -8.55
C LEU D 44 -0.43 5.05 -8.58
N ARG D 45 0.03 4.67 -9.78
CA ARG D 45 1.38 4.06 -9.88
C ARG D 45 2.46 5.09 -9.54
N THR D 46 3.56 4.60 -8.95
CA THR D 46 4.70 5.45 -8.64
C THR D 46 5.16 6.16 -9.91
N VAL D 47 5.45 5.40 -10.96
CA VAL D 47 5.69 5.95 -12.30
C VAL D 47 4.38 5.85 -13.11
N SER D 48 3.68 6.98 -13.18
CA SER D 48 2.39 7.00 -13.83
C SER D 48 2.49 7.87 -15.04
N TYR D 49 2.34 7.27 -16.22
CA TYR D 49 2.31 8.05 -17.46
C TYR D 49 1.09 8.98 -17.61
N SER D 50 -0.04 8.58 -17.02
CA SER D 50 -1.23 9.47 -17.02
C SER D 50 -0.95 10.70 -16.16
N ARG D 51 -0.33 10.50 -15.00
CA ARG D 51 0.04 11.67 -14.17
C ARG D 51 1.08 12.54 -14.89
N LEU D 52 2.09 11.91 -15.49
CA LEU D 52 3.11 12.68 -16.24
C LEU D 52 2.49 13.43 -17.43
N LEU D 53 1.55 12.77 -18.10
CA LEU D 53 0.81 13.44 -19.17
C LEU D 53 -0.05 14.59 -18.63
N ALA D 54 -0.70 14.37 -17.49
CA ALA D 54 -1.45 15.43 -16.82
C ALA D 54 -0.59 16.66 -16.51
N GLU D 55 0.67 16.44 -16.15
CA GLU D 55 1.53 17.54 -15.80
C GLU D 55 1.99 18.28 -17.05
N GLU D 56 2.16 17.56 -18.16
CA GLU D 56 2.51 18.19 -19.42
C GLU D 56 1.33 19.02 -19.91
N ALA D 57 0.12 18.50 -19.69
CA ALA D 57 -1.12 19.23 -20.01
C ALA D 57 -1.21 20.50 -19.17
N ARG D 58 -0.93 20.41 -17.87
CA ARG D 58 -0.90 21.60 -17.00
C ARG D 58 0.02 22.72 -17.49
N ARG D 59 1.23 22.35 -17.93
CA ARG D 59 2.23 23.34 -18.33
C ARG D 59 1.75 24.09 -19.58
N LEU D 60 1.12 23.34 -20.49
CA LEU D 60 0.59 23.89 -21.73
C LEU D 60 -0.58 24.82 -21.44
N LEU D 61 -1.49 24.32 -20.62
CA LEU D 61 -2.65 25.12 -20.20
C LEU D 61 -2.22 26.43 -19.55
N GLU D 62 -1.21 26.35 -18.69
CA GLU D 62 -0.72 27.53 -18.03
C GLU D 62 -0.07 28.48 -19.02
N PHE D 63 0.71 27.95 -19.97
CA PHE D 63 1.22 28.81 -21.06
C PHE D 63 0.06 29.50 -21.82
N PHE D 64 -1.05 28.78 -22.04
CA PHE D 64 -2.21 29.37 -22.74
C PHE D 64 -3.02 30.29 -21.84
N GLY D 65 -2.59 30.40 -20.58
CA GLY D 65 -3.17 31.37 -19.65
C GLY D 65 -4.25 30.82 -18.74
N ALA D 66 -4.41 29.49 -18.68
CA ALA D 66 -5.40 28.94 -17.77
C ALA D 66 -4.86 28.92 -16.37
N GLU D 67 -5.77 28.93 -15.39
CA GLU D 67 -5.45 28.62 -14.01
C GLU D 67 -5.76 27.14 -13.81
N VAL D 68 -4.74 26.37 -13.40
CA VAL D 68 -4.86 24.91 -13.39
C VAL D 68 -4.79 24.33 -11.98
N LYS D 69 -5.69 23.39 -11.70
CA LYS D 69 -5.58 22.60 -10.48
C LYS D 69 -5.61 21.12 -10.82
N VAL D 70 -4.74 20.35 -10.17
CA VAL D 70 -4.67 18.93 -10.43
C VAL D 70 -5.07 18.23 -9.15
N PHE D 71 -6.05 17.32 -9.26
CA PHE D 71 -6.50 16.55 -8.10
C PHE D 71 -5.65 15.28 -7.94
N ASP D 72 -5.16 15.03 -6.73
CA ASP D 72 -4.47 13.79 -6.39
C ASP D 72 -5.51 12.85 -5.81
N PRO D 73 -5.85 11.76 -6.54
CA PRO D 73 -6.84 10.79 -6.10
C PRO D 73 -6.40 9.86 -4.95
N SER D 74 -5.13 9.86 -4.58
CA SER D 74 -4.65 9.09 -3.42
C SER D 74 -5.54 9.32 -2.19
N GLY D 75 -6.06 8.25 -1.59
CA GLY D 75 -6.92 8.39 -0.41
C GLY D 75 -8.39 8.66 -0.66
N LEU D 76 -8.77 8.74 -1.92
CA LEU D 76 -10.20 8.80 -2.29
C LEU D 76 -10.89 7.49 -1.93
N PRO D 77 -11.93 7.54 -1.07
CA PRO D 77 -12.67 6.31 -0.77
C PRO D 77 -13.41 5.79 -2.00
N LEU D 78 -13.73 4.50 -2.03
CA LEU D 78 -14.63 4.00 -3.06
C LEU D 78 -15.97 4.73 -2.95
N PRO D 79 -16.61 5.03 -4.10
CA PRO D 79 -17.96 5.64 -4.08
C PRO D 79 -18.90 4.96 -3.07
N ASP D 80 -19.56 5.78 -2.24
CA ASP D 80 -20.49 5.31 -1.19
C ASP D 80 -19.84 4.58 -0.01
N ALA D 81 -18.50 4.47 0.01
CA ALA D 81 -17.78 3.79 1.06
C ALA D 81 -17.48 4.71 2.23
N ALA D 82 -17.80 6.00 2.06
CA ALA D 82 -17.58 7.02 3.10
C ALA D 82 -18.66 8.08 2.95
N PRO D 83 -18.90 8.89 4.03
CA PRO D 83 -19.82 10.04 3.90
C PRO D 83 -19.28 11.04 2.88
N VAL D 84 -20.17 11.78 2.20
CA VAL D 84 -19.70 12.79 1.23
C VAL D 84 -18.85 13.88 1.88
N SER D 85 -18.90 13.96 3.22
CA SER D 85 -18.09 14.91 3.98
C SER D 85 -16.63 14.47 4.11
N HIS D 86 -16.29 13.31 3.55
CA HIS D 86 -14.91 12.84 3.57
C HIS D 86 -14.04 13.88 2.87
N PRO D 87 -12.90 14.26 3.49
CA PRO D 87 -12.04 15.35 2.98
C PRO D 87 -11.65 15.27 1.49
N LYS D 88 -11.32 14.08 0.98
CA LYS D 88 -11.01 13.88 -0.45
C LYS D 88 -12.25 14.05 -1.34
N VAL D 89 -13.39 13.61 -0.86
CA VAL D 89 -14.66 13.78 -1.60
C VAL D 89 -15.04 15.26 -1.68
N GLN D 90 -14.91 15.98 -0.55
CA GLN D 90 -15.24 17.43 -0.53
C GLN D 90 -14.27 18.13 -1.50
N GLU D 91 -12.99 17.73 -1.44
CA GLU D 91 -11.94 18.37 -2.24
C GLU D 91 -12.28 18.25 -3.70
N LEU D 92 -12.58 17.00 -4.11
CA LEU D 92 -12.92 16.72 -5.48
C LEU D 92 -14.14 17.49 -5.94
N ARG D 93 -15.20 17.46 -5.14
CA ARG D 93 -16.43 18.13 -5.51
C ARG D 93 -16.22 19.61 -5.56
N GLU D 94 -15.46 20.16 -4.60
CA GLU D 94 -15.17 21.60 -4.58
C GLU D 94 -14.38 22.00 -5.82
N LEU D 95 -13.37 21.19 -6.18
CA LEU D 95 -12.63 21.46 -7.41
C LEU D 95 -13.51 21.39 -8.66
N SER D 96 -14.40 20.39 -8.72
CA SER D 96 -15.29 20.30 -9.89
C SER D 96 -16.18 21.57 -10.03
N ILE D 97 -16.74 22.01 -8.91
CA ILE D 97 -17.57 23.21 -8.86
C ILE D 97 -16.74 24.45 -9.29
N TRP D 98 -15.50 24.53 -8.81
CA TRP D 98 -14.58 25.62 -9.16
C TRP D 98 -14.29 25.67 -10.67
N SER D 99 -14.15 24.48 -11.28
CA SER D 99 -13.69 24.36 -12.65
C SER D 99 -14.65 25.02 -13.65
N GLU D 100 -14.07 25.49 -14.75
CA GLU D 100 -14.84 25.92 -15.92
C GLU D 100 -14.63 24.93 -17.08
N GLY D 101 -13.53 24.17 -17.00
CA GLY D 101 -13.29 23.07 -17.91
C GLY D 101 -12.45 22.03 -17.20
N GLN D 102 -12.38 20.85 -17.81
CA GLN D 102 -11.60 19.73 -17.21
C GLN D 102 -10.86 18.98 -18.29
N VAL D 103 -9.77 18.32 -17.85
CA VAL D 103 -9.06 17.31 -18.61
C VAL D 103 -9.13 16.04 -17.78
N TRP D 104 -9.54 14.96 -18.44
CA TRP D 104 -9.46 13.63 -17.86
C TRP D 104 -8.40 12.79 -18.60
N VAL D 105 -7.42 12.28 -17.85
CA VAL D 105 -6.31 11.51 -18.41
C VAL D 105 -6.36 10.12 -17.79
N SER D 106 -6.81 9.13 -18.57
CA SER D 106 -6.89 7.77 -18.07
C SER D 106 -5.87 6.83 -18.74
N PRO D 107 -5.21 5.96 -17.96
CA PRO D 107 -4.59 4.80 -18.62
C PRO D 107 -5.67 3.95 -19.33
N GLU D 108 -5.23 3.13 -20.27
CA GLU D 108 -6.07 2.05 -20.78
C GLU D 108 -5.62 0.81 -20.03
N ARG D 109 -6.46 0.35 -19.13
CA ARG D 109 -6.17 -0.88 -18.38
C ARG D 109 -7.20 -1.91 -18.77
N HIS D 110 -6.75 -3.09 -19.21
CA HIS D 110 -7.69 -4.11 -19.73
C HIS D 110 -8.60 -3.53 -20.82
N GLY D 111 -8.02 -2.66 -21.67
CA GLY D 111 -8.76 -2.08 -22.79
C GLY D 111 -9.83 -1.05 -22.47
N ALA D 112 -9.85 -0.51 -21.25
CA ALA D 112 -10.92 0.42 -20.86
C ALA D 112 -10.33 1.53 -20.00
N MET D 113 -11.14 2.58 -19.75
CA MET D 113 -10.76 3.57 -18.74
C MET D 113 -10.62 2.86 -17.40
N THR D 114 -9.87 3.49 -16.51
CA THR D 114 -9.47 2.88 -15.30
C THR D 114 -10.58 3.05 -14.24
N GLY D 115 -10.62 2.14 -13.26
CA GLY D 115 -11.52 2.28 -12.10
C GLY D 115 -11.29 3.55 -11.31
N ILE D 116 -10.02 3.94 -11.14
CA ILE D 116 -9.72 5.23 -10.46
C ILE D 116 -10.31 6.41 -11.24
N MET D 117 -10.20 6.38 -12.56
CA MET D 117 -10.79 7.48 -13.36
C MET D 117 -12.31 7.53 -13.11
N LYS D 118 -12.94 6.38 -13.29
CA LYS D 118 -14.42 6.34 -13.19
C LYS D 118 -14.93 6.65 -11.75
N ALA D 119 -14.23 6.16 -10.71
CA ALA D 119 -14.59 6.39 -9.29
C ALA D 119 -14.63 7.88 -8.98
N GLN D 120 -13.72 8.66 -9.58
CA GLN D 120 -13.70 10.11 -9.36
C GLN D 120 -14.97 10.73 -9.93
N ILE D 121 -15.30 10.36 -11.15
CA ILE D 121 -16.55 10.88 -11.75
C ILE D 121 -17.81 10.36 -11.03
N ASP D 122 -17.78 9.09 -10.59
CA ASP D 122 -18.87 8.54 -9.80
C ASP D 122 -19.14 9.37 -8.57
N TRP D 123 -18.08 9.89 -7.96
CA TRP D 123 -18.23 10.76 -6.76
C TRP D 123 -18.79 12.17 -7.06
N ILE D 124 -18.92 12.51 -8.34
CA ILE D 124 -19.42 13.85 -8.72
C ILE D 124 -20.90 13.74 -9.14
N PRO D 125 -21.81 14.37 -8.37
CA PRO D 125 -23.25 14.29 -8.70
C PRO D 125 -23.57 15.28 -9.82
N LEU D 126 -24.59 14.99 -10.63
CA LEU D 126 -25.07 16.00 -11.58
C LEU D 126 -25.59 17.26 -10.88
N SER D 127 -26.19 17.06 -9.72
CA SER D 127 -26.80 18.15 -8.93
C SER D 127 -26.48 18.06 -7.46
N THR D 128 -26.19 19.21 -6.86
CA THR D 128 -26.14 19.35 -5.40
C THR D 128 -26.92 20.62 -5.04
N GLY D 129 -28.20 20.44 -4.70
CA GLY D 129 -29.11 21.57 -4.58
C GLY D 129 -29.20 22.25 -5.94
N SER D 130 -28.90 23.55 -5.97
CA SER D 130 -28.94 24.33 -7.21
C SER D 130 -27.59 24.27 -7.97
N ILE D 131 -26.55 23.74 -7.32
CA ILE D 131 -25.23 23.72 -7.91
C ILE D 131 -25.12 22.54 -8.88
N ARG D 132 -24.59 22.79 -10.08
CA ARG D 132 -24.34 21.74 -11.09
C ARG D 132 -22.82 21.60 -11.31
N PRO D 133 -22.17 20.64 -10.61
CA PRO D 133 -20.70 20.60 -10.63
C PRO D 133 -20.09 20.44 -12.02
N THR D 134 -20.82 19.90 -13.00
CA THR D 134 -20.18 19.66 -14.30
C THR D 134 -20.92 20.25 -15.51
N GLN D 135 -22.22 20.49 -15.36
CA GLN D 135 -23.03 20.78 -16.54
C GLN D 135 -22.53 22.01 -17.32
N GLY D 136 -22.44 21.86 -18.64
CA GLY D 136 -22.06 22.96 -19.52
C GLY D 136 -20.58 23.30 -19.57
N LYS D 137 -19.77 22.60 -18.75
CA LYS D 137 -18.34 22.85 -18.71
C LYS D 137 -17.62 22.10 -19.82
N THR D 138 -16.47 22.62 -20.22
CA THR D 138 -15.70 21.96 -21.29
C THR D 138 -14.92 20.74 -20.77
N LEU D 139 -14.65 19.81 -21.68
CA LEU D 139 -13.92 18.62 -21.30
C LEU D 139 -13.02 18.15 -22.44
N ALA D 140 -11.77 17.85 -22.10
CA ALA D 140 -10.86 17.24 -23.02
C ALA D 140 -10.53 15.85 -22.43
N VAL D 141 -10.61 14.82 -23.27
CA VAL D 141 -10.22 13.47 -22.81
C VAL D 141 -8.87 13.00 -23.42
N MET D 142 -8.09 12.25 -22.64
CA MET D 142 -6.80 11.79 -23.11
C MET D 142 -6.59 10.41 -22.55
N GLN D 143 -5.87 9.55 -23.26
CA GLN D 143 -5.48 8.29 -22.65
C GLN D 143 -4.02 7.97 -22.93
N VAL D 144 -3.48 7.05 -22.13
CA VAL D 144 -2.15 6.50 -22.34
C VAL D 144 -2.19 4.97 -22.23
N SER D 145 -1.35 4.27 -22.99
CA SER D 145 -1.32 2.81 -22.83
C SER D 145 0.10 2.35 -22.89
N GLY D 146 0.34 1.20 -22.29
CA GLY D 146 1.63 0.53 -22.30
C GLY D 146 1.80 -0.21 -23.61
N GLY D 147 0.67 -0.45 -24.29
CA GLY D 147 0.69 -1.19 -25.55
C GLY D 147 0.40 -0.36 -26.78
N SER D 148 0.15 -1.06 -27.87
CA SER D 148 -0.15 -0.46 -29.16
C SER D 148 -1.44 0.37 -29.11
N GLN D 149 -1.63 1.26 -30.08
CA GLN D 149 -2.65 2.27 -29.97
C GLN D 149 -4.05 1.67 -29.79
N SER D 150 -4.86 2.36 -28.98
CA SER D 150 -6.25 2.02 -28.86
C SER D 150 -7.04 3.30 -28.59
N PHE D 151 -8.37 3.21 -28.73
CA PHE D 151 -9.24 4.34 -28.34
C PHE D 151 -10.37 3.96 -27.40
N ASN D 152 -10.36 2.72 -26.89
CA ASN D 152 -11.43 2.24 -26.03
C ASN D 152 -11.63 3.19 -24.86
N ALA D 153 -10.55 3.59 -24.19
CA ALA D 153 -10.67 4.43 -22.99
C ALA D 153 -11.20 5.84 -23.29
N VAL D 154 -10.66 6.50 -24.32
CA VAL D 154 -11.13 7.84 -24.68
C VAL D 154 -12.60 7.78 -25.20
N ASN D 155 -12.94 6.70 -25.89
CA ASN D 155 -14.31 6.47 -26.32
C ASN D 155 -15.26 6.42 -25.11
N GLN D 156 -14.92 5.61 -24.11
CA GLN D 156 -15.72 5.55 -22.88
C GLN D 156 -15.85 6.93 -22.19
N MET D 157 -14.74 7.64 -22.11
CA MET D 157 -14.77 8.97 -21.49
C MET D 157 -15.57 10.01 -22.27
N ARG D 158 -15.61 9.87 -23.58
CA ARG D 158 -16.34 10.81 -24.44
C ARG D 158 -17.82 10.62 -24.17
N ILE D 159 -18.25 9.36 -24.08
CA ILE D 159 -19.64 9.07 -23.69
C ILE D 159 -19.95 9.59 -22.25
N LEU D 160 -19.02 9.35 -21.32
CA LEU D 160 -19.19 9.82 -19.96
C LEU D 160 -19.34 11.34 -19.92
N GLY D 161 -18.54 12.05 -20.71
CA GLY D 161 -18.73 13.51 -20.81
C GLY D 161 -20.15 13.93 -21.21
N ARG D 162 -20.79 13.20 -22.13
CA ARG D 162 -22.20 13.46 -22.43
C ARG D 162 -23.06 13.30 -21.18
N TRP D 163 -22.88 12.18 -20.46
CA TRP D 163 -23.66 11.93 -19.26
C TRP D 163 -23.43 12.96 -18.15
N MET D 164 -22.23 13.56 -18.09
CA MET D 164 -21.98 14.71 -17.18
C MET D 164 -22.42 16.08 -17.74
N ARG D 165 -22.98 16.07 -18.95
CA ARG D 165 -23.55 17.27 -19.63
C ARG D 165 -22.49 18.32 -19.99
N MET D 166 -21.29 17.81 -20.22
CA MET D 166 -20.13 18.59 -20.59
C MET D 166 -20.02 18.75 -22.10
N ILE D 167 -19.38 19.85 -22.49
CA ILE D 167 -19.09 20.12 -23.88
C ILE D 167 -17.74 19.49 -24.14
N THR D 168 -17.77 18.28 -24.69
CA THR D 168 -16.53 17.52 -24.87
C THR D 168 -15.96 17.87 -26.23
N ILE D 169 -14.75 18.40 -26.21
CA ILE D 169 -14.13 19.00 -27.35
C ILE D 169 -13.83 17.90 -28.38
N PRO D 170 -13.93 18.22 -29.69
CA PRO D 170 -13.69 17.13 -30.67
C PRO D 170 -12.32 16.48 -30.58
N ASN D 171 -11.27 17.25 -30.33
CA ASN D 171 -9.92 16.65 -30.33
C ASN D 171 -9.61 15.89 -29.03
N GLN D 172 -8.68 14.93 -29.13
CA GLN D 172 -8.30 14.06 -28.02
C GLN D 172 -6.92 13.47 -28.27
N SER D 173 -6.33 12.91 -27.22
CA SER D 173 -5.01 12.32 -27.29
C SER D 173 -5.05 10.86 -26.86
N SER D 174 -4.40 10.01 -27.65
CA SER D 174 -4.20 8.61 -27.23
C SER D 174 -2.73 8.29 -27.44
N VAL D 175 -1.97 8.18 -26.37
CA VAL D 175 -0.55 7.92 -26.57
C VAL D 175 -0.23 6.43 -26.38
N ALA D 176 0.26 5.83 -27.45
CA ALA D 176 0.62 4.41 -27.49
C ALA D 176 2.02 4.20 -26.90
N LYS D 177 2.26 3.02 -26.36
CA LYS D 177 3.56 2.65 -25.76
C LYS D 177 4.19 3.82 -24.98
N ALA D 178 3.43 4.33 -24.01
CA ALA D 178 3.73 5.61 -23.37
C ALA D 178 5.10 5.66 -22.66
N PHE D 179 5.58 4.50 -22.18
CA PHE D 179 6.91 4.40 -21.55
C PHE D 179 8.04 4.84 -22.49
N GLN D 180 7.80 4.74 -23.79
CA GLN D 180 8.76 5.11 -24.83
C GLN D 180 8.78 6.62 -25.06
N GLU D 181 7.73 7.28 -24.62
CA GLU D 181 7.49 8.68 -24.95
C GLU D 181 7.77 9.65 -23.80
N PHE D 182 8.18 9.11 -22.65
CA PHE D 182 8.58 9.93 -21.51
C PHE D 182 10.01 9.58 -21.15
N ASP D 183 10.83 10.61 -21.00
CA ASP D 183 12.26 10.42 -20.70
C ASP D 183 12.51 10.19 -19.21
N ALA D 184 13.79 10.17 -18.82
CA ALA D 184 14.14 9.92 -17.42
C ALA D 184 13.67 10.99 -16.41
N ASN D 185 13.35 12.22 -16.87
CA ASN D 185 12.80 13.27 -16.00
C ASN D 185 11.27 13.29 -15.89
N GLY D 186 10.61 12.38 -16.62
CA GLY D 186 9.18 12.30 -16.64
C GLY D 186 8.64 13.31 -17.62
N ARG D 187 9.49 13.76 -18.54
CA ARG D 187 9.09 14.75 -19.55
C ARG D 187 8.79 14.07 -20.86
N MET D 188 7.65 14.43 -21.44
CA MET D 188 7.24 13.94 -22.75
C MET D 188 8.17 14.41 -23.87
N LYS D 189 8.73 13.46 -24.61
CA LYS D 189 9.63 13.72 -25.72
C LYS D 189 8.88 14.33 -26.89
N PRO D 190 9.57 15.16 -27.72
CA PRO D 190 8.97 15.67 -28.94
C PRO D 190 8.56 14.55 -29.91
N SER D 191 7.39 14.68 -30.52
CA SER D 191 6.75 13.61 -31.29
C SER D 191 5.41 14.10 -31.80
N SER D 192 4.79 13.32 -32.68
CA SER D 192 3.43 13.61 -33.14
C SER D 192 2.48 13.60 -31.97
N TYR D 193 2.76 12.72 -31.00
CA TYR D 193 1.91 12.54 -29.85
C TYR D 193 1.87 13.80 -29.02
N TYR D 194 3.04 14.38 -28.76
CA TYR D 194 3.15 15.66 -28.08
C TYR D 194 2.48 16.80 -28.86
N ASP D 195 2.69 16.84 -30.16
CA ASP D 195 2.06 17.90 -30.96
C ASP D 195 0.54 17.86 -30.82
N ARG D 196 -0.01 16.64 -30.72
CA ARG D 196 -1.44 16.42 -30.51
C ARG D 196 -1.90 16.89 -29.12
N VAL D 197 -1.11 16.59 -28.09
CA VAL D 197 -1.40 17.11 -26.75
C VAL D 197 -1.49 18.64 -26.83
N VAL D 198 -0.51 19.26 -27.47
CA VAL D 198 -0.59 20.73 -27.66
C VAL D 198 -1.92 21.17 -28.30
N ASP D 199 -2.29 20.54 -29.42
CA ASP D 199 -3.57 20.85 -30.10
C ASP D 199 -4.79 20.69 -29.18
N VAL D 200 -4.78 19.64 -28.37
CA VAL D 200 -5.91 19.39 -27.47
C VAL D 200 -6.04 20.52 -26.44
N MET D 201 -4.94 20.91 -25.81
CA MET D 201 -4.92 21.97 -24.79
C MET D 201 -5.27 23.35 -25.38
N GLU D 202 -4.70 23.65 -26.55
CA GLU D 202 -5.05 24.85 -27.31
C GLU D 202 -6.58 24.91 -27.58
N GLU D 203 -7.10 23.80 -28.10
CA GLU D 203 -8.54 23.66 -28.38
C GLU D 203 -9.37 23.81 -27.11
N LEU D 204 -8.99 23.13 -26.04
CA LEU D 204 -9.76 23.23 -24.78
C LEU D 204 -9.86 24.68 -24.29
N VAL D 205 -8.75 25.41 -24.30
CA VAL D 205 -8.80 26.81 -23.82
C VAL D 205 -9.70 27.71 -24.68
N LYS D 206 -9.60 27.58 -26.02
CA LYS D 206 -10.52 28.30 -26.94
C LYS D 206 -11.99 28.01 -26.62
N PHE D 207 -12.33 26.73 -26.43
CA PHE D 207 -13.75 26.37 -26.19
C PHE D 207 -14.23 26.87 -24.85
N THR D 208 -13.34 26.84 -23.86
CA THR D 208 -13.70 27.30 -22.53
C THR D 208 -13.93 28.81 -22.51
N LEU D 209 -13.05 29.55 -23.18
CA LEU D 209 -13.24 31.02 -23.32
C LEU D 209 -14.53 31.38 -24.07
N LEU D 210 -14.83 30.59 -25.10
CA LEU D 210 -16.01 30.83 -25.96
C LEU D 210 -17.34 30.62 -25.25
N THR D 211 -17.30 29.82 -24.20
CA THR D 211 -18.48 29.11 -23.78
C THR D 211 -18.82 29.44 -22.32
N ARG D 212 -17.80 29.68 -21.49
CA ARG D 212 -18.01 29.90 -20.04
C ARG D 212 -18.98 31.05 -19.70
N ASP D 213 -18.93 32.17 -20.42
CA ASP D 213 -19.75 33.33 -20.06
C ASP D 213 -21.21 33.19 -20.48
N CYS D 214 -21.46 32.41 -21.52
CA CYS D 214 -22.84 32.22 -22.01
C CYS D 214 -23.39 30.83 -21.62
N SER D 215 -22.67 30.13 -20.73
CA SER D 215 -23.09 28.80 -20.31
C SER D 215 -24.53 28.74 -19.80
N ALA D 216 -24.92 29.69 -18.94
CA ALA D 216 -26.28 29.68 -18.35
C ALA D 216 -27.36 29.75 -19.44
N TYR D 217 -27.12 30.59 -20.43
CA TYR D 217 -27.97 30.66 -21.62
C TYR D 217 -27.98 29.35 -22.43
N LEU D 218 -26.82 28.74 -22.67
CA LEU D 218 -26.74 27.45 -23.39
C LEU D 218 -27.55 26.37 -22.65
N THR D 219 -27.63 26.51 -21.35
CA THR D 219 -28.17 25.51 -20.48
C THR D 219 -29.60 25.93 -20.03
N ASP D 220 -30.13 27.00 -20.64
CA ASP D 220 -31.50 27.46 -20.38
C ASP D 220 -32.44 26.73 -21.37
N ARG D 221 -33.11 25.70 -20.88
CA ARG D 221 -33.83 24.72 -21.72
C ARG D 221 -35.35 24.80 -21.70
N TYR D 222 -35.94 24.69 -22.88
CA TYR D 222 -37.37 24.62 -23.04
C TYR D 222 -38.04 23.72 -21.99
N SER D 223 -37.61 22.46 -21.89
CA SER D 223 -38.30 21.49 -21.02
C SER D 223 -38.19 21.92 -19.55
N GLU D 224 -37.12 22.65 -19.21
CA GLU D 224 -36.93 23.12 -17.84
C GLU D 224 -37.75 24.36 -17.54
N ARG D 225 -37.90 25.23 -18.54
CA ARG D 225 -38.79 26.39 -18.41
C ARG D 225 -40.23 25.88 -18.28
N LYS D 226 -40.57 24.85 -19.06
CA LYS D 226 -41.90 24.25 -19.02
C LYS D 226 -42.18 23.61 -17.64
N GLU D 227 -41.22 22.85 -17.12
CA GLU D 227 -41.32 22.22 -15.79
C GLU D 227 -41.46 23.27 -14.66
N SER D 228 -40.60 24.29 -14.68
CA SER D 228 -40.62 25.38 -13.69
C SER D 228 -41.99 26.03 -13.63
N ALA D 229 -42.58 26.27 -14.81
CA ALA D 229 -43.87 26.93 -14.88
C ALA D 229 -44.96 26.04 -14.27
N ALA D 230 -44.91 24.74 -14.58
CA ALA D 230 -45.89 23.76 -14.08
C ALA D 230 -45.78 23.65 -12.55
N GLU D 231 -44.55 23.65 -12.06
CA GLU D 231 -44.23 23.54 -10.64
C GLU D 231 -44.72 24.77 -9.87
N LEU D 232 -44.46 25.96 -10.40
CA LEU D 232 -44.99 27.19 -9.81
C LEU D 232 -46.49 27.12 -9.65
N GLU D 233 -47.17 26.75 -10.74
CA GLU D 233 -48.61 26.69 -10.75
C GLU D 233 -49.11 25.67 -9.72
N HIS D 234 -48.42 24.53 -9.64
CA HIS D 234 -48.76 23.51 -8.66
C HIS D 234 -48.60 24.02 -7.21
N ARG D 235 -47.47 24.66 -6.92
CA ARG D 235 -47.19 25.21 -5.59
C ARG D 235 -48.24 26.24 -5.16
N VAL D 236 -48.65 27.11 -6.08
CA VAL D 236 -49.67 28.13 -5.78
C VAL D 236 -51.03 27.48 -5.51
N THR D 237 -51.37 26.48 -6.33
CA THR D 237 -52.63 25.74 -6.17
C THR D 237 -52.73 25.02 -4.82
N LEU D 238 -51.62 24.43 -4.39
CA LEU D 238 -51.51 23.79 -3.06
C LEU D 238 -51.71 24.76 -1.88
N LYS D 239 -51.41 26.04 -2.12
CA LYS D 239 -51.64 27.08 -1.11
C LYS D 239 -52.98 27.80 -1.33
N SER D 240 -53.85 27.15 -2.09
CA SER D 240 -55.29 27.54 -2.27
C SER D 240 -55.46 28.89 -3.00
N VAL D 241 -54.40 29.36 -3.68
CA VAL D 241 -54.42 30.65 -4.39
C VAL D 241 -55.12 30.47 -5.73
N HIS D 242 -56.16 31.27 -5.96
CA HIS D 242 -56.90 31.29 -7.24
C HIS D 242 -56.03 31.93 -8.34
N ASP E 9 -2.51 28.08 24.98
CA ASP E 9 -2.33 28.27 23.52
C ASP E 9 -1.04 27.58 23.05
N LEU E 10 -0.91 27.42 21.73
CA LEU E 10 0.16 26.59 21.15
C LEU E 10 0.95 27.33 20.05
N PRO E 11 1.77 28.33 20.44
CA PRO E 11 2.48 29.19 19.47
C PRO E 11 3.43 28.47 18.53
N ALA E 12 3.90 27.28 18.92
CA ALA E 12 4.85 26.55 18.09
C ALA E 12 4.18 25.51 17.18
N ALA E 13 2.87 25.35 17.33
CA ALA E 13 2.13 24.37 16.52
C ALA E 13 1.48 25.06 15.35
N ASN E 14 1.41 24.33 14.24
CA ASN E 14 0.69 24.76 13.05
C ASN E 14 -0.76 24.31 13.18
N LEU E 15 -1.67 25.27 13.37
CA LEU E 15 -3.07 24.96 13.68
C LEU E 15 -3.80 24.13 12.59
N GLN E 16 -3.29 24.21 11.33
CA GLN E 16 -3.95 23.59 10.20
C GLN E 16 -3.70 22.10 10.17
N GLN E 17 -2.50 21.69 10.61
CA GLN E 17 -2.12 20.29 10.58
C GLN E 17 -2.54 19.58 11.87
N LEU E 18 -2.91 20.35 12.90
CA LEU E 18 -3.46 19.80 14.18
C LEU E 18 -4.84 19.21 13.98
N ARG E 19 -5.06 18.04 14.58
CA ARG E 19 -6.35 17.35 14.49
C ARG E 19 -6.71 16.83 15.86
N LEU E 20 -7.95 17.04 16.27
CA LEU E 20 -8.46 16.42 17.49
C LEU E 20 -8.66 14.92 17.26
N PRO E 21 -8.04 14.06 18.11
CA PRO E 21 -8.28 12.62 17.99
C PRO E 21 -9.76 12.30 17.96
N ASP E 22 -10.13 11.40 17.04
CA ASP E 22 -11.52 11.08 16.72
C ASP E 22 -11.81 9.61 16.99
N SER E 23 -12.68 9.37 17.97
CA SER E 23 -13.13 8.02 18.38
C SER E 23 -13.62 7.13 17.21
N ALA E 24 -14.42 7.70 16.33
CA ALA E 24 -14.98 6.96 15.18
C ALA E 24 -13.92 6.46 14.19
N SER E 25 -12.87 7.25 13.98
CA SER E 25 -11.78 6.85 13.11
C SER E 25 -10.97 5.70 13.76
N LEU E 26 -11.15 5.53 15.08
CA LEU E 26 -10.54 4.40 15.77
C LEU E 26 -11.42 3.17 15.72
N ARG E 27 -12.60 3.31 15.11
CA ARG E 27 -13.58 2.26 15.07
C ARG E 27 -14.10 2.03 13.65
N PRO E 28 -13.20 1.79 12.68
CA PRO E 28 -13.73 1.43 11.35
C PRO E 28 -14.32 0.01 11.38
N ALA E 29 -15.08 -0.35 10.36
CA ALA E 29 -15.64 -1.72 10.27
C ALA E 29 -14.53 -2.76 10.42
N PHE E 30 -14.75 -3.76 11.28
CA PHE E 30 -13.81 -4.86 11.45
C PHE E 30 -13.60 -5.60 10.12
N SER E 31 -12.36 -5.86 9.75
CA SER E 31 -12.10 -6.75 8.60
C SER E 31 -12.36 -8.19 9.05
N THR E 32 -12.61 -9.08 8.10
CA THR E 32 -13.04 -10.45 8.45
C THR E 32 -12.02 -11.59 8.21
N HIS E 33 -10.87 -11.28 7.60
CA HIS E 33 -9.88 -12.30 7.29
C HIS E 33 -9.08 -12.64 8.57
N ARG E 34 -8.45 -13.79 8.55
CA ARG E 34 -7.63 -14.18 9.72
C ARG E 34 -6.50 -13.16 9.94
N PRO E 35 -6.26 -12.76 11.21
CA PRO E 35 -5.10 -11.92 11.50
C PRO E 35 -3.84 -12.60 10.94
N ARG E 36 -3.01 -11.87 10.19
CA ARG E 36 -1.83 -12.45 9.53
C ARG E 36 -0.61 -12.28 10.42
N ILE E 37 -0.05 -13.38 10.91
CA ILE E 37 1.11 -13.31 11.79
C ILE E 37 2.33 -13.94 11.15
N LEU E 38 3.44 -13.21 11.08
CA LEU E 38 4.71 -13.79 10.57
C LEU E 38 5.55 -14.15 11.79
N ILE E 39 6.14 -15.32 11.79
CA ILE E 39 7.06 -15.74 12.84
C ILE E 39 8.48 -15.82 12.26
N LEU E 40 9.40 -15.13 12.93
CA LEU E 40 10.83 -15.20 12.62
C LEU E 40 11.53 -15.81 13.84
N TYR E 41 12.55 -16.61 13.57
CA TYR E 41 13.36 -17.16 14.65
C TYR E 41 14.85 -16.98 14.36
N GLY E 42 15.67 -17.10 15.41
CA GLY E 42 17.06 -16.66 15.33
C GLY E 42 18.16 -17.69 15.39
N SER E 43 17.86 -18.94 15.00
CA SER E 43 18.86 -20.01 15.00
C SER E 43 18.70 -20.85 13.75
N LEU E 44 19.84 -21.25 13.21
CA LEU E 44 19.90 -22.21 12.12
C LEU E 44 20.32 -23.60 12.58
N ARG E 45 20.38 -23.81 13.89
CA ARG E 45 20.63 -25.17 14.41
C ARG E 45 19.39 -26.01 14.08
N THR E 46 19.62 -27.24 13.59
CA THR E 46 18.58 -27.91 12.78
C THR E 46 17.16 -27.93 13.38
N VAL E 47 17.00 -28.41 14.62
CA VAL E 47 15.71 -28.13 15.28
C VAL E 47 15.99 -27.45 16.62
N SER E 48 16.38 -26.18 16.52
CA SER E 48 16.78 -25.38 17.67
C SER E 48 15.60 -25.21 18.62
N TYR E 49 15.87 -24.92 19.89
CA TYR E 49 14.77 -24.49 20.79
C TYR E 49 13.94 -23.32 20.26
N SER E 50 14.59 -22.36 19.64
CA SER E 50 13.85 -21.21 19.08
C SER E 50 12.86 -21.66 17.99
N ARG E 51 13.26 -22.61 17.15
CA ARG E 51 12.33 -23.18 16.14
C ARG E 51 11.14 -23.93 16.81
N LEU E 52 11.46 -24.73 17.82
CA LEU E 52 10.44 -25.47 18.59
C LEU E 52 9.44 -24.53 19.27
N LEU E 53 9.96 -23.47 19.89
CA LEU E 53 9.12 -22.45 20.53
C LEU E 53 8.30 -21.72 19.49
N ALA E 54 8.93 -21.34 18.37
CA ALA E 54 8.19 -20.74 17.22
C ALA E 54 7.02 -21.66 16.82
N GLU E 55 7.24 -22.98 16.84
CA GLU E 55 6.17 -23.94 16.48
C GLU E 55 5.04 -23.96 17.48
N GLU E 56 5.37 -23.91 18.78
CA GLU E 56 4.32 -23.80 19.79
C GLU E 56 3.52 -22.52 19.67
N ALA E 57 4.21 -21.41 19.38
CA ALA E 57 3.55 -20.13 19.07
C ALA E 57 2.61 -20.31 17.89
N ARG E 58 3.10 -20.93 16.81
CA ARG E 58 2.26 -21.16 15.62
C ARG E 58 0.96 -21.87 15.99
N ARG E 59 1.07 -23.02 16.65
CA ARG E 59 -0.12 -23.81 16.99
C ARG E 59 -1.17 -23.02 17.78
N LEU E 60 -0.70 -22.24 18.76
CA LEU E 60 -1.59 -21.36 19.55
C LEU E 60 -2.22 -20.27 18.73
N LEU E 61 -1.39 -19.58 17.94
CA LEU E 61 -1.90 -18.48 17.09
C LEU E 61 -3.00 -19.00 16.17
N GLU E 62 -2.78 -20.18 15.62
CA GLU E 62 -3.79 -20.80 14.76
C GLU E 62 -5.05 -21.17 15.55
N PHE E 63 -4.90 -21.71 16.77
CA PHE E 63 -6.06 -21.99 17.64
C PHE E 63 -6.87 -20.70 17.84
N PHE E 64 -6.13 -19.60 18.00
CA PHE E 64 -6.73 -18.28 18.27
C PHE E 64 -7.19 -17.54 17.03
N GLY E 65 -7.10 -18.18 15.86
CA GLY E 65 -7.71 -17.71 14.62
C GLY E 65 -6.83 -16.98 13.62
N ALA E 66 -5.52 -16.96 13.89
CA ALA E 66 -4.54 -16.34 13.01
C ALA E 66 -4.19 -17.22 11.83
N GLU E 67 -3.77 -16.58 10.75
CA GLU E 67 -3.09 -17.23 9.64
C GLU E 67 -1.62 -16.98 9.89
N VAL E 68 -0.84 -18.06 9.96
CA VAL E 68 0.55 -17.96 10.44
C VAL E 68 1.47 -18.42 9.31
N LYS E 69 2.49 -17.60 9.06
CA LYS E 69 3.59 -17.97 8.16
C LYS E 69 4.92 -17.89 8.91
N VAL E 70 5.79 -18.85 8.66
CA VAL E 70 7.07 -18.94 9.33
C VAL E 70 8.15 -18.84 8.24
N PHE E 71 9.10 -17.94 8.44
CA PHE E 71 10.21 -17.74 7.51
C PHE E 71 11.39 -18.60 7.94
N ASP E 72 11.87 -19.44 7.01
CA ASP E 72 13.10 -20.21 7.20
C ASP E 72 14.27 -19.32 6.76
N PRO E 73 15.14 -18.87 7.69
CA PRO E 73 16.24 -17.96 7.31
C PRO E 73 17.41 -18.67 6.63
N SER E 74 17.35 -20.00 6.51
CA SER E 74 18.37 -20.74 5.81
C SER E 74 18.67 -20.15 4.41
N GLY E 75 19.94 -19.82 4.15
CA GLY E 75 20.34 -19.33 2.82
C GLY E 75 20.15 -17.83 2.64
N LEU E 76 19.76 -17.14 3.72
CA LEU E 76 19.65 -15.69 3.66
C LEU E 76 21.05 -15.12 3.69
N PRO E 77 21.38 -14.26 2.71
CA PRO E 77 22.72 -13.64 2.65
C PRO E 77 22.91 -12.63 3.76
N LEU E 78 24.17 -12.32 4.09
CA LEU E 78 24.41 -11.27 5.08
C LEU E 78 23.89 -9.97 4.47
N PRO E 79 23.31 -9.07 5.31
CA PRO E 79 22.83 -7.79 4.81
C PRO E 79 23.88 -7.11 3.92
N ASP E 80 23.42 -6.65 2.75
CA ASP E 80 24.25 -5.95 1.76
C ASP E 80 25.20 -6.83 0.96
N ALA E 81 25.23 -8.14 1.25
CA ALA E 81 26.08 -9.07 0.53
C ALA E 81 25.48 -9.58 -0.78
N ALA E 82 24.25 -9.21 -1.07
CA ALA E 82 23.56 -9.69 -2.26
C ALA E 82 22.62 -8.59 -2.70
N PRO E 83 22.17 -8.60 -3.98
CA PRO E 83 21.14 -7.63 -4.39
C PRO E 83 19.85 -7.85 -3.58
N VAL E 84 19.01 -6.83 -3.46
CA VAL E 84 17.72 -6.98 -2.77
C VAL E 84 16.83 -8.01 -3.48
N SER E 85 17.12 -8.27 -4.75
CA SER E 85 16.35 -9.21 -5.56
C SER E 85 16.66 -10.67 -5.21
N HIS E 86 17.64 -10.90 -4.33
CA HIS E 86 17.96 -12.25 -3.89
C HIS E 86 16.67 -12.89 -3.40
N PRO E 87 16.37 -14.11 -3.85
CA PRO E 87 15.13 -14.82 -3.53
C PRO E 87 14.76 -14.89 -2.06
N LYS E 88 15.72 -15.08 -1.15
CA LYS E 88 15.40 -15.10 0.29
C LYS E 88 15.13 -13.72 0.88
N VAL E 89 15.77 -12.68 0.34
CA VAL E 89 15.57 -11.31 0.77
C VAL E 89 14.17 -10.89 0.34
N GLN E 90 13.85 -11.18 -0.93
CA GLN E 90 12.50 -10.83 -1.43
C GLN E 90 11.40 -11.57 -0.67
N GLU E 91 11.64 -12.85 -0.40
CA GLU E 91 10.72 -13.67 0.42
C GLU E 91 10.47 -13.05 1.79
N LEU E 92 11.54 -12.68 2.48
CA LEU E 92 11.42 -12.05 3.80
C LEU E 92 10.66 -10.73 3.71
N ARG E 93 10.98 -9.90 2.73
CA ARG E 93 10.38 -8.58 2.65
C ARG E 93 8.89 -8.74 2.30
N GLU E 94 8.59 -9.65 1.36
CA GLU E 94 7.18 -9.89 0.98
C GLU E 94 6.37 -10.43 2.19
N LEU E 95 6.98 -11.31 2.99
CA LEU E 95 6.35 -11.78 4.22
C LEU E 95 6.10 -10.67 5.25
N SER E 96 7.09 -9.80 5.47
CA SER E 96 6.90 -8.65 6.39
C SER E 96 5.71 -7.80 5.88
N ILE E 97 5.70 -7.53 4.58
CA ILE E 97 4.62 -6.72 3.96
C ILE E 97 3.26 -7.38 4.16
N TRP E 98 3.22 -8.70 3.97
CA TRP E 98 1.98 -9.47 4.19
C TRP E 98 1.48 -9.41 5.65
N SER E 99 2.42 -9.47 6.61
CA SER E 99 2.06 -9.63 8.02
C SER E 99 1.24 -8.43 8.52
N GLU E 100 0.42 -8.70 9.52
CA GLU E 100 -0.26 -7.67 10.29
C GLU E 100 0.35 -7.58 11.68
N GLY E 101 0.96 -8.69 12.06
CA GLY E 101 1.70 -8.78 13.35
C GLY E 101 2.83 -9.79 13.23
N GLN E 102 3.80 -9.75 14.15
CA GLN E 102 4.95 -10.63 14.09
C GLN E 102 5.32 -11.19 15.47
N VAL E 103 5.93 -12.35 15.45
CA VAL E 103 6.60 -12.91 16.64
C VAL E 103 8.05 -13.04 16.25
N TRP E 104 8.96 -12.49 17.07
CA TRP E 104 10.35 -12.76 16.89
C TRP E 104 10.83 -13.67 18.04
N VAL E 105 11.45 -14.78 17.69
CA VAL E 105 11.94 -15.77 18.68
C VAL E 105 13.46 -15.95 18.59
N SER E 106 14.17 -15.44 19.60
CA SER E 106 15.64 -15.44 19.56
C SER E 106 16.23 -16.33 20.61
N PRO E 107 17.27 -17.11 20.23
CA PRO E 107 18.11 -17.69 21.27
C PRO E 107 18.75 -16.51 22.05
N GLU E 108 19.20 -16.75 23.27
CA GLU E 108 20.18 -15.88 23.91
C GLU E 108 21.55 -16.43 23.54
N ARG E 109 22.34 -15.65 22.81
CA ARG E 109 23.67 -16.11 22.46
C ARG E 109 24.62 -15.02 22.95
N HIS E 110 25.55 -15.43 23.80
CA HIS E 110 26.45 -14.48 24.48
C HIS E 110 25.65 -13.34 25.17
N GLY E 111 24.55 -13.71 25.84
CA GLY E 111 23.72 -12.73 26.58
C GLY E 111 22.96 -11.72 25.72
N ALA E 112 22.74 -12.01 24.44
CA ALA E 112 22.07 -11.04 23.55
C ALA E 112 21.25 -11.77 22.51
N MET E 113 20.45 -11.00 21.75
CA MET E 113 19.77 -11.54 20.59
C MET E 113 20.84 -11.97 19.60
N THR E 114 20.47 -12.83 18.67
CA THR E 114 21.42 -13.49 17.82
C THR E 114 21.63 -12.64 16.57
N GLY E 115 22.80 -12.82 15.95
CA GLY E 115 23.11 -12.29 14.64
C GLY E 115 22.06 -12.62 13.59
N ILE E 116 21.60 -13.87 13.56
CA ILE E 116 20.56 -14.32 12.62
C ILE E 116 19.25 -13.55 12.81
N MET E 117 18.83 -13.39 14.06
CA MET E 117 17.66 -12.61 14.39
C MET E 117 17.80 -11.16 13.86
N LYS E 118 18.89 -10.50 14.23
CA LYS E 118 19.16 -9.11 13.83
C LYS E 118 19.31 -8.96 12.31
N ALA E 119 20.01 -9.89 11.66
CA ALA E 119 20.22 -9.85 10.18
C ALA E 119 18.91 -9.85 9.42
N GLN E 120 17.93 -10.60 9.93
CA GLN E 120 16.63 -10.60 9.28
C GLN E 120 16.02 -9.20 9.34
N ILE E 121 16.08 -8.56 10.50
CA ILE E 121 15.45 -7.24 10.64
C ILE E 121 16.29 -6.19 9.85
N ASP E 122 17.61 -6.37 9.84
CA ASP E 122 18.48 -5.47 9.06
C ASP E 122 18.05 -5.48 7.61
N TRP E 123 17.61 -6.64 7.11
CA TRP E 123 17.15 -6.76 5.73
C TRP E 123 15.79 -6.07 5.41
N ILE E 124 15.02 -5.75 6.44
CA ILE E 124 13.68 -5.15 6.23
C ILE E 124 13.85 -3.64 6.36
N PRO E 125 13.50 -2.87 5.30
CA PRO E 125 13.61 -1.41 5.33
C PRO E 125 12.38 -0.80 6.02
N LEU E 126 12.49 0.41 6.56
CA LEU E 126 11.30 1.09 7.12
C LEU E 126 10.31 1.44 6.02
N SER E 127 10.85 1.70 4.83
CA SER E 127 10.06 2.11 3.69
C SER E 127 10.68 1.54 2.43
N THR E 128 9.83 1.11 1.50
CA THR E 128 10.22 0.75 0.13
C THR E 128 9.17 1.38 -0.79
N GLY E 129 9.53 2.53 -1.37
CA GLY E 129 8.54 3.36 -2.05
C GLY E 129 7.53 3.82 -1.00
N SER E 130 6.25 3.64 -1.30
CA SER E 130 5.17 4.05 -0.40
C SER E 130 4.82 2.95 0.60
N ILE E 131 5.45 1.78 0.47
CA ILE E 131 5.14 0.64 1.34
C ILE E 131 5.95 0.67 2.63
N ARG E 132 5.29 0.44 3.78
CA ARG E 132 5.98 0.34 5.04
C ARG E 132 5.89 -1.08 5.59
N PRO E 133 6.96 -1.87 5.44
CA PRO E 133 6.85 -3.29 5.83
C PRO E 133 6.51 -3.61 7.30
N THR E 134 6.83 -2.69 8.25
CA THR E 134 6.64 -2.97 9.65
C THR E 134 5.78 -1.94 10.40
N GLN E 135 5.71 -0.70 9.92
CA GLN E 135 5.16 0.38 10.75
C GLN E 135 3.74 0.07 11.21
N GLY E 136 3.49 0.18 12.51
CA GLY E 136 2.12 0.11 13.03
C GLY E 136 1.67 -1.32 13.32
N LYS E 137 2.45 -2.28 12.89
CA LYS E 137 2.14 -3.70 13.02
C LYS E 137 2.46 -4.16 14.42
N THR E 138 1.73 -5.14 14.91
CA THR E 138 1.99 -5.62 16.27
C THR E 138 3.20 -6.58 16.32
N LEU E 139 3.80 -6.67 17.50
CA LEU E 139 5.00 -7.51 17.71
C LEU E 139 4.99 -8.15 19.11
N ALA E 140 5.24 -9.44 19.14
CA ALA E 140 5.53 -10.18 20.39
C ALA E 140 6.97 -10.64 20.33
N VAL E 141 7.72 -10.43 21.42
CA VAL E 141 9.10 -10.87 21.44
C VAL E 141 9.28 -12.05 22.39
N MET E 142 10.15 -12.98 22.01
CA MET E 142 10.37 -14.19 22.80
C MET E 142 11.86 -14.53 22.79
N GLN E 143 12.36 -15.03 23.91
CA GLN E 143 13.71 -15.59 23.88
C GLN E 143 13.74 -16.95 24.57
N VAL E 144 14.75 -17.73 24.21
CA VAL E 144 14.92 -19.04 24.77
C VAL E 144 16.42 -19.31 24.99
N SER E 145 16.73 -19.88 26.15
CA SER E 145 18.11 -20.22 26.45
C SER E 145 18.25 -21.63 27.00
N GLY E 146 19.44 -22.22 26.81
CA GLY E 146 19.80 -23.47 27.48
C GLY E 146 20.29 -23.21 28.89
N GLY E 147 20.64 -21.95 29.18
CA GLY E 147 21.11 -21.59 30.51
C GLY E 147 20.03 -20.95 31.35
N SER E 148 20.49 -20.26 32.39
CA SER E 148 19.59 -19.63 33.33
C SER E 148 18.85 -18.43 32.70
N GLN E 149 17.80 -18.00 33.37
CA GLN E 149 16.92 -16.95 32.89
C GLN E 149 17.66 -15.64 32.71
N SER E 150 17.21 -14.89 31.69
CA SER E 150 17.81 -13.62 31.34
C SER E 150 16.74 -12.85 30.58
N PHE E 151 16.83 -11.52 30.55
CA PHE E 151 15.93 -10.76 29.66
C PHE E 151 16.69 -9.92 28.63
N ASN E 152 18.00 -10.12 28.57
CA ASN E 152 18.83 -9.29 27.69
C ASN E 152 18.32 -9.31 26.22
N ALA E 153 18.08 -10.49 25.65
CA ALA E 153 17.65 -10.58 24.24
C ALA E 153 16.30 -9.94 24.03
N VAL E 154 15.32 -10.26 24.89
CA VAL E 154 13.98 -9.62 24.74
C VAL E 154 14.03 -8.09 24.92
N ASN E 155 14.87 -7.60 25.85
CA ASN E 155 15.07 -6.16 25.96
C ASN E 155 15.55 -5.54 24.65
N GLN E 156 16.57 -6.15 24.04
CA GLN E 156 17.11 -5.61 22.78
C GLN E 156 16.02 -5.64 21.70
N MET E 157 15.24 -6.71 21.68
CA MET E 157 14.23 -6.86 20.65
C MET E 157 13.08 -5.87 20.86
N ARG E 158 12.75 -5.59 22.13
CA ARG E 158 11.71 -4.58 22.47
C ARG E 158 12.13 -3.21 21.99
N ILE E 159 13.38 -2.83 22.23
CA ILE E 159 13.90 -1.57 21.70
C ILE E 159 13.88 -1.57 20.16
N LEU E 160 14.28 -2.70 19.54
CA LEU E 160 14.26 -2.85 18.09
C LEU E 160 12.85 -2.68 17.54
N GLY E 161 11.87 -3.25 18.24
CA GLY E 161 10.46 -3.01 17.89
C GLY E 161 10.13 -1.52 17.73
N ARG E 162 10.61 -0.69 18.66
CA ARG E 162 10.35 0.75 18.58
C ARG E 162 10.94 1.29 17.28
N TRP E 163 12.16 0.90 16.98
CA TRP E 163 12.86 1.40 15.79
C TRP E 163 12.16 0.96 14.51
N MET E 164 11.50 -0.21 14.56
CA MET E 164 10.67 -0.66 13.42
C MET E 164 9.25 -0.05 13.44
N ARG E 165 9.00 0.80 14.43
CA ARG E 165 7.73 1.55 14.59
C ARG E 165 6.56 0.59 14.80
N MET E 166 6.86 -0.56 15.42
CA MET E 166 5.86 -1.57 15.71
C MET E 166 5.18 -1.41 17.05
N ILE E 167 3.98 -1.97 17.15
CA ILE E 167 3.28 -1.96 18.44
C ILE E 167 3.70 -3.19 19.23
N THR E 168 4.69 -3.02 20.10
CA THR E 168 5.27 -4.19 20.78
C THR E 168 4.40 -4.44 22.01
N ILE E 169 3.75 -5.59 22.04
CA ILE E 169 2.79 -5.84 23.15
C ILE E 169 3.56 -5.97 24.47
N PRO E 170 2.90 -5.63 25.60
CA PRO E 170 3.62 -5.68 26.88
C PRO E 170 4.13 -7.06 27.26
N ASN E 171 3.33 -8.09 27.03
CA ASN E 171 3.71 -9.40 27.51
C ASN E 171 4.77 -10.00 26.57
N GLN E 172 5.62 -10.83 27.15
CA GLN E 172 6.77 -11.41 26.43
C GLN E 172 7.17 -12.73 27.09
N SER E 173 7.92 -13.53 26.35
CA SER E 173 8.30 -14.85 26.85
C SER E 173 9.83 -14.93 26.97
N SER E 174 10.31 -15.49 28.08
CA SER E 174 11.73 -15.78 28.19
C SER E 174 11.85 -17.18 28.80
N VAL E 175 12.26 -18.16 27.99
CA VAL E 175 12.36 -19.51 28.53
C VAL E 175 13.80 -19.90 28.82
N ALA E 176 14.01 -20.36 30.04
CA ALA E 176 15.32 -20.74 30.57
C ALA E 176 15.44 -22.26 30.59
N LYS E 177 16.69 -22.74 30.63
CA LYS E 177 17.02 -24.19 30.78
C LYS E 177 16.15 -25.04 29.83
N ALA E 178 16.19 -24.69 28.54
CA ALA E 178 15.21 -25.21 27.58
C ALA E 178 15.26 -26.73 27.39
N PHE E 179 16.43 -27.34 27.59
CA PHE E 179 16.55 -28.81 27.54
C PHE E 179 15.57 -29.49 28.50
N GLN E 180 15.27 -28.83 29.62
CA GLN E 180 14.29 -29.35 30.60
C GLN E 180 12.85 -29.19 30.13
N GLU E 181 12.62 -28.28 29.19
CA GLU E 181 11.26 -27.83 28.91
C GLU E 181 10.61 -28.40 27.64
N PHE E 182 11.41 -29.07 26.80
CA PHE E 182 10.88 -29.69 25.60
C PHE E 182 11.06 -31.19 25.70
N ASP E 183 10.05 -31.94 25.31
CA ASP E 183 10.20 -33.39 25.34
C ASP E 183 10.87 -33.90 24.06
N ALA E 184 11.04 -35.22 23.96
CA ALA E 184 11.73 -35.85 22.86
C ALA E 184 11.07 -35.63 21.50
N ASN E 185 9.77 -35.37 21.51
CA ASN E 185 8.98 -35.12 20.30
C ASN E 185 8.91 -33.63 19.93
N GLY E 186 9.72 -32.82 20.60
CA GLY E 186 9.83 -31.41 20.29
C GLY E 186 8.75 -30.53 20.90
N ARG E 187 7.94 -31.13 21.77
CA ARG E 187 6.77 -30.42 22.31
C ARG E 187 7.12 -29.85 23.66
N MET E 188 6.69 -28.61 23.89
CA MET E 188 6.91 -27.97 25.16
C MET E 188 6.10 -28.67 26.26
N LYS E 189 6.75 -28.88 27.42
CA LYS E 189 6.09 -29.51 28.56
C LYS E 189 5.17 -28.53 29.28
N PRO E 190 4.08 -29.04 29.89
CA PRO E 190 3.26 -28.12 30.66
C PRO E 190 4.11 -27.46 31.75
N SER E 191 3.93 -26.15 31.91
CA SER E 191 4.73 -25.36 32.84
C SER E 191 4.19 -23.95 32.91
N SER E 192 4.67 -23.20 33.87
CA SER E 192 4.44 -21.74 33.84
C SER E 192 5.03 -21.06 32.59
N TYR E 193 6.15 -21.56 32.07
CA TYR E 193 6.69 -21.03 30.81
C TYR E 193 5.73 -21.23 29.66
N TYR E 194 5.11 -22.42 29.58
CA TYR E 194 4.13 -22.65 28.50
C TYR E 194 2.93 -21.74 28.67
N ASP E 195 2.44 -21.61 29.91
CA ASP E 195 1.26 -20.79 30.15
C ASP E 195 1.52 -19.37 29.70
N ARG E 196 2.74 -18.89 29.95
CA ARG E 196 3.13 -17.57 29.46
C ARG E 196 3.09 -17.47 27.94
N VAL E 197 3.60 -18.48 27.24
CA VAL E 197 3.48 -18.48 25.77
C VAL E 197 2.03 -18.33 25.32
N VAL E 198 1.13 -19.10 25.94
CA VAL E 198 -0.31 -18.97 25.64
C VAL E 198 -0.77 -17.50 25.83
N ASP E 199 -0.49 -16.95 26.99
CA ASP E 199 -0.82 -15.53 27.30
C ASP E 199 -0.31 -14.59 26.21
N VAL E 200 0.96 -14.76 25.84
CA VAL E 200 1.59 -13.87 24.86
C VAL E 200 0.87 -13.98 23.52
N MET E 201 0.58 -15.20 23.07
CA MET E 201 -0.10 -15.37 21.76
C MET E 201 -1.54 -14.85 21.80
N GLU E 202 -2.25 -15.05 22.90
CA GLU E 202 -3.64 -14.56 22.92
C GLU E 202 -3.66 -13.03 22.92
N GLU E 203 -2.75 -12.46 23.71
CA GLU E 203 -2.57 -11.00 23.70
C GLU E 203 -2.22 -10.46 22.30
N LEU E 204 -1.26 -11.08 21.62
CA LEU E 204 -0.90 -10.64 20.27
C LEU E 204 -2.09 -10.60 19.34
N VAL E 205 -2.87 -11.68 19.31
CA VAL E 205 -4.04 -11.74 18.40
C VAL E 205 -5.02 -10.62 18.75
N LYS E 206 -5.31 -10.41 20.05
CA LYS E 206 -6.20 -9.33 20.50
C LYS E 206 -5.72 -7.96 20.03
N PHE E 207 -4.43 -7.68 20.22
CA PHE E 207 -3.85 -6.39 19.81
C PHE E 207 -3.87 -6.21 18.30
N THR E 208 -3.66 -7.32 17.58
CA THR E 208 -3.75 -7.28 16.10
C THR E 208 -5.14 -7.01 15.60
N LEU E 209 -6.13 -7.73 16.13
CA LEU E 209 -7.54 -7.45 15.80
C LEU E 209 -7.95 -6.00 16.16
N LEU E 210 -7.46 -5.50 17.30
CA LEU E 210 -7.78 -4.16 17.78
C LEU E 210 -7.27 -3.03 16.88
N THR E 211 -6.07 -3.21 16.33
CA THR E 211 -5.31 -2.13 15.65
C THR E 211 -5.20 -2.21 14.11
N ARG E 212 -5.30 -3.40 13.53
CA ARG E 212 -4.99 -3.53 12.11
C ARG E 212 -5.90 -2.65 11.23
N ASP E 213 -7.18 -2.51 11.58
CA ASP E 213 -8.10 -1.76 10.72
C ASP E 213 -7.97 -0.24 10.84
N CYS E 214 -7.52 0.24 12.00
CA CYS E 214 -7.30 1.67 12.21
C CYS E 214 -5.82 2.06 12.21
N SER E 215 -4.95 1.13 11.78
CA SER E 215 -3.50 1.41 11.73
C SER E 215 -3.19 2.73 10.95
N ALA E 216 -3.82 2.91 9.80
CA ALA E 216 -3.54 4.08 8.94
C ALA E 216 -3.84 5.35 9.71
N TYR E 217 -4.93 5.36 10.48
CA TYR E 217 -5.25 6.53 11.28
C TYR E 217 -4.25 6.69 12.44
N LEU E 218 -3.89 5.57 13.06
CA LEU E 218 -2.94 5.59 14.19
C LEU E 218 -1.61 6.20 13.74
N THR E 219 -1.35 6.01 12.48
CA THR E 219 -0.10 6.38 11.89
C THR E 219 -0.20 7.67 11.00
N ASP E 220 -1.31 8.39 11.12
CA ASP E 220 -1.51 9.66 10.44
C ASP E 220 -1.05 10.75 11.40
N ARG E 221 0.16 11.29 11.18
CA ARG E 221 0.86 12.18 12.12
C ARG E 221 0.87 13.63 11.75
N TYR E 222 0.71 14.47 12.76
CA TYR E 222 0.89 15.90 12.64
C TYR E 222 2.13 16.29 11.79
N SER E 223 3.31 15.79 12.16
CA SER E 223 4.55 16.17 11.50
C SER E 223 4.58 15.84 10.00
N GLU E 224 3.89 14.78 9.62
CA GLU E 224 3.89 14.30 8.24
C GLU E 224 2.86 15.05 7.42
N ARG E 225 1.71 15.34 8.01
CA ARG E 225 0.79 16.15 7.24
C ARG E 225 1.21 17.64 7.16
N LYS E 226 2.07 18.04 8.09
CA LYS E 226 2.75 19.35 8.03
C LYS E 226 3.79 19.38 6.89
N GLU E 227 4.57 18.32 6.79
CA GLU E 227 5.58 18.10 5.76
C GLU E 227 4.92 18.01 4.37
N SER E 228 3.83 17.26 4.28
CA SER E 228 3.02 17.19 3.05
C SER E 228 2.62 18.58 2.55
N ALA E 229 2.21 19.45 3.48
CA ALA E 229 1.82 20.81 3.16
C ALA E 229 3.04 21.65 2.75
N ASP F 9 34.09 -15.23 60.66
CA ASP F 9 34.31 -14.09 59.71
C ASP F 9 33.76 -14.37 58.31
N LEU F 10 34.29 -15.43 57.67
CA LEU F 10 33.90 -15.78 56.30
C LEU F 10 33.45 -17.25 56.22
N PRO F 11 32.33 -17.60 56.90
CA PRO F 11 31.94 -19.01 57.05
C PRO F 11 31.49 -19.70 55.76
N ALA F 12 31.15 -18.95 54.71
CA ALA F 12 30.80 -19.54 53.40
C ALA F 12 31.99 -19.69 52.45
N ALA F 13 33.14 -19.15 52.85
CA ALA F 13 34.33 -19.25 52.02
C ALA F 13 35.13 -20.50 52.37
N ASN F 14 35.77 -21.07 51.34
CA ASN F 14 36.76 -22.13 51.52
C ASN F 14 38.12 -21.45 51.63
N LEU F 15 38.62 -21.33 52.86
CA LEU F 15 39.84 -20.57 53.14
C LEU F 15 41.09 -21.10 52.42
N GLN F 16 41.01 -22.34 51.93
CA GLN F 16 42.16 -22.99 51.31
C GLN F 16 42.32 -22.58 49.86
N GLN F 17 41.28 -21.98 49.31
CA GLN F 17 41.28 -21.42 47.97
C GLN F 17 41.49 -19.91 47.98
N LEU F 18 41.21 -19.26 49.10
CA LEU F 18 41.37 -17.80 49.22
C LEU F 18 42.83 -17.41 49.07
N ARG F 19 43.09 -16.37 48.31
CA ARG F 19 44.45 -15.86 48.15
C ARG F 19 44.41 -14.35 48.33
N LEU F 20 45.36 -13.82 49.10
CA LEU F 20 45.60 -12.39 49.12
C LEU F 20 46.19 -11.97 47.79
N PRO F 21 45.66 -10.90 47.18
CA PRO F 21 46.22 -10.41 45.93
C PRO F 21 47.67 -10.01 46.09
N ASP F 22 48.47 -10.28 45.07
CA ASP F 22 49.91 -10.10 45.09
C ASP F 22 50.26 -9.00 44.08
N SER F 23 50.68 -7.84 44.59
CA SER F 23 51.17 -6.77 43.73
C SER F 23 52.29 -7.21 42.77
N ALA F 24 53.17 -8.09 43.23
CA ALA F 24 54.24 -8.62 42.39
C ALA F 24 53.68 -9.26 41.11
N SER F 25 52.63 -10.06 41.29
CA SER F 25 51.97 -10.77 40.21
C SER F 25 51.34 -9.82 39.20
N LEU F 26 51.16 -8.56 39.60
CA LEU F 26 50.53 -7.53 38.76
C LEU F 26 51.54 -6.72 37.92
N ARG F 27 52.84 -6.93 38.14
CA ARG F 27 53.82 -6.35 37.21
C ARG F 27 54.97 -7.30 36.85
N PRO F 28 54.65 -8.37 36.10
CA PRO F 28 55.76 -9.15 35.52
C PRO F 28 56.43 -8.26 34.47
N ALA F 29 57.58 -8.64 33.92
CA ALA F 29 58.30 -7.76 32.99
C ALA F 29 57.44 -7.45 31.75
N PHE F 30 57.53 -6.23 31.23
CA PHE F 30 56.80 -5.88 30.01
C PHE F 30 57.33 -6.70 28.85
N SER F 31 56.42 -7.17 28.00
CA SER F 31 56.84 -7.78 26.75
C SER F 31 57.15 -6.67 25.74
N THR F 32 57.83 -7.02 24.65
CA THR F 32 58.27 -6.03 23.66
C THR F 32 57.61 -6.12 22.28
N HIS F 33 56.85 -7.20 22.04
CA HIS F 33 56.17 -7.40 20.75
C HIS F 33 55.03 -6.39 20.62
N ARG F 34 54.66 -6.03 19.39
CA ARG F 34 53.54 -5.12 19.17
C ARG F 34 52.21 -5.69 19.70
N PRO F 35 51.46 -4.88 20.49
CA PRO F 35 50.10 -5.31 20.92
C PRO F 35 49.25 -5.85 19.76
N ARG F 36 48.71 -7.06 19.93
CA ARG F 36 47.96 -7.70 18.85
C ARG F 36 46.50 -7.29 18.91
N ILE F 37 46.08 -6.43 17.99
CA ILE F 37 44.71 -5.93 17.97
C ILE F 37 43.96 -6.44 16.75
N LEU F 38 42.86 -7.14 16.97
CA LEU F 38 41.97 -7.56 15.91
C LEU F 38 40.83 -6.55 15.76
N ILE F 39 40.57 -6.11 14.53
CA ILE F 39 39.46 -5.23 14.31
C ILE F 39 38.36 -5.93 13.52
N LEU F 40 37.12 -5.86 14.06
CA LEU F 40 35.95 -6.42 13.40
C LEU F 40 35.03 -5.27 13.12
N TYR F 41 34.33 -5.32 11.97
CA TYR F 41 33.36 -4.28 11.67
C TYR F 41 32.02 -4.90 11.19
N GLY F 42 30.98 -4.07 11.19
CA GLY F 42 29.60 -4.54 11.04
C GLY F 42 28.84 -4.32 9.73
N SER F 43 29.55 -4.12 8.60
CA SER F 43 28.90 -3.82 7.32
C SER F 43 29.64 -4.40 6.11
N LEU F 44 28.86 -4.81 5.12
CA LEU F 44 29.41 -5.20 3.82
C LEU F 44 29.01 -4.23 2.70
N ARG F 45 28.52 -3.04 3.04
CA ARG F 45 28.18 -2.04 1.98
C ARG F 45 29.42 -1.65 1.18
N THR F 46 29.26 -1.34 -0.11
CA THR F 46 30.42 -0.99 -0.94
C THR F 46 31.09 0.27 -0.36
N VAL F 47 30.28 1.26 0.00
CA VAL F 47 30.76 2.37 0.82
C VAL F 47 30.28 2.12 2.26
N SER F 48 31.22 1.71 3.11
CA SER F 48 30.90 1.41 4.50
C SER F 48 31.68 2.32 5.41
N TYR F 49 30.96 3.14 6.18
CA TYR F 49 31.61 4.03 7.15
C TYR F 49 32.20 3.28 8.31
N SER F 50 31.62 2.14 8.65
CA SER F 50 32.16 1.33 9.72
C SER F 50 33.50 0.75 9.31
N ARG F 51 33.61 0.34 8.04
CA ARG F 51 34.87 -0.15 7.51
C ARG F 51 35.90 0.99 7.41
N LEU F 52 35.49 2.17 6.95
CA LEU F 52 36.39 3.34 6.87
C LEU F 52 36.84 3.82 8.25
N LEU F 53 35.93 3.78 9.22
CA LEU F 53 36.29 4.03 10.60
C LEU F 53 37.27 2.97 11.13
N ALA F 54 37.00 1.70 10.83
CA ALA F 54 37.92 0.59 11.17
C ALA F 54 39.33 0.81 10.64
N GLU F 55 39.45 1.34 9.43
CA GLU F 55 40.76 1.58 8.86
C GLU F 55 41.47 2.77 9.53
N GLU F 56 40.69 3.79 9.90
CA GLU F 56 41.24 4.90 10.68
C GLU F 56 41.73 4.41 12.05
N ALA F 57 40.98 3.50 12.66
CA ALA F 57 41.37 2.84 13.91
C ALA F 57 42.70 2.13 13.68
N ARG F 58 42.80 1.40 12.58
CA ARG F 58 44.02 0.65 12.24
C ARG F 58 45.27 1.57 12.13
N ARG F 59 45.12 2.69 11.41
CA ARG F 59 46.23 3.63 11.25
C ARG F 59 46.74 4.19 12.58
N LEU F 60 45.81 4.52 13.46
CA LEU F 60 46.16 5.11 14.73
C LEU F 60 46.87 4.06 15.62
N LEU F 61 46.29 2.86 15.68
CA LEU F 61 46.86 1.74 16.46
C LEU F 61 48.26 1.38 15.96
N GLU F 62 48.44 1.38 14.64
CA GLU F 62 49.75 1.12 14.06
C GLU F 62 50.75 2.21 14.49
N PHE F 63 50.31 3.45 14.48
CA PHE F 63 51.16 4.53 14.96
C PHE F 63 51.53 4.31 16.44
N PHE F 64 50.54 3.94 17.25
CA PHE F 64 50.78 3.64 18.67
C PHE F 64 51.62 2.39 18.95
N GLY F 65 51.91 1.61 17.90
CA GLY F 65 52.88 0.52 17.99
C GLY F 65 52.24 -0.85 18.01
N ALA F 66 50.95 -0.92 17.67
CA ALA F 66 50.22 -2.18 17.68
C ALA F 66 50.38 -2.89 16.34
N GLU F 67 50.23 -4.21 16.37
CA GLU F 67 50.09 -4.99 15.16
C GLU F 67 48.60 -5.27 14.95
N VAL F 68 48.07 -4.80 13.81
CA VAL F 68 46.61 -4.80 13.61
C VAL F 68 46.25 -5.74 12.50
N LYS F 69 45.22 -6.53 12.72
CA LYS F 69 44.65 -7.39 11.69
C LYS F 69 43.17 -7.09 11.62
N VAL F 70 42.67 -6.91 10.40
CA VAL F 70 41.27 -6.55 10.21
C VAL F 70 40.60 -7.73 9.49
N PHE F 71 39.54 -8.25 10.08
CA PHE F 71 38.82 -9.39 9.49
C PHE F 71 37.78 -8.92 8.48
N ASP F 72 37.82 -9.45 7.26
CA ASP F 72 36.80 -9.18 6.26
C ASP F 72 35.66 -10.22 6.39
N PRO F 73 34.46 -9.78 6.85
CA PRO F 73 33.39 -10.75 7.09
C PRO F 73 32.69 -11.29 5.83
N SER F 74 33.10 -10.81 4.65
CA SER F 74 32.49 -11.26 3.40
C SER F 74 32.67 -12.78 3.27
N GLY F 75 31.57 -13.49 2.99
CA GLY F 75 31.60 -14.98 2.83
C GLY F 75 31.52 -15.72 4.17
N LEU F 76 31.37 -15.00 5.27
CA LEU F 76 31.18 -15.67 6.57
C LEU F 76 29.78 -16.26 6.59
N PRO F 77 29.65 -17.56 6.87
CA PRO F 77 28.30 -18.12 6.89
C PRO F 77 27.58 -17.67 8.16
N LEU F 78 26.25 -17.73 8.16
CA LEU F 78 25.51 -17.51 9.39
C LEU F 78 25.82 -18.61 10.43
N PRO F 79 25.89 -18.23 11.72
CA PRO F 79 26.12 -19.26 12.75
C PRO F 79 25.27 -20.54 12.56
N ASP F 80 25.92 -21.71 12.62
CA ASP F 80 25.24 -23.00 12.40
C ASP F 80 24.87 -23.36 10.96
N ALA F 81 25.12 -22.48 9.99
CA ALA F 81 24.83 -22.80 8.57
C ALA F 81 25.92 -23.61 7.90
N ALA F 82 27.06 -23.72 8.56
CA ALA F 82 28.24 -24.41 8.04
C ALA F 82 28.94 -25.06 9.23
N PRO F 83 29.81 -26.07 8.99
CA PRO F 83 30.63 -26.65 10.07
C PRO F 83 31.62 -25.59 10.59
N VAL F 84 32.10 -25.75 11.82
CA VAL F 84 33.10 -24.83 12.36
C VAL F 84 34.37 -24.82 11.53
N SER F 85 34.64 -25.89 10.78
CA SER F 85 35.81 -25.97 9.90
C SER F 85 35.75 -25.06 8.66
N HIS F 86 34.60 -24.42 8.42
CA HIS F 86 34.47 -23.45 7.31
C HIS F 86 35.66 -22.46 7.35
N PRO F 87 36.29 -22.18 6.19
CA PRO F 87 37.51 -21.38 6.16
C PRO F 87 37.40 -19.99 6.81
N LYS F 88 36.25 -19.32 6.65
CA LYS F 88 36.05 -17.99 7.25
C LYS F 88 35.84 -18.08 8.76
N VAL F 89 35.23 -19.17 9.23
CA VAL F 89 34.98 -19.35 10.66
C VAL F 89 36.33 -19.63 11.31
N GLN F 90 37.11 -20.52 10.69
CA GLN F 90 38.44 -20.82 11.22
C GLN F 90 39.35 -19.57 11.24
N GLU F 91 39.26 -18.74 10.19
CA GLU F 91 40.03 -17.49 10.11
C GLU F 91 39.66 -16.57 11.28
N LEU F 92 38.36 -16.30 11.44
CA LEU F 92 37.84 -15.51 12.55
C LEU F 92 38.30 -16.04 13.90
N ARG F 93 38.09 -17.33 14.12
CA ARG F 93 38.43 -17.90 15.41
C ARG F 93 39.93 -17.79 15.70
N GLU F 94 40.74 -18.07 14.69
CA GLU F 94 42.20 -17.94 14.84
C GLU F 94 42.66 -16.51 15.14
N LEU F 95 42.03 -15.54 14.47
CA LEU F 95 42.30 -14.12 14.74
C LEU F 95 41.94 -13.75 16.19
N SER F 96 40.78 -14.21 16.66
CA SER F 96 40.40 -13.90 18.06
C SER F 96 41.43 -14.50 19.04
N ILE F 97 41.86 -15.74 18.76
CA ILE F 97 42.85 -16.41 19.61
C ILE F 97 44.19 -15.64 19.60
N TRP F 98 44.61 -15.20 18.41
CA TRP F 98 45.82 -14.41 18.19
C TRP F 98 45.79 -13.05 18.95
N SER F 99 44.60 -12.46 19.01
CA SER F 99 44.47 -11.11 19.58
C SER F 99 44.82 -11.04 21.08
N GLU F 100 45.39 -9.89 21.45
CA GLU F 100 45.47 -9.45 22.83
C GLU F 100 44.39 -8.41 23.17
N GLY F 101 43.86 -7.76 22.13
CA GLY F 101 42.76 -6.82 22.31
C GLY F 101 41.98 -6.70 21.01
N GLN F 102 40.80 -6.12 21.10
CA GLN F 102 39.95 -6.04 19.93
C GLN F 102 39.28 -4.68 19.82
N VAL F 103 39.01 -4.28 18.58
CA VAL F 103 38.12 -3.14 18.27
C VAL F 103 36.89 -3.69 17.51
N TRP F 104 35.70 -3.37 18.01
CA TRP F 104 34.48 -3.71 17.26
C TRP F 104 33.79 -2.44 16.82
N VAL F 105 33.59 -2.28 15.51
CA VAL F 105 33.01 -1.06 14.94
C VAL F 105 31.70 -1.44 14.25
N SER F 106 30.58 -1.06 14.87
CA SER F 106 29.24 -1.37 14.32
C SER F 106 28.53 -0.16 13.75
N PRO F 107 27.92 -0.31 12.55
CA PRO F 107 26.90 0.68 12.22
C PRO F 107 25.79 0.54 13.26
N GLU F 108 25.05 1.62 13.48
CA GLU F 108 23.77 1.47 14.17
C GLU F 108 22.71 1.31 13.08
N ARG F 109 22.10 0.14 13.02
CA ARG F 109 21.10 -0.15 12.00
C ARG F 109 19.84 -0.45 12.74
N HIS F 110 18.76 0.27 12.43
CA HIS F 110 17.50 0.12 13.14
C HIS F 110 17.74 0.25 14.64
N GLY F 111 18.60 1.20 15.03
CA GLY F 111 18.80 1.56 16.44
C GLY F 111 19.60 0.54 17.26
N ALA F 112 20.31 -0.39 16.61
CA ALA F 112 21.02 -1.44 17.32
C ALA F 112 22.32 -1.79 16.60
N MET F 113 23.16 -2.58 17.25
CA MET F 113 24.27 -3.19 16.52
C MET F 113 23.74 -4.05 15.37
N THR F 114 24.62 -4.31 14.43
CA THR F 114 24.22 -4.95 13.21
C THR F 114 24.21 -6.49 13.34
N GLY F 115 23.40 -7.18 12.51
CA GLY F 115 23.50 -8.64 12.36
C GLY F 115 24.89 -9.15 12.01
N ILE F 116 25.56 -8.50 11.05
CA ILE F 116 26.95 -8.87 10.72
C ILE F 116 27.87 -8.77 11.94
N MET F 117 27.78 -7.68 12.69
CA MET F 117 28.60 -7.53 13.90
C MET F 117 28.34 -8.64 14.94
N LYS F 118 27.07 -8.87 15.24
CA LYS F 118 26.72 -9.90 16.20
C LYS F 118 27.03 -11.32 15.71
N ALA F 119 26.77 -11.60 14.43
CA ALA F 119 27.09 -12.94 13.86
C ALA F 119 28.57 -13.33 14.05
N GLN F 120 29.47 -12.38 13.88
CA GLN F 120 30.90 -12.65 14.09
C GLN F 120 31.18 -13.06 15.55
N ILE F 121 30.61 -12.32 16.51
CA ILE F 121 30.82 -12.65 17.91
C ILE F 121 30.12 -13.97 18.26
N ASP F 122 28.94 -14.23 17.69
CA ASP F 122 28.25 -15.50 17.90
C ASP F 122 29.10 -16.72 17.50
N TRP F 123 29.93 -16.56 16.48
CA TRP F 123 30.81 -17.64 16.01
C TRP F 123 32.00 -17.92 16.94
N ILE F 124 32.25 -17.02 17.88
CA ILE F 124 33.44 -17.11 18.75
C ILE F 124 32.99 -17.76 20.05
N PRO F 125 33.58 -18.93 20.39
CA PRO F 125 33.12 -19.55 21.62
C PRO F 125 33.88 -18.99 22.82
N LEU F 126 33.31 -19.09 24.02
CA LEU F 126 34.06 -18.69 25.24
C LEU F 126 35.28 -19.59 25.47
N SER F 127 35.10 -20.86 25.15
CA SER F 127 36.18 -21.80 25.31
C SER F 127 36.20 -22.82 24.19
N THR F 128 37.41 -23.15 23.72
CA THR F 128 37.58 -24.35 22.91
C THR F 128 38.80 -25.13 23.40
N GLY F 129 38.55 -26.27 24.04
CA GLY F 129 39.61 -26.98 24.77
C GLY F 129 40.11 -26.09 25.90
N SER F 130 41.41 -25.87 25.97
CA SER F 130 41.97 -25.03 27.04
C SER F 130 42.03 -23.55 26.61
N ILE F 131 41.71 -23.29 25.36
CA ILE F 131 41.91 -21.99 24.78
C ILE F 131 40.69 -21.15 25.12
N ARG F 132 40.90 -19.91 25.52
CA ARG F 132 39.82 -18.92 25.74
C ARG F 132 40.01 -17.80 24.73
N PRO F 133 39.26 -17.83 23.62
CA PRO F 133 39.48 -16.86 22.54
C PRO F 133 39.35 -15.39 22.95
N THR F 134 38.58 -15.08 23.99
CA THR F 134 38.34 -13.68 24.33
C THR F 134 38.67 -13.27 25.76
N GLN F 135 38.58 -14.23 26.70
CA GLN F 135 38.64 -13.90 28.09
C GLN F 135 39.85 -13.02 28.45
N GLY F 136 39.59 -11.93 29.17
CA GLY F 136 40.67 -11.11 29.75
C GLY F 136 41.35 -10.14 28.78
N LYS F 137 40.94 -10.20 27.51
CA LYS F 137 41.54 -9.37 26.45
C LYS F 137 40.84 -8.02 26.47
N THR F 138 41.55 -6.97 26.03
CA THR F 138 40.92 -5.64 26.00
C THR F 138 39.96 -5.44 24.80
N LEU F 139 39.01 -4.51 24.97
CA LEU F 139 38.02 -4.24 23.93
C LEU F 139 37.71 -2.76 23.89
N ALA F 140 37.71 -2.18 22.69
CA ALA F 140 37.14 -0.83 22.48
C ALA F 140 35.92 -0.99 21.58
N VAL F 141 34.81 -0.33 21.93
CA VAL F 141 33.61 -0.40 21.08
C VAL F 141 33.38 0.95 20.37
N MET F 142 33.04 0.90 19.09
CA MET F 142 32.78 2.11 18.31
C MET F 142 31.54 1.90 17.48
N GLN F 143 30.77 2.96 17.25
CA GLN F 143 29.67 2.89 16.30
C GLN F 143 29.67 4.06 15.32
N VAL F 144 28.97 3.87 14.21
CA VAL F 144 28.81 4.88 13.22
C VAL F 144 27.31 4.90 12.85
N SER F 145 26.77 6.08 12.56
CA SER F 145 25.38 6.12 12.09
C SER F 145 25.21 7.14 10.96
N GLY F 146 24.09 7.01 10.25
CA GLY F 146 23.77 7.91 9.14
C GLY F 146 22.99 9.08 9.66
N GLY F 147 22.49 8.95 10.88
CA GLY F 147 21.64 9.94 11.52
C GLY F 147 22.31 10.57 12.72
N SER F 148 21.51 11.25 13.54
CA SER F 148 22.02 11.95 14.70
C SER F 148 22.59 10.93 15.68
N GLN F 149 23.30 11.45 16.69
CA GLN F 149 23.99 10.66 17.68
C GLN F 149 23.08 9.71 18.43
N SER F 150 23.57 8.49 18.65
CA SER F 150 22.96 7.49 19.54
C SER F 150 24.10 6.67 20.20
N PHE F 151 23.78 5.95 21.27
CA PHE F 151 24.74 5.02 21.89
C PHE F 151 24.19 3.62 21.97
N ASN F 152 23.08 3.39 21.27
CA ASN F 152 22.39 2.09 21.33
C ASN F 152 23.32 0.92 21.01
N ALA F 153 24.01 1.02 19.89
CA ALA F 153 24.85 -0.06 19.40
C ALA F 153 26.06 -0.27 20.33
N VAL F 154 26.68 0.81 20.75
CA VAL F 154 27.85 0.75 21.62
C VAL F 154 27.42 0.23 23.01
N ASN F 155 26.21 0.57 23.46
CA ASN F 155 25.70 0.02 24.73
C ASN F 155 25.56 -1.50 24.64
N GLN F 156 24.97 -1.98 23.56
CA GLN F 156 24.81 -3.42 23.33
C GLN F 156 26.16 -4.12 23.27
N MET F 157 27.12 -3.49 22.58
CA MET F 157 28.46 -4.07 22.48
C MET F 157 29.21 -4.11 23.80
N ARG F 158 28.98 -3.09 24.63
CA ARG F 158 29.61 -3.02 25.95
C ARG F 158 29.09 -4.15 26.83
N ILE F 159 27.78 -4.41 26.83
CA ILE F 159 27.21 -5.55 27.57
C ILE F 159 27.77 -6.87 26.98
N LEU F 160 27.78 -6.97 25.66
CA LEU F 160 28.41 -8.12 24.95
C LEU F 160 29.87 -8.34 25.38
N GLY F 161 30.66 -7.27 25.49
CA GLY F 161 32.03 -7.41 26.04
C GLY F 161 32.11 -8.08 27.40
N ARG F 162 31.15 -7.80 28.29
CA ARG F 162 31.10 -8.47 29.58
C ARG F 162 30.90 -9.96 29.38
N TRP F 163 29.94 -10.32 28.53
CA TRP F 163 29.63 -11.75 28.33
C TRP F 163 30.82 -12.49 27.75
N MET F 164 31.64 -11.79 26.96
CA MET F 164 32.87 -12.34 26.39
C MET F 164 34.06 -12.28 27.38
N ARG F 165 33.80 -11.72 28.56
CA ARG F 165 34.80 -11.64 29.66
C ARG F 165 35.99 -10.76 29.31
N MET F 166 35.73 -9.78 28.44
CA MET F 166 36.75 -8.85 28.00
C MET F 166 36.84 -7.64 28.91
N ILE F 167 38.00 -7.01 28.91
CA ILE F 167 38.20 -5.77 29.64
C ILE F 167 37.81 -4.66 28.69
N THR F 168 36.55 -4.22 28.79
CA THR F 168 36.04 -3.22 27.84
C THR F 168 36.42 -1.86 28.39
N ILE F 169 37.17 -1.08 27.61
CA ILE F 169 37.77 0.17 28.15
C ILE F 169 36.64 1.19 28.29
N PRO F 170 36.78 2.14 29.23
CA PRO F 170 35.67 3.09 29.44
C PRO F 170 35.35 3.97 28.22
N ASN F 171 36.37 4.44 27.52
CA ASN F 171 36.11 5.36 26.41
C ASN F 171 35.59 4.64 25.16
N GLN F 172 34.75 5.31 24.38
CA GLN F 172 34.15 4.68 23.18
C GLN F 172 33.90 5.78 22.17
N SER F 173 33.56 5.38 20.94
CA SER F 173 33.34 6.32 19.86
C SER F 173 31.92 6.13 19.28
N SER F 174 31.21 7.23 19.07
CA SER F 174 29.94 7.19 18.34
C SER F 174 29.93 8.32 17.32
N VAL F 175 30.08 7.99 16.05
CA VAL F 175 30.10 9.02 15.03
C VAL F 175 28.77 9.16 14.34
N ALA F 176 28.18 10.36 14.50
CA ALA F 176 26.90 10.73 13.92
C ALA F 176 27.07 11.24 12.48
N LYS F 177 26.02 11.10 11.68
CA LYS F 177 26.01 11.53 10.28
C LYS F 177 27.36 11.28 9.62
N ALA F 178 27.75 10.01 9.67
CA ALA F 178 29.09 9.57 9.31
C ALA F 178 29.45 10.00 7.88
N PHE F 179 28.46 9.97 7.00
CA PHE F 179 28.69 10.39 5.62
C PHE F 179 29.32 11.79 5.49
N GLN F 180 29.08 12.67 6.47
CA GLN F 180 29.67 14.03 6.44
C GLN F 180 31.09 14.07 7.00
N GLU F 181 31.54 12.97 7.59
CA GLU F 181 32.79 12.95 8.33
C GLU F 181 33.94 12.30 7.56
N PHE F 182 33.62 11.72 6.41
CA PHE F 182 34.65 11.09 5.55
C PHE F 182 34.71 11.77 4.21
N ASP F 183 35.93 11.96 3.71
CA ASP F 183 36.14 12.66 2.45
C ASP F 183 36.11 11.72 1.25
N ALA F 184 36.30 12.27 0.05
CA ALA F 184 36.24 11.47 -1.17
C ALA F 184 37.20 10.28 -1.15
N ASN F 185 38.28 10.40 -0.38
CA ASN F 185 39.31 9.35 -0.33
C ASN F 185 39.09 8.33 0.79
N GLY F 186 37.99 8.47 1.52
CA GLY F 186 37.68 7.54 2.60
C GLY F 186 38.41 7.90 3.89
N ARG F 187 39.02 9.08 3.94
CA ARG F 187 39.69 9.53 5.15
C ARG F 187 38.75 10.33 6.05
N MET F 188 38.82 10.06 7.34
CA MET F 188 38.06 10.82 8.32
C MET F 188 38.53 12.29 8.46
N LYS F 189 37.57 13.22 8.39
CA LYS F 189 37.89 14.64 8.43
C LYS F 189 38.30 15.05 9.84
N PRO F 190 39.15 16.09 9.97
CA PRO F 190 39.45 16.56 11.33
C PRO F 190 38.19 17.07 12.04
N SER F 191 37.97 16.68 13.29
CA SER F 191 36.72 17.01 14.00
C SER F 191 36.84 16.53 15.42
N SER F 192 35.83 16.86 16.22
CA SER F 192 35.72 16.32 17.56
C SER F 192 35.57 14.80 17.55
N TYR F 193 34.81 14.28 16.57
CA TYR F 193 34.63 12.83 16.42
C TYR F 193 35.97 12.12 16.18
N TYR F 194 36.83 12.68 15.32
CA TYR F 194 38.16 12.08 15.09
C TYR F 194 39.03 12.16 16.34
N ASP F 195 38.96 13.28 17.05
CA ASP F 195 39.68 13.44 18.32
C ASP F 195 39.33 12.34 19.30
N ARG F 196 38.03 12.05 19.44
CA ARG F 196 37.56 10.92 20.26
C ARG F 196 38.12 9.56 19.77
N VAL F 197 38.10 9.30 18.47
CA VAL F 197 38.73 8.07 17.91
C VAL F 197 40.21 7.99 18.38
N VAL F 198 40.94 9.10 18.36
CA VAL F 198 42.33 9.07 18.82
C VAL F 198 42.39 8.68 20.29
N ASP F 199 41.58 9.36 21.12
CA ASP F 199 41.49 9.04 22.56
C ASP F 199 41.22 7.55 22.77
N VAL F 200 40.27 7.00 22.01
CA VAL F 200 39.83 5.63 22.23
C VAL F 200 40.99 4.67 21.88
N MET F 201 41.66 4.90 20.76
CA MET F 201 42.77 4.03 20.36
C MET F 201 43.96 4.17 21.32
N GLU F 202 44.23 5.39 21.76
CA GLU F 202 45.30 5.68 22.69
C GLU F 202 45.07 4.87 23.97
N GLU F 203 43.82 4.91 24.44
CA GLU F 203 43.42 4.25 25.68
C GLU F 203 43.47 2.74 25.52
N LEU F 204 42.98 2.22 24.40
CA LEU F 204 43.05 0.80 24.16
C LEU F 204 44.48 0.28 24.21
N VAL F 205 45.40 0.99 23.57
CA VAL F 205 46.79 0.58 23.60
C VAL F 205 47.36 0.59 25.02
N LYS F 206 47.04 1.62 25.82
CA LYS F 206 47.49 1.66 27.22
C LYS F 206 46.98 0.49 28.05
N PHE F 207 45.67 0.22 27.98
CA PHE F 207 45.08 -0.90 28.71
C PHE F 207 45.64 -2.26 28.30
N THR F 208 45.89 -2.44 27.01
CA THR F 208 46.42 -3.68 26.47
C THR F 208 47.87 -3.88 27.01
N LEU F 209 48.70 -2.83 26.89
CA LEU F 209 50.08 -2.88 27.43
C LEU F 209 50.07 -3.15 28.94
N LEU F 210 49.13 -2.52 29.64
CA LEU F 210 48.95 -2.67 31.10
C LEU F 210 48.56 -4.08 31.56
N THR F 211 47.73 -4.74 30.78
CA THR F 211 47.07 -5.98 31.20
C THR F 211 47.56 -7.28 30.57
N ARG F 212 48.16 -7.24 29.37
CA ARG F 212 48.41 -8.47 28.60
C ARG F 212 49.37 -9.43 29.30
N ASP F 213 50.38 -8.87 29.97
CA ASP F 213 51.43 -9.64 30.61
C ASP F 213 50.97 -10.33 31.89
N CYS F 214 49.95 -9.77 32.54
CA CYS F 214 49.47 -10.34 33.79
C CYS F 214 48.06 -10.88 33.69
N SER F 215 47.56 -11.04 32.46
CA SER F 215 46.19 -11.52 32.22
C SER F 215 45.88 -12.83 32.95
N ALA F 216 46.76 -13.82 32.82
CA ALA F 216 46.56 -15.13 33.49
C ALA F 216 46.35 -14.98 35.00
N TYR F 217 47.06 -14.05 35.63
CA TYR F 217 46.86 -13.78 37.05
C TYR F 217 45.50 -13.12 37.33
N LEU F 218 45.16 -12.13 36.52
CA LEU F 218 43.89 -11.41 36.67
C LEU F 218 42.72 -12.39 36.57
N THR F 219 42.95 -13.45 35.80
CA THR F 219 41.94 -14.43 35.40
C THR F 219 42.06 -15.73 36.27
N ASP F 220 42.96 -15.68 37.24
CA ASP F 220 43.14 -16.76 38.21
C ASP F 220 42.12 -16.64 39.36
N ARG F 221 41.00 -17.34 39.24
CA ARG F 221 39.85 -17.13 40.15
C ARG F 221 39.70 -18.10 41.32
N TYR F 222 39.30 -17.55 42.46
CA TYR F 222 38.90 -18.33 43.60
C TYR F 222 38.04 -19.52 43.22
N SER F 223 36.95 -19.28 42.50
CA SER F 223 35.98 -20.34 42.22
C SER F 223 36.58 -21.45 41.36
N GLU F 224 37.63 -21.13 40.60
CA GLU F 224 38.25 -22.10 39.70
C GLU F 224 39.34 -22.94 40.35
N ARG F 225 39.90 -22.48 41.47
CA ARG F 225 40.89 -23.26 42.15
C ARG F 225 40.23 -24.15 43.20
N LYS F 226 39.04 -23.74 43.60
CA LYS F 226 38.13 -24.54 44.42
C LYS F 226 37.64 -25.76 43.62
N GLU F 227 37.41 -25.53 42.33
CA GLU F 227 36.93 -26.56 41.40
C GLU F 227 37.96 -27.66 41.07
N HIS G 8 51.97 4.99 7.33
CA HIS G 8 50.67 5.59 6.88
C HIS G 8 50.14 6.78 7.71
N ASP G 9 49.88 7.86 6.98
CA ASP G 9 49.71 9.21 7.50
C ASP G 9 48.42 9.48 8.29
N LEU G 10 48.51 10.48 9.16
CA LEU G 10 47.42 10.86 10.06
C LEU G 10 47.08 12.36 9.91
N PRO G 11 46.51 12.73 8.75
CA PRO G 11 46.26 14.15 8.44
C PRO G 11 45.25 14.84 9.36
N ALA G 12 44.45 14.07 10.08
CA ALA G 12 43.48 14.69 10.96
C ALA G 12 43.98 14.79 12.41
N ALA G 13 45.21 14.35 12.64
CA ALA G 13 45.79 14.35 13.99
C ALA G 13 46.71 15.56 14.15
N ASN G 14 46.66 16.15 15.34
CA ASN G 14 47.51 17.27 15.69
C ASN G 14 48.82 16.77 16.28
N LEU G 15 49.93 17.11 15.63
CA LEU G 15 51.26 16.65 16.01
C LEU G 15 51.71 17.09 17.41
N GLN G 16 51.16 18.19 17.89
CA GLN G 16 51.54 18.72 19.19
C GLN G 16 50.83 18.01 20.35
N GLN G 17 49.82 17.20 20.03
CA GLN G 17 49.04 16.47 21.02
C GLN G 17 49.25 14.96 20.95
N LEU G 18 49.59 14.47 19.76
CA LEU G 18 49.88 13.04 19.53
C LEU G 18 51.03 12.55 20.38
N ARG G 19 50.83 11.43 21.07
CA ARG G 19 51.90 10.82 21.86
C ARG G 19 51.91 9.31 21.78
N LEU G 20 53.11 8.77 21.54
CA LEU G 20 53.34 7.34 21.61
C LEU G 20 53.14 6.87 23.05
N PRO G 21 52.63 5.65 23.23
CA PRO G 21 52.51 5.18 24.60
C PRO G 21 53.87 4.96 25.26
N ASP G 22 53.90 5.20 26.55
CA ASP G 22 55.13 5.17 27.32
C ASP G 22 54.94 4.09 28.36
N SER G 23 55.59 2.95 28.13
CA SER G 23 55.48 1.78 29.00
C SER G 23 55.79 2.09 30.48
N ALA G 24 56.82 2.91 30.69
CA ALA G 24 57.23 3.33 32.05
C ALA G 24 56.15 4.10 32.80
N SER G 25 55.36 4.88 32.07
CA SER G 25 54.26 5.65 32.67
C SER G 25 53.15 4.73 33.17
N LEU G 26 53.04 3.54 32.59
CA LEU G 26 52.09 2.53 33.04
C LEU G 26 52.57 1.86 34.33
N ARG G 27 53.86 2.03 34.63
CA ARG G 27 54.49 1.29 35.70
C ARG G 27 55.18 2.18 36.75
N PRO G 28 54.44 3.12 37.36
CA PRO G 28 55.08 3.90 38.41
C PRO G 28 55.29 3.01 39.64
N ALA G 29 56.06 3.50 40.62
CA ALA G 29 56.23 2.75 41.87
C ALA G 29 54.85 2.45 42.49
N PHE G 30 54.66 1.19 42.89
CA PHE G 30 53.44 0.75 43.58
C PHE G 30 53.22 1.47 44.91
N SER G 31 52.00 1.94 45.13
CA SER G 31 51.59 2.45 46.44
C SER G 31 51.54 1.31 47.46
N THR G 32 51.98 1.61 48.73
CA THR G 32 52.07 0.56 49.74
C THR G 32 50.82 0.49 50.64
N HIS G 33 49.92 1.46 50.51
CA HIS G 33 48.72 1.57 51.36
C HIS G 33 47.54 0.71 50.90
N ARG G 34 46.57 0.47 51.80
CA ARG G 34 45.37 -0.34 51.49
C ARG G 34 44.50 0.33 50.42
N PRO G 35 44.06 -0.43 49.37
CA PRO G 35 43.10 0.08 48.38
C PRO G 35 41.78 0.55 49.04
N ARG G 36 41.31 1.74 48.66
CA ARG G 36 40.17 2.40 49.28
C ARG G 36 38.92 2.08 48.48
N ILE G 37 38.03 1.26 49.07
CA ILE G 37 36.85 0.79 48.38
C ILE G 37 35.62 1.36 49.05
N LEU G 38 34.80 2.04 48.27
CA LEU G 38 33.51 2.56 48.72
C LEU G 38 32.41 1.61 48.24
N ILE G 39 31.54 1.17 49.14
CA ILE G 39 30.39 0.36 48.74
C ILE G 39 29.11 1.19 48.88
N LEU G 40 28.33 1.24 47.79
CA LEU G 40 27.02 1.87 47.79
C LEU G 40 25.97 0.77 47.56
N TYR G 41 24.83 0.85 48.24
CA TYR G 41 23.74 -0.07 47.98
C TYR G 41 22.40 0.64 47.72
N GLY G 42 21.40 -0.11 47.25
CA GLY G 42 20.24 0.55 46.68
C GLY G 42 18.90 0.31 47.35
N SER G 43 18.91 0.08 48.67
CA SER G 43 17.68 -0.19 49.40
C SER G 43 17.74 0.40 50.78
N LEU G 44 16.58 0.84 51.28
CA LEU G 44 16.42 1.31 52.65
C LEU G 44 15.48 0.43 53.47
N ARG G 45 15.15 -0.74 52.93
CA ARG G 45 14.33 -1.74 53.66
C ARG G 45 15.04 -2.17 54.93
N THR G 46 14.27 -2.32 56.01
CA THR G 46 14.77 -2.88 57.25
C THR G 46 15.47 -4.24 57.02
N VAL G 47 14.80 -5.14 56.31
CA VAL G 47 15.43 -6.37 55.84
C VAL G 47 15.82 -6.13 54.38
N SER G 48 17.11 -5.97 54.13
CA SER G 48 17.55 -5.62 52.78
C SER G 48 18.67 -6.58 52.32
N TYR G 49 18.41 -7.31 51.26
CA TYR G 49 19.43 -8.25 50.73
C TYR G 49 20.55 -7.53 50.02
N SER G 50 20.27 -6.37 49.44
CA SER G 50 21.38 -5.60 48.85
C SER G 50 22.35 -5.13 49.95
N ARG G 51 21.81 -4.70 51.10
CA ARG G 51 22.66 -4.29 52.24
C ARG G 51 23.43 -5.48 52.83
N LEU G 52 22.77 -6.63 52.95
CA LEU G 52 23.42 -7.85 53.44
C LEU G 52 24.52 -8.32 52.47
N LEU G 53 24.24 -8.20 51.18
CA LEU G 53 25.26 -8.49 50.16
C LEU G 53 26.43 -7.50 50.24
N ALA G 54 26.11 -6.20 50.37
CA ALA G 54 27.14 -5.18 50.56
C ALA G 54 28.06 -5.54 51.72
N GLU G 55 27.46 -6.00 52.82
CA GLU G 55 28.28 -6.39 53.99
C GLU G 55 29.17 -7.62 53.77
N GLU G 56 28.68 -8.60 52.99
CA GLU G 56 29.52 -9.74 52.60
C GLU G 56 30.67 -9.27 51.70
N ALA G 57 30.39 -8.33 50.79
CA ALA G 57 31.44 -7.73 49.96
C ALA G 57 32.47 -7.04 50.83
N ARG G 58 32.00 -6.24 51.80
CA ARG G 58 32.89 -5.59 52.78
C ARG G 58 33.85 -6.59 53.44
N ARG G 59 33.29 -7.67 53.99
CA ARG G 59 34.10 -8.70 54.66
C ARG G 59 35.20 -9.28 53.77
N LEU G 60 34.86 -9.56 52.51
CA LEU G 60 35.78 -10.19 51.57
C LEU G 60 36.87 -9.23 51.18
N LEU G 61 36.47 -8.00 50.86
CA LEU G 61 37.40 -6.93 50.51
C LEU G 61 38.42 -6.67 51.62
N GLU G 62 37.96 -6.53 52.86
CA GLU G 62 38.85 -6.34 54.01
C GLU G 62 39.86 -7.48 54.16
N PHE G 63 39.41 -8.70 53.88
CA PHE G 63 40.27 -9.88 53.93
C PHE G 63 41.36 -9.77 52.86
N PHE G 64 40.96 -9.37 51.66
CA PHE G 64 41.84 -9.15 50.52
C PHE G 64 42.78 -7.93 50.63
N GLY G 65 42.69 -7.20 51.73
CA GLY G 65 43.60 -6.08 52.02
C GLY G 65 43.04 -4.68 51.81
N ALA G 66 41.73 -4.57 51.58
CA ALA G 66 41.14 -3.28 51.30
C ALA G 66 40.71 -2.54 52.56
N GLU G 67 40.72 -1.22 52.49
CA GLU G 67 40.03 -0.40 53.46
C GLU G 67 38.69 -0.05 52.87
N VAL G 68 37.61 -0.46 53.57
CA VAL G 68 36.25 -0.35 53.06
C VAL G 68 35.42 0.65 53.87
N LYS G 69 34.70 1.53 53.17
CA LYS G 69 33.69 2.38 53.79
C LYS G 69 32.37 2.10 53.09
N VAL G 70 31.30 1.92 53.88
CA VAL G 70 29.96 1.66 53.34
C VAL G 70 29.09 2.89 53.64
N PHE G 71 28.51 3.47 52.60
CA PHE G 71 27.64 4.62 52.73
C PHE G 71 26.21 4.17 53.02
N ASP G 72 25.63 4.73 54.08
CA ASP G 72 24.21 4.56 54.39
C ASP G 72 23.40 5.71 53.73
N PRO G 73 22.52 5.38 52.76
CA PRO G 73 21.81 6.43 52.01
C PRO G 73 20.59 6.98 52.76
N SER G 74 20.31 6.43 53.93
CA SER G 74 19.20 6.93 54.72
C SER G 74 19.35 8.45 54.96
N GLY G 75 18.31 9.21 54.62
CA GLY G 75 18.32 10.68 54.81
C GLY G 75 18.87 11.48 53.64
N LEU G 76 19.34 10.79 52.61
CA LEU G 76 19.83 11.46 51.40
C LEU G 76 18.68 12.16 50.67
N PRO G 77 18.78 13.48 50.44
CA PRO G 77 17.71 14.14 49.69
C PRO G 77 17.72 13.73 48.22
N LEU G 78 16.59 13.89 47.54
CA LEU G 78 16.53 13.67 46.09
C LEU G 78 17.48 14.68 45.45
N PRO G 79 18.16 14.29 44.36
CA PRO G 79 19.01 15.26 43.65
C PRO G 79 18.28 16.60 43.40
N ASP G 80 18.92 17.70 43.81
CA ASP G 80 18.35 19.06 43.64
C ASP G 80 17.19 19.35 44.60
N ALA G 81 17.03 18.52 45.62
CA ALA G 81 16.03 18.78 46.63
C ALA G 81 16.66 19.45 47.86
N ALA G 82 17.96 19.71 47.80
CA ALA G 82 18.71 20.32 48.91
C ALA G 82 19.99 20.97 48.42
N PRO G 83 20.51 21.99 49.15
CA PRO G 83 21.82 22.51 48.74
C PRO G 83 22.89 21.43 48.85
N VAL G 84 23.97 21.54 48.09
CA VAL G 84 25.04 20.52 48.14
C VAL G 84 25.72 20.42 49.50
N SER G 85 25.43 21.36 50.39
CA SER G 85 25.98 21.40 51.74
C SER G 85 25.28 20.41 52.68
N HIS G 86 24.17 19.82 52.23
CA HIS G 86 23.45 18.84 53.04
C HIS G 86 24.43 17.78 53.55
N PRO G 87 24.36 17.42 54.85
CA PRO G 87 25.35 16.49 55.43
C PRO G 87 25.49 15.15 54.68
N LYS G 88 24.38 14.60 54.19
CA LYS G 88 24.46 13.32 53.48
C LYS G 88 25.08 13.45 52.09
N VAL G 89 24.80 14.57 51.41
CA VAL G 89 25.39 14.83 50.09
C VAL G 89 26.92 15.00 50.22
N GLN G 90 27.34 15.80 51.20
CA GLN G 90 28.78 16.01 51.42
C GLN G 90 29.48 14.72 51.81
N GLU G 91 28.84 13.93 52.67
CA GLU G 91 29.35 12.60 53.02
C GLU G 91 29.58 11.72 51.79
N LEU G 92 28.55 11.60 50.96
CA LEU G 92 28.62 10.79 49.75
C LEU G 92 29.73 11.28 48.81
N ARG G 93 29.75 12.58 48.53
CA ARG G 93 30.76 13.15 47.62
C ARG G 93 32.18 12.98 48.15
N GLU G 94 32.38 13.22 49.44
CA GLU G 94 33.70 13.02 50.04
C GLU G 94 34.15 11.56 49.97
N LEU G 95 33.23 10.64 50.23
CA LEU G 95 33.52 9.20 50.12
C LEU G 95 33.90 8.81 48.70
N SER G 96 33.15 9.34 47.73
CA SER G 96 33.47 9.07 46.33
C SER G 96 34.89 9.57 46.00
N ILE G 97 35.19 10.82 46.38
CA ILE G 97 36.53 11.39 46.17
C ILE G 97 37.62 10.56 46.85
N TRP G 98 37.34 10.07 48.05
CA TRP G 98 38.28 9.25 48.83
C TRP G 98 38.55 7.91 48.13
N SER G 99 37.50 7.34 47.53
CA SER G 99 37.56 6.01 46.93
C SER G 99 38.65 5.88 45.85
N GLU G 100 39.23 4.68 45.75
CA GLU G 100 39.99 4.30 44.56
C GLU G 100 39.20 3.34 43.68
N GLY G 101 38.22 2.68 44.29
CA GLY G 101 37.36 1.74 43.60
C GLY G 101 36.03 1.71 44.31
N GLN G 102 35.00 1.18 43.65
CA GLN G 102 33.64 1.16 44.21
C GLN G 102 32.91 -0.12 43.87
N VAL G 103 31.97 -0.46 44.74
CA VAL G 103 31.07 -1.57 44.52
C VAL G 103 29.70 -0.95 44.63
N TRP G 104 28.86 -1.18 43.60
CA TRP G 104 27.45 -0.78 43.66
C TRP G 104 26.59 -2.05 43.75
N VAL G 105 25.74 -2.14 44.77
CA VAL G 105 24.84 -3.27 44.94
C VAL G 105 23.40 -2.77 44.87
N SER G 106 22.71 -3.08 43.78
CA SER G 106 21.32 -2.67 43.58
C SER G 106 20.34 -3.86 43.64
N PRO G 107 19.21 -3.70 44.35
CA PRO G 107 18.13 -4.64 44.07
C PRO G 107 17.67 -4.41 42.63
N GLU G 108 16.97 -5.39 42.09
CA GLU G 108 16.26 -5.17 40.84
C GLU G 108 14.80 -4.92 41.17
N ARG G 109 14.32 -3.73 40.88
CA ARG G 109 12.97 -3.34 41.21
C ARG G 109 12.31 -2.87 39.90
N HIS G 110 11.16 -3.46 39.60
CA HIS G 110 10.48 -3.27 38.32
C HIS G 110 11.44 -3.48 37.15
N GLY G 111 12.26 -4.53 37.25
CA GLY G 111 13.15 -4.95 36.15
C GLY G 111 14.29 -4.00 35.89
N ALA G 112 14.66 -3.20 36.90
CA ALA G 112 15.67 -2.16 36.73
C ALA G 112 16.44 -1.89 38.01
N MET G 113 17.52 -1.12 37.90
CA MET G 113 18.18 -0.62 39.08
C MET G 113 17.20 0.29 39.85
N THR G 114 17.47 0.46 41.13
CA THR G 114 16.57 1.13 42.04
C THR G 114 16.77 2.66 41.98
N GLY G 115 15.71 3.42 42.22
CA GLY G 115 15.80 4.87 42.39
C GLY G 115 16.87 5.31 43.39
N ILE G 116 16.97 4.61 44.51
CA ILE G 116 17.98 4.92 45.54
C ILE G 116 19.42 4.73 45.03
N MET G 117 19.67 3.66 44.27
CA MET G 117 20.98 3.48 43.63
C MET G 117 21.26 4.63 42.66
N LYS G 118 20.32 4.91 41.73
CA LYS G 118 20.58 5.93 40.70
C LYS G 118 20.73 7.31 41.32
N ALA G 119 19.92 7.60 42.34
CA ALA G 119 19.94 8.92 43.01
C ALA G 119 21.30 9.24 43.64
N GLN G 120 21.93 8.23 44.23
CA GLN G 120 23.28 8.36 44.78
C GLN G 120 24.28 8.76 43.68
N ILE G 121 24.21 8.09 42.54
CA ILE G 121 25.15 8.40 41.46
C ILE G 121 24.82 9.79 40.85
N ASP G 122 23.54 10.12 40.83
CA ASP G 122 23.08 11.41 40.31
C ASP G 122 23.70 12.57 41.11
N TRP G 123 23.91 12.36 42.40
CA TRP G 123 24.48 13.38 43.32
C TRP G 123 26.00 13.55 43.15
N ILE G 124 26.62 12.62 42.44
CA ILE G 124 28.07 12.67 42.18
C ILE G 124 28.33 13.29 40.81
N PRO G 125 28.93 14.50 40.78
CA PRO G 125 29.26 15.11 39.50
C PRO G 125 30.51 14.49 38.89
N LEU G 126 30.66 14.59 37.57
CA LEU G 126 31.91 14.16 36.91
C LEU G 126 33.08 15.01 37.39
N SER G 127 32.82 16.29 37.63
CA SER G 127 33.87 17.22 38.04
C SER G 127 33.36 18.18 39.11
N THR G 128 34.19 18.41 40.11
CA THR G 128 33.96 19.51 41.04
C THR G 128 35.28 20.26 41.18
N GLY G 129 35.50 21.22 40.28
CA GLY G 129 36.77 21.95 40.19
C GLY G 129 37.74 21.18 39.29
N SER G 130 38.89 20.82 39.86
CA SER G 130 39.83 19.95 39.15
C SER G 130 39.80 18.53 39.71
N ILE G 131 38.98 18.32 40.75
CA ILE G 131 38.77 17.02 41.36
C ILE G 131 37.81 16.18 40.49
N ARG G 132 38.15 14.93 40.23
CA ARG G 132 37.21 14.00 39.54
C ARG G 132 36.80 12.84 40.45
N PRO G 133 35.56 12.88 41.02
CA PRO G 133 35.16 11.90 42.03
C PRO G 133 35.13 10.43 41.58
N THR G 134 34.99 10.17 40.28
CA THR G 134 34.87 8.79 39.82
C THR G 134 35.82 8.41 38.67
N GLN G 135 36.25 9.39 37.86
CA GLN G 135 36.99 9.09 36.65
C GLN G 135 38.17 8.17 36.90
N GLY G 136 38.21 7.05 36.19
CA GLY G 136 39.39 6.17 36.16
C GLY G 136 39.45 5.19 37.31
N LYS G 137 38.49 5.30 38.22
CA LYS G 137 38.42 4.44 39.39
C LYS G 137 37.79 3.12 39.00
N THR G 138 38.13 2.06 39.74
CA THR G 138 37.53 0.75 39.40
C THR G 138 36.11 0.65 39.96
N LEU G 139 35.31 -0.21 39.33
CA LEU G 139 33.92 -0.42 39.71
C LEU G 139 33.54 -1.90 39.51
N ALA G 140 32.88 -2.47 40.52
CA ALA G 140 32.24 -3.78 40.43
C ALA G 140 30.74 -3.56 40.63
N VAL G 141 29.93 -4.16 39.77
CA VAL G 141 28.46 -4.06 39.90
C VAL G 141 27.85 -5.39 40.34
N MET G 142 26.88 -5.32 41.26
CA MET G 142 26.18 -6.48 41.79
C MET G 142 24.69 -6.19 41.91
N GLN G 143 23.86 -7.19 41.68
CA GLN G 143 22.44 -7.01 41.98
C GLN G 143 21.89 -8.19 42.73
N VAL G 144 20.73 -7.93 43.36
CA VAL G 144 19.99 -8.90 44.08
C VAL G 144 18.55 -8.82 43.57
N SER G 145 17.85 -9.93 43.62
CA SER G 145 16.43 -9.85 43.30
C SER G 145 15.62 -10.83 44.11
N GLY G 146 14.34 -10.49 44.30
CA GLY G 146 13.41 -11.35 45.00
C GLY G 146 12.91 -12.43 44.06
N GLY G 147 13.10 -12.21 42.76
CA GLY G 147 12.57 -13.11 41.76
C GLY G 147 13.64 -13.95 41.12
N SER G 148 13.27 -14.56 39.99
CA SER G 148 14.17 -15.38 39.19
C SER G 148 15.24 -14.53 38.50
N GLN G 149 16.26 -15.20 38.00
CA GLN G 149 17.44 -14.54 37.49
C GLN G 149 17.14 -13.45 36.46
N SER G 150 17.82 -12.33 36.62
CA SER G 150 17.81 -11.25 35.64
C SER G 150 19.18 -10.60 35.68
N PHE G 151 19.51 -9.83 34.66
CA PHE G 151 20.75 -9.01 34.66
C PHE G 151 20.42 -7.56 34.36
N ASN G 152 19.15 -7.20 34.47
CA ASN G 152 18.71 -5.87 34.04
C ASN G 152 19.41 -4.77 34.81
N ALA G 153 19.50 -4.93 36.13
CA ALA G 153 20.08 -3.89 36.99
C ALA G 153 21.60 -3.77 36.75
N VAL G 154 22.34 -4.88 36.75
CA VAL G 154 23.79 -4.80 36.46
C VAL G 154 24.09 -4.29 35.05
N ASN G 155 23.22 -4.59 34.07
CA ASN G 155 23.42 -4.06 32.71
C ASN G 155 23.34 -2.53 32.76
N GLN G 156 22.30 -2.01 33.42
CA GLN G 156 22.12 -0.56 33.58
C GLN G 156 23.29 0.07 34.33
N MET G 157 23.74 -0.58 35.39
CA MET G 157 24.89 -0.08 36.13
C MET G 157 26.22 -0.09 35.39
N ARG G 158 26.38 -1.09 34.55
CA ARG G 158 27.61 -1.22 33.71
C ARG G 158 27.67 -0.10 32.69
N ILE G 159 26.52 0.25 32.09
CA ILE G 159 26.43 1.40 31.18
C ILE G 159 26.68 2.72 31.98
N LEU G 160 26.13 2.79 33.18
CA LEU G 160 26.39 3.88 34.13
C LEU G 160 27.90 4.03 34.44
N GLY G 161 28.56 2.89 34.63
CA GLY G 161 30.00 2.83 34.88
C GLY G 161 30.77 3.61 33.84
N ARG G 162 30.43 3.36 32.55
CA ARG G 162 31.02 4.08 31.40
C ARG G 162 30.81 5.57 31.56
N TRP G 163 29.58 6.00 31.81
CA TRP G 163 29.28 7.39 31.86
C TRP G 163 30.02 8.10 33.01
N MET G 164 30.28 7.36 34.09
CA MET G 164 31.08 7.86 35.22
C MET G 164 32.61 7.71 34.97
N ARG G 165 32.95 7.21 33.78
CA ARG G 165 34.34 7.05 33.33
C ARG G 165 35.18 6.12 34.20
N MET G 166 34.49 5.14 34.77
CA MET G 166 35.11 4.16 35.63
C MET G 166 35.55 2.93 34.86
N ILE G 167 36.53 2.24 35.44
CA ILE G 167 37.02 0.99 34.90
C ILE G 167 36.13 -0.13 35.48
N THR G 168 35.06 -0.47 34.76
CA THR G 168 34.11 -1.47 35.24
C THR G 168 34.65 -2.86 34.92
N ILE G 169 35.05 -3.58 35.96
CA ILE G 169 35.68 -4.89 35.80
C ILE G 169 34.68 -5.86 35.16
N PRO G 170 35.19 -6.86 34.42
CA PRO G 170 34.29 -7.73 33.63
C PRO G 170 33.36 -8.59 34.52
N ASN G 171 33.85 -9.10 35.64
CA ASN G 171 33.02 -9.94 36.47
C ASN G 171 31.97 -9.16 37.28
N GLN G 172 30.88 -9.83 37.57
CA GLN G 172 29.73 -9.20 38.26
C GLN G 172 28.91 -10.30 38.90
N SER G 173 27.98 -9.90 39.77
CA SER G 173 27.21 -10.85 40.55
C SER G 173 25.76 -10.49 40.40
N SER G 174 24.92 -11.49 40.10
CA SER G 174 23.47 -11.31 40.13
C SER G 174 22.85 -12.46 40.94
N VAL G 175 22.37 -12.15 42.14
CA VAL G 175 21.80 -13.22 42.96
C VAL G 175 20.26 -13.26 42.88
N ALA G 176 19.75 -14.38 42.36
CA ALA G 176 18.31 -14.57 42.17
C ALA G 176 17.67 -15.07 43.46
N LYS G 177 16.39 -14.74 43.68
CA LYS G 177 15.67 -15.18 44.87
C LYS G 177 16.57 -15.06 46.12
N ALA G 178 17.04 -13.85 46.39
CA ALA G 178 18.10 -13.63 47.36
C ALA G 178 17.74 -13.98 48.80
N PHE G 179 16.47 -13.83 49.15
CA PHE G 179 15.97 -14.22 50.47
C PHE G 179 16.33 -15.70 50.84
N GLN G 180 16.45 -16.56 49.82
CA GLN G 180 16.83 -17.99 49.96
C GLN G 180 18.31 -18.19 50.20
N GLU G 181 19.08 -17.13 50.00
CA GLU G 181 20.53 -17.26 49.96
C GLU G 181 21.18 -16.64 51.18
N PHE G 182 20.35 -16.12 52.10
CA PHE G 182 20.85 -15.56 53.34
C PHE G 182 20.22 -16.30 54.53
N ASP G 183 21.03 -16.57 55.53
CA ASP G 183 20.58 -17.32 56.69
C ASP G 183 19.91 -16.42 57.77
N ALA G 184 19.55 -17.04 58.88
CA ALA G 184 18.87 -16.38 59.99
C ALA G 184 19.70 -15.30 60.70
N ASN G 185 21.01 -15.30 60.48
CA ASN G 185 21.94 -14.30 61.01
C ASN G 185 22.32 -13.23 59.99
N GLY G 186 21.68 -13.23 58.81
CA GLY G 186 22.00 -12.28 57.76
C GLY G 186 23.24 -12.62 56.95
N ARG G 187 23.72 -13.85 57.06
CA ARG G 187 24.93 -14.25 56.36
C ARG G 187 24.59 -15.06 55.11
N MET G 188 25.29 -14.77 54.02
CA MET G 188 25.11 -15.49 52.76
C MET G 188 25.53 -16.96 52.88
N LYS G 189 24.71 -17.84 52.32
CA LYS G 189 24.91 -19.28 52.41
C LYS G 189 25.94 -19.69 51.37
N PRO G 190 26.74 -20.73 51.66
CA PRO G 190 27.65 -21.24 50.62
C PRO G 190 26.84 -21.75 49.43
N SER G 191 27.30 -21.40 48.22
CA SER G 191 26.65 -21.69 46.95
C SER G 191 27.56 -21.15 45.86
N SER G 192 27.20 -21.46 44.62
CA SER G 192 27.82 -20.86 43.45
C SER G 192 27.74 -19.33 43.46
N TYR G 193 26.63 -18.81 43.98
CA TYR G 193 26.45 -17.35 44.07
C TYR G 193 27.53 -16.74 44.96
N TYR G 194 27.78 -17.36 46.10
CA TYR G 194 28.78 -16.81 47.02
C TYR G 194 30.19 -16.86 46.42
N ASP G 195 30.51 -17.97 45.77
CA ASP G 195 31.77 -18.13 45.07
C ASP G 195 31.99 -17.03 44.01
N ARG G 196 30.95 -16.69 43.26
CA ARG G 196 31.03 -15.59 42.31
C ARG G 196 31.32 -14.25 43.01
N VAL G 197 30.63 -13.97 44.12
CA VAL G 197 30.89 -12.77 44.93
C VAL G 197 32.38 -12.71 45.35
N VAL G 198 32.91 -13.82 45.85
CA VAL G 198 34.36 -13.91 46.07
C VAL G 198 35.20 -13.56 44.82
N ASP G 199 34.94 -14.21 43.68
CA ASP G 199 35.66 -13.86 42.43
C ASP G 199 35.56 -12.37 42.10
N VAL G 200 34.36 -11.78 42.25
CA VAL G 200 34.17 -10.37 41.90
C VAL G 200 35.03 -9.46 42.80
N MET G 201 35.06 -9.74 44.11
CA MET G 201 35.85 -8.92 45.03
C MET G 201 37.35 -9.06 44.80
N GLU G 202 37.78 -10.30 44.56
CA GLU G 202 39.17 -10.64 44.27
C GLU G 202 39.63 -9.90 43.03
N GLU G 203 38.83 -9.94 41.98
CA GLU G 203 39.12 -9.24 40.73
C GLU G 203 39.15 -7.74 40.94
N LEU G 204 38.18 -7.20 41.70
CA LEU G 204 38.15 -5.75 41.94
C LEU G 204 39.42 -5.24 42.62
N VAL G 205 39.88 -5.95 43.65
CA VAL G 205 41.12 -5.55 44.30
C VAL G 205 42.32 -5.64 43.33
N LYS G 206 42.39 -6.72 42.55
CA LYS G 206 43.47 -6.86 41.57
C LYS G 206 43.52 -5.69 40.57
N PHE G 207 42.36 -5.32 40.02
CA PHE G 207 42.24 -4.19 39.09
C PHE G 207 42.54 -2.84 39.74
N THR G 208 42.12 -2.65 40.98
CA THR G 208 42.41 -1.45 41.74
C THR G 208 43.93 -1.30 41.94
N LEU G 209 44.59 -2.36 42.42
CA LEU G 209 46.05 -2.34 42.63
C LEU G 209 46.81 -2.11 41.32
N LEU G 210 46.28 -2.65 40.24
CA LEU G 210 46.90 -2.56 38.92
C LEU G 210 46.80 -1.17 38.32
N THR G 211 45.68 -0.48 38.55
CA THR G 211 45.39 0.77 37.85
C THR G 211 45.57 2.08 38.65
N ARG G 212 45.48 2.01 39.98
CA ARG G 212 45.35 3.22 40.82
C ARG G 212 46.53 4.19 40.72
N ASP G 213 47.75 3.65 40.64
CA ASP G 213 48.96 4.48 40.65
C ASP G 213 49.22 5.10 39.28
N CYS G 214 48.78 4.42 38.21
CA CYS G 214 48.99 4.94 36.85
C CYS G 214 47.75 5.58 36.24
N SER G 215 46.71 5.79 37.07
CA SER G 215 45.43 6.29 36.58
C SER G 215 45.56 7.64 35.89
N ALA G 216 46.36 8.56 36.45
CA ALA G 216 46.58 9.88 35.82
C ALA G 216 47.13 9.78 34.38
N TYR G 217 48.01 8.81 34.13
CA TYR G 217 48.51 8.58 32.78
C TYR G 217 47.44 7.95 31.86
N LEU G 218 46.68 7.01 32.41
CA LEU G 218 45.60 6.34 31.69
C LEU G 218 44.58 7.36 31.20
N THR G 219 44.46 8.42 31.99
CA THR G 219 43.47 9.43 31.79
C THR G 219 44.01 10.71 31.14
N ASP G 220 45.25 10.64 30.68
CA ASP G 220 45.92 11.74 30.01
C ASP G 220 45.63 11.57 28.50
N ARG G 221 44.64 12.31 28.01
CA ARG G 221 44.03 12.12 26.67
C ARG G 221 44.52 13.12 25.65
N TYR G 222 44.68 12.63 24.42
CA TYR G 222 45.05 13.43 23.24
C TYR G 222 44.20 14.68 23.07
N SER G 223 42.88 14.49 23.14
CA SER G 223 41.94 15.56 22.92
C SER G 223 42.02 16.60 24.03
N GLU G 224 42.41 16.19 25.23
CA GLU G 224 42.55 17.15 26.35
C GLU G 224 43.91 17.87 26.38
N ARG G 225 44.82 17.46 25.51
CA ARG G 225 46.11 18.16 25.38
C ARG G 225 46.06 19.38 24.45
N LYS G 226 44.91 19.70 23.84
CA LYS G 226 44.77 20.94 23.03
C LYS G 226 44.39 22.18 23.85
N ASP H 9 -1.75 -32.13 19.16
CA ASP H 9 -2.63 -30.93 19.28
C ASP H 9 -2.01 -29.93 20.26
N LEU H 10 -2.65 -29.68 21.39
CA LEU H 10 -2.10 -28.74 22.40
C LEU H 10 -2.06 -29.46 23.75
N PRO H 11 -1.17 -30.47 23.86
CA PRO H 11 -1.18 -31.30 25.05
C PRO H 11 -0.79 -30.58 26.34
N ALA H 12 -0.14 -29.42 26.24
CA ALA H 12 0.30 -28.66 27.40
C ALA H 12 -0.72 -27.60 27.89
N ALA H 13 -1.79 -27.42 27.11
CA ALA H 13 -2.82 -26.44 27.41
C ALA H 13 -4.07 -27.08 28.06
N ASN H 14 -4.80 -26.24 28.78
CA ASN H 14 -6.06 -26.61 29.38
C ASN H 14 -7.18 -26.08 28.50
N LEU H 15 -7.82 -26.97 27.76
CA LEU H 15 -8.81 -26.54 26.75
C LEU H 15 -9.96 -25.74 27.37
N GLN H 16 -10.33 -26.05 28.62
CA GLN H 16 -11.43 -25.33 29.30
C GLN H 16 -11.15 -23.85 29.44
N GLN H 17 -9.88 -23.46 29.53
CA GLN H 17 -9.50 -22.09 29.82
C GLN H 17 -9.02 -21.33 28.59
N LEU H 18 -8.71 -22.06 27.52
CA LEU H 18 -8.39 -21.42 26.25
C LEU H 18 -9.63 -20.75 25.73
N ARG H 19 -9.46 -19.54 25.21
CA ARG H 19 -10.53 -19.01 24.40
C ARG H 19 -10.12 -18.28 23.15
N LEU H 20 -11.01 -18.38 22.17
CA LEU H 20 -10.87 -17.77 20.89
C LEU H 20 -11.09 -16.27 21.04
N PRO H 21 -10.08 -15.45 20.72
CA PRO H 21 -10.30 -13.99 20.75
C PRO H 21 -11.48 -13.56 19.89
N ASP H 22 -12.20 -12.55 20.39
CA ASP H 22 -13.50 -12.17 19.88
C ASP H 22 -13.50 -10.66 19.64
N SER H 23 -13.60 -10.25 18.37
CA SER H 23 -13.64 -8.83 17.93
C SER H 23 -14.66 -7.97 18.68
N ALA H 24 -15.84 -8.53 18.88
CA ALA H 24 -16.90 -7.81 19.61
C ALA H 24 -16.49 -7.39 21.02
N SER H 25 -15.66 -8.21 21.67
CA SER H 25 -15.17 -7.89 23.01
C SER H 25 -14.13 -6.77 22.99
N LEU H 26 -13.58 -6.49 21.80
CA LEU H 26 -12.62 -5.40 21.60
C LEU H 26 -13.28 -4.07 21.30
N ARG H 27 -14.61 -4.09 21.16
CA ARG H 27 -15.35 -2.82 21.19
C ARG H 27 -16.66 -2.81 21.96
N PRO H 28 -16.57 -2.64 23.28
CA PRO H 28 -17.72 -2.24 24.05
C PRO H 28 -18.02 -0.78 23.68
N ALA H 29 -19.13 -0.24 24.16
CA ALA H 29 -19.47 1.16 23.91
C ALA H 29 -18.29 2.06 24.33
N PHE H 30 -17.91 2.99 23.46
CA PHE H 30 -16.90 4.01 23.81
C PHE H 30 -17.34 4.81 25.06
N SER H 31 -16.39 5.00 25.97
CA SER H 31 -16.46 5.98 27.07
C SER H 31 -16.62 7.36 26.48
N THR H 32 -17.25 8.27 27.23
CA THR H 32 -17.31 9.65 26.75
C THR H 32 -16.43 10.64 27.50
N HIS H 33 -16.04 10.33 28.75
CA HIS H 33 -15.24 11.26 29.59
C HIS H 33 -13.84 11.52 28.99
N ARG H 34 -13.24 12.65 29.31
CA ARG H 34 -11.92 12.99 28.75
C ARG H 34 -10.89 11.92 29.17
N PRO H 35 -10.00 11.48 28.24
CA PRO H 35 -8.92 10.55 28.61
C PRO H 35 -8.11 11.08 29.77
N ARG H 36 -7.95 10.26 30.81
CA ARG H 36 -7.20 10.65 32.00
C ARG H 36 -5.70 10.41 31.86
N ILE H 37 -4.92 11.46 31.74
CA ILE H 37 -3.47 11.32 31.55
C ILE H 37 -2.68 11.89 32.73
N LEU H 38 -1.79 11.07 33.30
CA LEU H 38 -0.93 11.55 34.38
C LEU H 38 0.46 11.82 33.82
N ILE H 39 1.01 12.97 34.14
CA ILE H 39 2.36 13.29 33.72
C ILE H 39 3.34 13.26 34.93
N LEU H 40 4.41 12.48 34.76
CA LEU H 40 5.52 12.41 35.75
C LEU H 40 6.78 12.95 35.10
N TYR H 41 7.57 13.71 35.86
CA TYR H 41 8.87 14.20 35.36
C TYR H 41 10.00 13.91 36.34
N GLY H 42 11.24 13.98 35.88
CA GLY H 42 12.32 13.49 36.69
C GLY H 42 13.34 14.44 37.22
N SER H 43 12.99 15.73 37.40
CA SER H 43 13.92 16.73 37.90
C SER H 43 13.25 17.61 38.95
N LEU H 44 14.02 17.97 39.99
CA LEU H 44 13.61 19.01 40.94
C LEU H 44 14.46 20.28 40.83
N ARG H 45 15.26 20.44 39.76
CA ARG H 45 16.00 21.70 39.54
C ARG H 45 15.07 22.86 39.40
N THR H 46 15.52 24.05 39.79
CA THR H 46 14.68 25.22 39.69
C THR H 46 14.46 25.54 38.21
N VAL H 47 15.54 25.45 37.45
CA VAL H 47 15.57 25.57 36.00
C VAL H 47 15.48 24.16 35.41
N SER H 48 14.27 23.68 35.10
CA SER H 48 14.14 22.27 34.67
C SER H 48 13.51 22.08 33.30
N TYR H 49 14.29 21.56 32.37
CA TYR H 49 13.78 21.37 31.01
C TYR H 49 12.78 20.22 30.94
N SER H 50 12.93 19.21 31.80
CA SER H 50 11.93 18.15 31.86
C SER H 50 10.57 18.70 32.36
N ARG H 51 10.60 19.61 33.33
CA ARG H 51 9.37 20.24 33.84
C ARG H 51 8.74 21.06 32.72
N LEU H 52 9.56 21.85 32.04
CA LEU H 52 9.09 22.67 30.93
C LEU H 52 8.52 21.80 29.79
N LEU H 53 9.15 20.64 29.54
CA LEU H 53 8.65 19.70 28.51
C LEU H 53 7.34 19.06 28.96
N ALA H 54 7.27 18.70 30.24
CA ALA H 54 6.05 18.15 30.83
C ALA H 54 4.90 19.11 30.60
N GLU H 55 5.18 20.42 30.76
CA GLU H 55 4.16 21.46 30.60
C GLU H 55 3.69 21.61 29.16
N GLU H 56 4.65 21.53 28.22
CA GLU H 56 4.34 21.51 26.79
C GLU H 56 3.50 20.27 26.41
N ALA H 57 3.81 19.12 27.01
CA ALA H 57 3.02 17.89 26.81
C ALA H 57 1.57 18.10 27.32
N ARG H 58 1.45 18.63 28.52
CA ARG H 58 0.13 18.94 29.13
C ARG H 58 -0.72 19.80 28.18
N ARG H 59 -0.14 20.92 27.71
CA ARG H 59 -0.86 21.83 26.83
C ARG H 59 -1.39 21.09 25.60
N LEU H 60 -0.53 20.26 24.99
CA LEU H 60 -0.90 19.49 23.82
C LEU H 60 -2.00 18.49 24.13
N LEU H 61 -1.82 17.72 25.20
CA LEU H 61 -2.81 16.71 25.62
C LEU H 61 -4.17 17.37 25.88
N GLU H 62 -4.17 18.53 26.54
CA GLU H 62 -5.42 19.25 26.81
C GLU H 62 -6.09 19.67 25.50
N PHE H 63 -5.30 20.20 24.56
CA PHE H 63 -5.81 20.54 23.23
C PHE H 63 -6.50 19.33 22.57
N PHE H 64 -5.85 18.16 22.66
CA PHE H 64 -6.38 16.90 22.12
C PHE H 64 -7.53 16.27 22.92
N GLY H 65 -7.99 16.94 23.98
CA GLY H 65 -9.18 16.51 24.72
C GLY H 65 -8.96 15.67 25.96
N ALA H 66 -7.70 15.53 26.39
CA ALA H 66 -7.34 14.85 27.63
C ALA H 66 -7.58 15.68 28.89
N GLU H 67 -7.92 14.99 30.00
CA GLU H 67 -7.84 15.60 31.33
C GLU H 67 -6.46 15.27 31.86
N VAL H 68 -5.69 16.30 32.26
CA VAL H 68 -4.28 16.08 32.57
C VAL H 68 -4.00 16.44 34.02
N LYS H 69 -3.29 15.57 34.73
CA LYS H 69 -2.72 15.92 36.04
C LYS H 69 -1.22 15.69 36.04
N VAL H 70 -0.51 16.60 36.69
CA VAL H 70 0.95 16.53 36.77
C VAL H 70 1.36 16.39 38.24
N PHE H 71 2.16 15.38 38.53
CA PHE H 71 2.59 15.11 39.89
C PHE H 71 3.87 15.88 40.17
N ASP H 72 3.86 16.66 41.24
CA ASP H 72 5.07 17.31 41.69
C ASP H 72 5.81 16.39 42.68
N PRO H 73 7.02 15.92 42.31
CA PRO H 73 7.70 14.94 43.17
C PRO H 73 8.45 15.54 44.39
N SER H 74 8.44 16.86 44.55
CA SER H 74 9.10 17.45 45.71
C SER H 74 8.52 16.89 47.00
N GLY H 75 9.40 16.39 47.87
CA GLY H 75 8.98 15.86 49.16
C GLY H 75 8.62 14.40 49.12
N LEU H 76 8.73 13.78 47.93
CA LEU H 76 8.61 12.32 47.82
C LEU H 76 9.76 11.67 48.60
N PRO H 77 9.46 10.77 49.55
CA PRO H 77 10.53 10.13 50.30
C PRO H 77 11.21 9.05 49.39
N LEU H 78 12.44 8.68 49.72
CA LEU H 78 13.08 7.54 49.07
C LEU H 78 12.23 6.28 49.36
N PRO H 79 12.07 5.39 48.37
CA PRO H 79 11.33 4.13 48.61
C PRO H 79 11.75 3.41 49.88
N ASP H 80 10.76 2.94 50.63
CA ASP H 80 10.94 2.26 51.92
C ASP H 80 11.36 3.15 53.10
N ALA H 81 11.77 4.39 52.84
CA ALA H 81 12.15 5.30 53.94
C ALA H 81 10.96 5.83 54.74
N ALA H 82 9.76 5.73 54.17
CA ALA H 82 8.52 6.18 54.81
C ALA H 82 7.49 5.09 54.56
N PRO H 83 6.43 5.04 55.37
CA PRO H 83 5.36 4.10 55.08
C PRO H 83 4.59 4.53 53.84
N VAL H 84 3.82 3.62 53.25
CA VAL H 84 3.05 3.94 52.03
C VAL H 84 2.00 5.03 52.30
N SER H 85 1.67 5.23 53.58
CA SER H 85 0.73 6.30 54.00
C SER H 85 1.30 7.71 53.88
N HIS H 86 2.60 7.85 53.62
CA HIS H 86 3.18 9.18 53.39
C HIS H 86 2.34 9.95 52.36
N PRO H 87 1.94 11.22 52.67
CA PRO H 87 1.04 11.94 51.79
C PRO H 87 1.46 11.97 50.30
N LYS H 88 2.77 12.12 50.03
CA LYS H 88 3.25 12.18 48.64
C LYS H 88 3.15 10.82 47.95
N VAL H 89 3.35 9.75 48.71
CA VAL H 89 3.23 8.39 48.15
C VAL H 89 1.77 8.10 47.85
N GLN H 90 0.90 8.39 48.83
CA GLN H 90 -0.53 8.20 48.62
C GLN H 90 -0.99 9.03 47.43
N GLU H 91 -0.57 10.29 47.36
CA GLU H 91 -0.89 11.14 46.18
C GLU H 91 -0.48 10.51 44.83
N LEU H 92 0.77 10.09 44.73
CA LEU H 92 1.26 9.45 43.50
C LEU H 92 0.46 8.19 43.14
N ARG H 93 0.24 7.34 44.15
CA ARG H 93 -0.46 6.10 43.92
C ARG H 93 -1.93 6.37 43.50
N GLU H 94 -2.57 7.33 44.15
CA GLU H 94 -3.94 7.68 43.81
C GLU H 94 -4.01 8.24 42.37
N LEU H 95 -3.01 9.04 42.01
CA LEU H 95 -2.94 9.58 40.63
C LEU H 95 -2.71 8.49 39.59
N SER H 96 -1.83 7.54 39.89
CA SER H 96 -1.59 6.44 38.97
C SER H 96 -2.89 5.62 38.78
N ILE H 97 -3.54 5.31 39.88
CA ILE H 97 -4.84 4.61 39.79
C ILE H 97 -5.88 5.38 38.95
N TRP H 98 -5.96 6.68 39.16
CA TRP H 98 -6.85 7.55 38.40
C TRP H 98 -6.54 7.53 36.88
N SER H 99 -5.26 7.50 36.52
CA SER H 99 -4.84 7.62 35.13
C SER H 99 -5.36 6.48 34.27
N GLU H 100 -5.55 6.79 32.99
CA GLU H 100 -5.79 5.79 31.95
C GLU H 100 -4.55 5.69 31.07
N GLY H 101 -3.73 6.76 31.08
CA GLY H 101 -2.45 6.78 30.39
C GLY H 101 -1.46 7.69 31.10
N GLN H 102 -0.19 7.56 30.74
CA GLN H 102 0.88 8.34 31.43
C GLN H 102 1.92 8.83 30.43
N VAL H 103 2.52 9.98 30.77
CA VAL H 103 3.73 10.48 30.11
C VAL H 103 4.80 10.49 31.20
N TRP H 104 5.96 9.91 30.92
CA TRP H 104 7.10 10.05 31.83
C TRP H 104 8.18 10.85 31.12
N VAL H 105 8.63 11.94 31.75
CA VAL H 105 9.61 12.85 31.17
C VAL H 105 10.86 12.91 32.04
N SER H 106 11.94 12.28 31.56
CA SER H 106 13.15 12.18 32.37
C SER H 106 14.29 12.94 31.71
N PRO H 107 15.07 13.69 32.52
CA PRO H 107 16.37 14.16 32.04
C PRO H 107 17.24 12.92 31.80
N GLU H 108 18.24 13.05 30.94
CA GLU H 108 19.30 12.06 30.86
C GLU H 108 20.45 12.54 31.72
N ARG H 109 20.67 11.84 32.83
CA ARG H 109 21.68 12.20 33.82
C ARG H 109 22.64 11.03 33.94
N HIS H 110 23.93 11.30 33.72
CA HIS H 110 24.93 10.22 33.62
C HIS H 110 24.48 9.12 32.64
N GLY H 111 23.89 9.53 31.52
CA GLY H 111 23.54 8.62 30.44
C GLY H 111 22.43 7.64 30.79
N ALA H 112 21.51 8.08 31.64
CA ALA H 112 20.45 7.21 32.15
C ALA H 112 19.26 8.04 32.62
N MET H 113 18.13 7.37 32.80
CA MET H 113 16.99 8.00 33.45
C MET H 113 17.42 8.40 34.89
N THR H 114 16.73 9.39 35.48
CA THR H 114 17.10 9.93 36.79
C THR H 114 16.62 9.03 37.92
N GLY H 115 17.27 9.18 39.08
CA GLY H 115 16.83 8.53 40.31
C GLY H 115 15.45 9.00 40.74
N ILE H 116 15.14 10.29 40.50
CA ILE H 116 13.82 10.83 40.81
C ILE H 116 12.73 10.17 39.94
N MET H 117 13.00 10.02 38.64
CA MET H 117 12.08 9.30 37.74
C MET H 117 11.85 7.87 38.27
N LYS H 118 12.96 7.15 38.47
CA LYS H 118 12.88 5.75 38.89
C LYS H 118 12.25 5.62 40.28
N ALA H 119 12.57 6.51 41.21
CA ALA H 119 11.98 6.45 42.56
C ALA H 119 10.44 6.53 42.53
N GLN H 120 9.89 7.35 41.64
CA GLN H 120 8.45 7.50 41.53
C GLN H 120 7.84 6.17 41.09
N ILE H 121 8.45 5.53 40.10
CA ILE H 121 7.90 4.26 39.59
C ILE H 121 8.13 3.18 40.66
N ASP H 122 9.27 3.24 41.36
CA ASP H 122 9.53 2.33 42.48
C ASP H 122 8.39 2.33 43.52
N TRP H 123 7.79 3.51 43.74
CA TRP H 123 6.73 3.67 44.74
C TRP H 123 5.39 3.14 44.27
N ILE H 124 5.28 2.82 42.98
CA ILE H 124 4.01 2.36 42.41
C ILE H 124 4.07 0.83 42.34
N PRO H 125 3.17 0.16 43.06
CA PRO H 125 3.19 -1.30 43.06
C PRO H 125 2.41 -1.86 41.86
N LEU H 126 2.70 -3.09 41.48
CA LEU H 126 1.92 -3.68 40.39
C LEU H 126 0.48 -3.93 40.82
N SER H 127 0.32 -4.19 42.11
CA SER H 127 -0.96 -4.59 42.64
C SER H 127 -1.12 -4.03 44.05
N THR H 128 -2.29 -3.46 44.34
CA THR H 128 -2.63 -3.21 45.74
C THR H 128 -4.09 -3.62 45.97
N GLY H 129 -4.27 -4.75 46.64
CA GLY H 129 -5.57 -5.41 46.72
C GLY H 129 -5.99 -5.91 45.35
N SER H 130 -7.20 -5.56 44.93
CA SER H 130 -7.67 -5.93 43.60
C SER H 130 -7.24 -4.90 42.55
N ILE H 131 -6.67 -3.80 43.01
CA ILE H 131 -6.37 -2.69 42.11
C ILE H 131 -5.00 -2.80 41.47
N ARG H 132 -4.92 -2.50 40.18
CA ARG H 132 -3.66 -2.54 39.44
C ARG H 132 -3.38 -1.11 38.93
N PRO H 133 -2.50 -0.36 39.64
CA PRO H 133 -2.30 1.05 39.32
C PRO H 133 -1.79 1.32 37.90
N THR H 134 -1.15 0.35 37.23
CA THR H 134 -0.57 0.64 35.91
C THR H 134 -0.99 -0.32 34.78
N GLN H 135 -1.35 -1.55 35.16
CA GLN H 135 -1.52 -2.58 34.14
C GLN H 135 -2.47 -2.14 33.05
N GLY H 136 -2.03 -2.31 31.81
CA GLY H 136 -2.89 -2.11 30.63
C GLY H 136 -3.07 -0.65 30.21
N LYS H 137 -2.53 0.26 31.00
CA LYS H 137 -2.60 1.70 30.70
C LYS H 137 -1.56 2.10 29.67
N THR H 138 -1.83 3.16 28.93
CA THR H 138 -0.89 3.56 27.89
C THR H 138 0.26 4.40 28.48
N LEU H 139 1.37 4.45 27.77
CA LEU H 139 2.56 5.17 28.26
C LEU H 139 3.33 5.79 27.10
N ALA H 140 3.71 7.07 27.26
CA ALA H 140 4.59 7.78 26.36
C ALA H 140 5.84 8.14 27.14
N VAL H 141 7.01 7.82 26.59
CA VAL H 141 8.27 8.16 27.22
C VAL H 141 8.95 9.30 26.46
N MET H 142 9.50 10.24 27.23
CA MET H 142 10.23 11.38 26.70
C MET H 142 11.48 11.63 27.53
N GLN H 143 12.59 11.98 26.87
CA GLN H 143 13.72 12.51 27.61
C GLN H 143 14.19 13.86 27.11
N VAL H 144 14.96 14.54 27.96
CA VAL H 144 15.57 15.81 27.60
C VAL H 144 17.05 15.72 28.02
N SER H 145 17.97 16.23 27.20
CA SER H 145 19.36 16.42 27.65
C SER H 145 19.94 17.77 27.26
N GLY H 146 21.02 18.15 27.93
CA GLY H 146 21.74 19.40 27.66
C GLY H 146 22.86 19.17 26.66
N GLY H 147 23.23 17.89 26.51
CA GLY H 147 24.24 17.43 25.54
C GLY H 147 23.61 16.88 24.27
N SER H 148 24.41 16.21 23.45
CA SER H 148 23.98 15.75 22.15
C SER H 148 23.01 14.57 22.26
N GLN H 149 22.40 14.20 21.14
CA GLN H 149 21.32 13.24 21.16
C GLN H 149 21.76 11.90 21.77
N SER H 150 20.84 11.31 22.52
CA SER H 150 21.00 9.97 23.09
C SER H 150 19.59 9.41 23.25
N PHE H 151 19.48 8.09 23.37
CA PHE H 151 18.18 7.47 23.69
C PHE H 151 18.23 6.62 24.95
N ASN H 152 19.31 6.74 25.73
CA ASN H 152 19.58 5.82 26.85
C ASN H 152 18.41 5.84 27.87
N ALA H 153 17.99 7.04 28.28
CA ALA H 153 16.89 7.21 29.26
C ALA H 153 15.53 6.66 28.79
N VAL H 154 15.18 6.97 27.54
CA VAL H 154 13.95 6.54 26.89
C VAL H 154 13.96 5.03 26.66
N ASN H 155 15.12 4.48 26.31
CA ASN H 155 15.27 3.01 26.24
C ASN H 155 14.96 2.34 27.62
N GLN H 156 15.59 2.87 28.66
CA GLN H 156 15.38 2.38 30.03
C GLN H 156 13.92 2.51 30.44
N MET H 157 13.31 3.65 30.12
CA MET H 157 11.89 3.85 30.44
C MET H 157 10.94 2.94 29.63
N ARG H 158 11.30 2.67 28.38
CA ARG H 158 10.53 1.71 27.54
C ARG H 158 10.54 0.29 28.16
N ILE H 159 11.70 -0.17 28.60
CA ILE H 159 11.79 -1.46 29.27
C ILE H 159 10.94 -1.41 30.57
N LEU H 160 11.06 -0.30 31.31
CA LEU H 160 10.31 -0.09 32.55
C LEU H 160 8.81 -0.17 32.29
N GLY H 161 8.33 0.42 31.21
CA GLY H 161 6.92 0.32 30.82
C GLY H 161 6.46 -1.13 30.71
N ARG H 162 7.28 -2.01 30.14
CA ARG H 162 6.96 -3.42 30.05
C ARG H 162 6.78 -4.00 31.45
N TRP H 163 7.72 -3.68 32.36
CA TRP H 163 7.63 -4.23 33.70
C TRP H 163 6.43 -3.69 34.49
N MET H 164 5.91 -2.54 34.08
CA MET H 164 4.71 -1.97 34.70
C MET H 164 3.44 -2.45 33.97
N ARG H 165 3.65 -3.31 32.99
CA ARG H 165 2.60 -3.92 32.16
C ARG H 165 1.78 -2.92 31.35
N MET H 166 2.45 -1.81 31.00
CA MET H 166 1.82 -0.75 30.23
C MET H 166 1.94 -0.94 28.73
N ILE H 167 0.96 -0.39 28.01
CA ILE H 167 1.03 -0.30 26.56
C ILE H 167 1.89 0.93 26.20
N THR H 168 3.18 0.69 25.95
CA THR H 168 4.07 1.80 25.70
C THR H 168 3.98 2.06 24.19
N ILE H 169 3.52 3.24 23.84
CA ILE H 169 3.31 3.55 22.43
C ILE H 169 4.65 3.60 21.69
N PRO H 170 4.63 3.30 20.38
CA PRO H 170 5.90 3.24 19.62
C PRO H 170 6.64 4.59 19.57
N ASN H 171 5.93 5.70 19.38
CA ASN H 171 6.65 6.95 19.24
C ASN H 171 7.16 7.50 20.59
N GLN H 172 8.19 8.33 20.55
CA GLN H 172 8.80 8.86 21.77
C GLN H 172 9.57 10.12 21.40
N SER H 173 10.03 10.83 22.43
CA SER H 173 10.69 12.10 22.24
C SER H 173 12.05 12.08 22.94
N SER H 174 13.10 12.49 22.22
CA SER H 174 14.39 12.75 22.85
C SER H 174 14.89 14.11 22.41
N VAL H 175 14.78 15.10 23.29
CA VAL H 175 15.22 16.43 22.90
C VAL H 175 16.67 16.73 23.34
N ALA H 176 17.55 16.93 22.36
CA ALA H 176 18.96 17.20 22.64
C ALA H 176 19.23 18.70 22.84
N LYS H 177 20.28 19.01 23.58
CA LYS H 177 20.65 20.40 23.87
C LYS H 177 19.38 21.19 24.18
N ALA H 178 18.64 20.70 25.18
CA ALA H 178 17.30 21.19 25.51
C ALA H 178 17.27 22.66 25.88
N PHE H 179 18.28 23.10 26.61
CA PHE H 179 18.39 24.52 26.98
C PHE H 179 18.17 25.43 25.77
N GLN H 180 18.65 24.97 24.60
CA GLN H 180 18.64 25.72 23.34
C GLN H 180 17.26 25.69 22.66
N GLU H 181 16.36 24.82 23.11
CA GLU H 181 15.07 24.59 22.46
C GLU H 181 13.88 25.26 23.17
N PHE H 182 14.16 25.87 24.32
CA PHE H 182 13.14 26.56 25.11
C PHE H 182 13.45 28.04 25.12
N ASP H 183 12.43 28.84 24.78
CA ASP H 183 12.49 30.28 24.83
C ASP H 183 12.62 30.72 26.30
N ALA H 184 12.84 32.02 26.48
CA ALA H 184 12.82 32.64 27.80
C ALA H 184 11.48 32.51 28.52
N ASN H 185 10.38 32.38 27.77
CA ASN H 185 9.06 32.25 28.41
C ASN H 185 8.72 30.82 28.81
N GLY H 186 9.69 29.91 28.67
CA GLY H 186 9.48 28.53 29.10
C GLY H 186 8.81 27.69 28.04
N ARG H 187 8.50 28.28 26.89
CA ARG H 187 7.89 27.54 25.77
C ARG H 187 8.92 27.03 24.76
N MET H 188 8.63 25.85 24.22
CA MET H 188 9.49 25.23 23.24
C MET H 188 9.40 25.97 21.92
N LYS H 189 10.56 26.20 21.31
CA LYS H 189 10.64 26.87 20.00
C LYS H 189 10.12 25.93 18.90
N PRO H 190 9.56 26.49 17.81
CA PRO H 190 9.23 25.65 16.66
C PRO H 190 10.46 24.92 16.14
N SER H 191 10.31 23.62 15.89
CA SER H 191 11.44 22.79 15.51
C SER H 191 10.91 21.39 15.21
N SER H 192 11.79 20.53 14.67
CA SER H 192 11.48 19.10 14.49
C SER H 192 11.27 18.40 15.82
N TYR H 193 11.98 18.85 16.87
CA TYR H 193 11.75 18.29 18.21
C TYR H 193 10.31 18.56 18.67
N TYR H 194 9.84 19.81 18.49
CA TYR H 194 8.50 20.13 18.93
C TYR H 194 7.45 19.34 18.16
N ASP H 195 7.63 19.26 16.85
CA ASP H 195 6.73 18.50 15.98
C ASP H 195 6.60 17.06 16.44
N ARG H 196 7.75 16.50 16.86
CA ARG H 196 7.80 15.14 17.41
C ARG H 196 6.99 15.05 18.71
N VAL H 197 7.12 16.07 19.57
CA VAL H 197 6.34 16.14 20.81
C VAL H 197 4.85 16.12 20.47
N VAL H 198 4.43 16.92 19.48
CA VAL H 198 3.04 16.88 19.01
C VAL H 198 2.64 15.44 18.56
N ASP H 199 3.48 14.80 17.76
CA ASP H 199 3.21 13.44 17.26
C ASP H 199 3.01 12.47 18.42
N VAL H 200 3.85 12.60 19.45
CA VAL H 200 3.78 11.69 20.60
C VAL H 200 2.48 11.86 21.41
N MET H 201 2.09 13.10 21.69
CA MET H 201 0.85 13.32 22.46
C MET H 201 -0.39 12.89 21.66
N GLU H 202 -0.38 13.18 20.35
CA GLU H 202 -1.44 12.82 19.44
C GLU H 202 -1.61 11.27 19.44
N GLU H 203 -0.51 10.55 19.28
CA GLU H 203 -0.54 9.08 19.32
C GLU H 203 -1.01 8.53 20.68
N LEU H 204 -0.55 9.16 21.76
CA LEU H 204 -0.90 8.72 23.11
C LEU H 204 -2.42 8.82 23.35
N VAL H 205 -3.02 9.92 22.93
CA VAL H 205 -4.47 10.08 23.10
C VAL H 205 -5.20 9.01 22.24
N LYS H 206 -4.74 8.81 21.01
CA LYS H 206 -5.35 7.80 20.11
C LYS H 206 -5.30 6.40 20.75
N PHE H 207 -4.12 5.98 21.24
CA PHE H 207 -3.97 4.67 21.86
C PHE H 207 -4.83 4.55 23.13
N THR H 208 -4.89 5.63 23.90
CA THR H 208 -5.64 5.63 25.15
C THR H 208 -7.15 5.46 24.83
N LEU H 209 -7.68 6.24 23.87
CA LEU H 209 -9.07 6.11 23.45
C LEU H 209 -9.36 4.69 22.93
N LEU H 210 -8.41 4.13 22.18
CA LEU H 210 -8.60 2.84 21.53
C LEU H 210 -8.72 1.69 22.52
N THR H 211 -7.99 1.81 23.62
CA THR H 211 -7.69 0.72 24.46
C THR H 211 -8.39 0.77 25.85
N ARG H 212 -8.75 1.97 26.34
CA ARG H 212 -9.19 2.07 27.74
C ARG H 212 -10.48 1.30 28.03
N ASP H 213 -11.40 1.24 27.07
CA ASP H 213 -12.70 0.61 27.32
C ASP H 213 -12.65 -0.91 27.25
N CYS H 214 -11.66 -1.44 26.54
CA CYS H 214 -11.53 -2.90 26.40
C CYS H 214 -10.32 -3.44 27.16
N SER H 215 -9.70 -2.61 28.00
CA SER H 215 -8.49 -3.00 28.70
C SER H 215 -8.71 -4.26 29.53
N ALA H 216 -9.86 -4.36 30.21
CA ALA H 216 -10.12 -5.55 31.07
C ALA H 216 -10.13 -6.83 30.22
N TYR H 217 -10.70 -6.74 29.01
CA TYR H 217 -10.62 -7.85 28.04
C TYR H 217 -9.18 -8.14 27.59
N LEU H 218 -8.42 -7.11 27.26
CA LEU H 218 -6.99 -7.31 26.86
C LEU H 218 -6.18 -8.01 27.93
N THR H 219 -6.60 -7.81 29.16
CA THR H 219 -5.84 -8.21 30.32
C THR H 219 -6.50 -9.43 31.00
N ASP H 220 -7.49 -10.01 30.31
CA ASP H 220 -8.14 -11.24 30.72
C ASP H 220 -7.29 -12.38 30.14
N ARG H 221 -6.45 -12.98 30.99
CA ARG H 221 -5.40 -13.91 30.55
C ARG H 221 -5.69 -15.38 30.84
N TYR H 222 -5.33 -16.22 29.86
CA TYR H 222 -5.38 -17.67 30.02
C TYR H 222 -4.82 -18.15 31.35
N SER H 223 -3.62 -17.72 31.71
CA SER H 223 -2.93 -18.25 32.90
C SER H 223 -3.68 -17.88 34.16
N GLU H 224 -4.41 -16.76 34.09
CA GLU H 224 -5.16 -16.21 35.23
C GLU H 224 -6.49 -16.91 35.38
N ARG H 225 -7.13 -17.27 34.27
CA ARG H 225 -8.34 -18.10 34.32
C ARG H 225 -7.97 -19.50 34.80
N LYS H 226 -6.79 -19.95 34.39
CA LYS H 226 -6.27 -21.25 34.78
C LYS H 226 -6.11 -21.28 36.31
N GLU H 227 -5.51 -20.23 36.87
CA GLU H 227 -5.36 -20.05 38.32
C GLU H 227 -6.70 -19.89 39.07
N SER H 228 -7.61 -19.08 38.53
CA SER H 228 -8.96 -18.94 39.06
C SER H 228 -9.71 -20.28 39.17
N ALA H 229 -9.56 -21.13 38.16
CA ALA H 229 -10.25 -22.42 38.12
C ALA H 229 -9.79 -23.36 39.25
S SO4 I . -37.45 3.49 -38.45
O1 SO4 I . -36.66 2.79 -37.43
O2 SO4 I . -38.86 3.42 -37.91
O3 SO4 I . -37.33 2.71 -39.66
O4 SO4 I . -37.04 4.87 -38.69
S SO4 J . -10.71 -2.61 -47.49
O1 SO4 J . -11.22 -3.97 -47.30
O2 SO4 J . -11.61 -1.87 -48.40
O3 SO4 J . -9.37 -2.66 -48.15
O4 SO4 J . -10.61 -1.85 -46.26
S SO4 K . -26.85 0.22 -6.84
O1 SO4 K . -26.40 -1.18 -6.89
O2 SO4 K . -26.99 0.79 -8.19
O3 SO4 K . -25.90 1.08 -6.13
O4 SO4 K . -28.14 0.29 -6.12
S SO4 L . -0.14 4.67 -15.92
O1 SO4 L . -0.74 4.05 -17.10
O2 SO4 L . -0.57 6.06 -15.84
O3 SO4 L . 1.33 4.62 -16.04
O4 SO4 L . -0.53 3.93 -14.70
S SO4 M . 27.99 1.39 7.15
O1 SO4 M . 27.18 0.33 6.54
O2 SO4 M . 28.21 2.51 6.21
O3 SO4 M . 29.27 0.92 7.63
O4 SO4 M . 27.26 1.92 8.31
S SO4 N . 16.45 -5.39 48.95
O1 SO4 N . 16.05 -6.53 49.82
O2 SO4 N . 15.53 -4.27 49.11
O3 SO4 N . 16.33 -5.85 47.56
O4 SO4 N . 17.81 -4.96 49.26
S SO4 O . 16.45 19.03 33.88
O1 SO4 O . 15.03 18.74 33.77
O2 SO4 O . 16.70 20.42 33.45
O3 SO4 O . 17.14 18.14 32.96
O4 SO4 O . 17.04 18.79 35.22
#